data_8WXK
#
_entry.id   8WXK
#
_cell.length_a   92.160
_cell.length_b   101.490
_cell.length_c   167.590
_cell.angle_alpha   90.00
_cell.angle_beta   90.00
_cell.angle_gamma   90.00
#
_symmetry.space_group_name_H-M   'P 21 21 21'
#
loop_
_entity.id
_entity.type
_entity.pdbx_description
1 polymer 'UDP-glucose 4-epimerase'
2 non-polymer NICOTINAMIDE-ADENINE-DINUCLEOTIDE
3 non-polymer "URIDINE-5'-DIPHOSPHATE-GLUCOSE"
4 water water
#
_entity_poly.entity_id   1
_entity_poly.type   'polypeptide(L)'
_entity_poly.pdbx_seq_one_letter_code
;MSPGKPSILVTGGAGYIGSHTVLALKQAGYDVVILDNLVYGHRDLVEKVLQVELVVGDTGDRPLLDELFKSRHFDAVMHF
SAYAYVGESVSDPAKYYRNNVLGTLTLLEAMLAASINKFVFSSTCATYGVPKTVPIPEDHPQNPINPYGATKLMVERILA
DFDVAYGLKSVRFRYFNAAGANPDGLLGEDHNPETHLIPLVLLTALGKRKFISIFGTDYPTPDGTCIRDYIHVNDLADAH
VLGLKYLLKGGDSEVFNLGNGQGFSVREVIAAGEQVTGLPITVEECDRRPGDPPSLIGSGEKARKILGWQPQYSSIKDIV
SHAWQWHQKRHQ
;
_entity_poly.pdbx_strand_id   A,B,C,D
#
loop_
_chem_comp.id
_chem_comp.type
_chem_comp.name
_chem_comp.formula
NAD non-polymer NICOTINAMIDE-ADENINE-DINUCLEOTIDE 'C21 H27 N7 O14 P2'
UPG non-polymer URIDINE-5'-DIPHOSPHATE-GLUCOSE 'C15 H24 N2 O17 P2'
#
# COMPACT_ATOMS: atom_id res chain seq x y z
N MET A 1 -27.11 -14.32 0.50
CA MET A 1 -28.14 -14.65 1.49
C MET A 1 -29.27 -15.55 0.91
N SER A 2 -29.90 -15.14 -0.18
CA SER A 2 -30.97 -15.98 -0.75
C SER A 2 -30.35 -17.13 -1.57
N PRO A 3 -30.76 -18.38 -1.33
CA PRO A 3 -29.87 -19.53 -1.66
C PRO A 3 -29.68 -19.79 -3.15
N GLY A 4 -30.64 -19.44 -4.00
CA GLY A 4 -30.36 -19.53 -5.43
C GLY A 4 -29.48 -18.45 -6.06
N LYS A 5 -29.70 -17.18 -5.69
CA LYS A 5 -29.39 -16.06 -6.58
C LYS A 5 -27.88 -15.88 -6.72
N PRO A 6 -27.38 -15.74 -7.94
CA PRO A 6 -25.97 -15.36 -8.13
C PRO A 6 -25.70 -13.99 -7.53
N SER A 7 -24.52 -13.86 -6.91
CA SER A 7 -24.09 -12.64 -6.24
C SER A 7 -22.96 -11.99 -7.05
N ILE A 8 -23.20 -10.77 -7.52
CA ILE A 8 -22.30 -10.05 -8.42
C ILE A 8 -21.78 -8.81 -7.70
N LEU A 9 -20.47 -8.58 -7.80
CA LEU A 9 -19.89 -7.31 -7.39
C LEU A 9 -19.70 -6.47 -8.65
N VAL A 10 -20.17 -5.22 -8.62
CA VAL A 10 -20.00 -4.29 -9.75
C VAL A 10 -19.15 -3.13 -9.26
N THR A 11 -17.90 -3.05 -9.71
CA THR A 11 -17.09 -1.87 -9.42
C THR A 11 -17.44 -0.80 -10.44
N GLY A 12 -17.49 0.45 -9.99
CA GLY A 12 -17.95 1.53 -10.84
C GLY A 12 -19.45 1.55 -11.10
N GLY A 13 -20.22 0.85 -10.26
CA GLY A 13 -21.65 0.78 -10.44
C GLY A 13 -22.38 2.08 -10.23
N ALA A 14 -21.74 3.08 -9.63
CA ALA A 14 -22.40 4.36 -9.44
C ALA A 14 -22.22 5.30 -10.63
N GLY A 15 -21.47 4.86 -11.65
CA GLY A 15 -21.21 5.69 -12.82
C GLY A 15 -22.20 5.43 -13.94
N TYR A 16 -21.90 6.05 -15.09
CA TYR A 16 -22.77 6.02 -16.26
C TYR A 16 -23.11 4.61 -16.73
N ILE A 17 -22.13 3.89 -17.31
CA ILE A 17 -22.45 2.59 -17.89
C ILE A 17 -22.79 1.59 -16.79
N GLY A 18 -22.11 1.69 -15.65
CA GLY A 18 -22.29 0.69 -14.60
C GLY A 18 -23.66 0.74 -13.97
N SER A 19 -24.20 1.94 -13.75
CA SER A 19 -25.55 2.07 -13.19
C SER A 19 -26.57 1.40 -14.08
N HIS A 20 -26.48 1.60 -15.39
CA HIS A 20 -27.43 0.93 -16.27
C HIS A 20 -27.24 -0.57 -16.23
N THR A 21 -26.01 -1.04 -16.11
CA THR A 21 -25.79 -2.47 -16.03
C THR A 21 -26.34 -3.04 -14.73
N VAL A 22 -26.19 -2.30 -13.62
CA VAL A 22 -26.75 -2.76 -12.36
C VAL A 22 -28.26 -2.91 -12.48
N LEU A 23 -28.93 -1.94 -13.11
CA LEU A 23 -30.38 -2.02 -13.27
C LEU A 23 -30.78 -3.26 -14.05
N ALA A 24 -30.10 -3.55 -15.15
CA ALA A 24 -30.39 -4.76 -15.90
C ALA A 24 -30.06 -6.04 -15.11
N LEU A 25 -29.03 -6.01 -14.26
CA LEU A 25 -28.66 -7.20 -13.51
C LEU A 25 -29.72 -7.51 -12.45
N LYS A 26 -30.11 -6.48 -11.69
CA LYS A 26 -31.17 -6.62 -10.69
C LYS A 26 -32.43 -7.15 -11.36
N GLN A 27 -32.82 -6.51 -12.44
CA GLN A 27 -34.03 -6.81 -13.16
C GLN A 27 -33.95 -8.16 -13.86
N ALA A 28 -32.76 -8.74 -14.01
CA ALA A 28 -32.61 -10.12 -14.47
C ALA A 28 -32.44 -11.13 -13.34
N GLY A 29 -32.53 -10.71 -12.09
CA GLY A 29 -32.55 -11.63 -10.98
C GLY A 29 -31.24 -11.87 -10.26
N TYR A 30 -30.29 -10.93 -10.33
CA TYR A 30 -29.02 -11.06 -9.62
C TYR A 30 -29.01 -10.16 -8.38
N ASP A 31 -28.39 -10.65 -7.31
CA ASP A 31 -27.96 -9.81 -6.19
C ASP A 31 -26.70 -9.06 -6.54
N VAL A 32 -26.76 -7.75 -6.41
CA VAL A 32 -25.69 -6.86 -6.79
C VAL A 32 -25.23 -6.12 -5.55
N VAL A 33 -23.91 -6.03 -5.38
CA VAL A 33 -23.29 -5.06 -4.49
C VAL A 33 -22.42 -4.16 -5.36
N ILE A 34 -22.45 -2.87 -5.11
CA ILE A 34 -21.67 -1.91 -5.86
C ILE A 34 -20.46 -1.50 -5.03
N LEU A 35 -19.28 -1.55 -5.65
CA LEU A 35 -18.08 -0.92 -5.08
C LEU A 35 -17.73 0.30 -5.93
N ASP A 36 -17.75 1.48 -5.32
CA ASP A 36 -17.48 2.71 -6.07
C ASP A 36 -16.88 3.73 -5.13
N ASN A 37 -15.86 4.44 -5.58
CA ASN A 37 -15.27 5.44 -4.69
C ASN A 37 -15.89 6.81 -4.85
N LEU A 38 -16.90 6.95 -5.71
CA LEU A 38 -17.65 8.20 -5.85
C LEU A 38 -16.80 9.37 -6.38
N VAL A 39 -15.61 9.11 -6.94
CA VAL A 39 -14.88 10.24 -7.52
C VAL A 39 -15.65 10.82 -8.70
N TYR A 40 -16.37 9.99 -9.47
CA TYR A 40 -17.25 10.52 -10.54
C TYR A 40 -18.68 10.00 -10.50
N GLY A 41 -18.98 8.88 -9.84
CA GLY A 41 -20.33 8.38 -9.75
C GLY A 41 -21.19 9.19 -8.78
N HIS A 42 -22.44 8.73 -8.59
CA HIS A 42 -23.43 9.49 -7.83
C HIS A 42 -24.14 8.59 -6.82
N ARG A 43 -23.92 8.87 -5.53
CA ARG A 43 -24.58 8.07 -4.50
C ARG A 43 -26.09 8.14 -4.61
N ASP A 44 -26.65 9.34 -4.84
CA ASP A 44 -28.12 9.49 -4.82
C ASP A 44 -28.79 8.60 -5.86
N LEU A 45 -28.16 8.39 -7.01
CA LEU A 45 -28.80 7.53 -8.01
C LEU A 45 -28.75 6.07 -7.58
N VAL A 46 -27.70 5.66 -6.85
CA VAL A 46 -27.66 4.29 -6.35
C VAL A 46 -28.72 4.09 -5.27
N GLU A 47 -28.85 5.07 -4.38
CA GLU A 47 -29.70 4.88 -3.20
C GLU A 47 -31.17 4.92 -3.58
N LYS A 48 -31.55 5.82 -4.48
CA LYS A 48 -32.94 6.08 -4.79
C LYS A 48 -33.44 5.35 -6.04
N VAL A 49 -32.57 4.97 -6.96
CA VAL A 49 -32.97 4.27 -8.18
C VAL A 49 -32.55 2.81 -8.17
N LEU A 50 -31.27 2.53 -7.93
CA LEU A 50 -30.78 1.17 -8.05
C LEU A 50 -31.21 0.33 -6.85
N GLN A 51 -31.18 0.92 -5.67
CA GLN A 51 -31.57 0.27 -4.42
C GLN A 51 -30.81 -1.04 -4.21
N VAL A 52 -29.48 -0.94 -4.22
CA VAL A 52 -28.61 -2.05 -3.85
C VAL A 52 -27.55 -1.54 -2.89
N GLU A 53 -26.86 -2.47 -2.25
CA GLU A 53 -25.80 -2.10 -1.33
C GLU A 53 -24.69 -1.34 -2.06
N LEU A 54 -24.28 -0.24 -1.48
CA LEU A 54 -23.18 0.56 -1.99
C LEU A 54 -22.05 0.51 -0.98
N VAL A 55 -20.91 -0.05 -1.40
CA VAL A 55 -19.67 0.00 -0.64
C VAL A 55 -18.82 1.11 -1.25
N VAL A 56 -18.61 2.17 -0.47
CA VAL A 56 -17.81 3.31 -0.90
C VAL A 56 -16.35 2.96 -0.62
N GLY A 57 -15.55 2.80 -1.67
CA GLY A 57 -14.15 2.49 -1.49
C GLY A 57 -13.49 2.29 -2.82
N ASP A 58 -12.19 2.05 -2.76
CA ASP A 58 -11.33 2.00 -3.94
C ASP A 58 -11.02 0.55 -4.32
N THR A 59 -11.07 0.27 -5.63
CA THR A 59 -10.63 -1.05 -6.12
C THR A 59 -9.15 -1.33 -5.84
N GLY A 60 -8.33 -0.30 -5.60
CA GLY A 60 -6.95 -0.52 -5.24
C GLY A 60 -6.69 -0.71 -3.76
N ASP A 61 -7.73 -0.85 -2.95
CA ASP A 61 -7.62 -0.90 -1.49
C ASP A 61 -7.70 -2.37 -1.08
N ARG A 62 -6.53 -3.03 -1.05
CA ARG A 62 -6.50 -4.47 -0.79
C ARG A 62 -7.07 -4.81 0.57
N PRO A 63 -6.74 -4.11 1.67
CA PRO A 63 -7.40 -4.45 2.94
C PRO A 63 -8.90 -4.37 2.87
N LEU A 64 -9.49 -3.37 2.21
CA LEU A 64 -10.94 -3.33 2.05
C LEU A 64 -11.45 -4.53 1.26
N LEU A 65 -10.81 -4.84 0.12
CA LEU A 65 -11.26 -5.96 -0.70
C LEU A 65 -11.21 -7.28 0.06
N ASP A 66 -10.15 -7.52 0.84
CA ASP A 66 -10.06 -8.77 1.61
C ASP A 66 -11.23 -8.89 2.58
N GLU A 67 -11.56 -7.81 3.30
CA GLU A 67 -12.73 -7.82 4.18
C GLU A 67 -14.01 -8.07 3.39
N LEU A 68 -14.15 -7.39 2.25
CA LEU A 68 -15.38 -7.50 1.47
C LEU A 68 -15.60 -8.90 0.92
N PHE A 69 -14.55 -9.50 0.33
CA PHE A 69 -14.74 -10.84 -0.24
C PHE A 69 -14.90 -11.91 0.84
N LYS A 70 -14.51 -11.62 2.08
CA LYS A 70 -14.75 -12.53 3.19
C LYS A 70 -16.15 -12.38 3.78
N SER A 71 -16.69 -11.17 3.76
CA SER A 71 -17.99 -10.89 4.36
C SER A 71 -19.15 -11.47 3.56
N ARG A 72 -18.98 -11.64 2.25
CA ARG A 72 -20.10 -12.03 1.40
C ARG A 72 -19.59 -12.83 0.22
N HIS A 73 -20.31 -13.89 -0.13
CA HIS A 73 -19.94 -14.70 -1.28
C HIS A 73 -20.30 -13.99 -2.58
N PHE A 74 -19.40 -14.01 -3.55
CA PHE A 74 -19.61 -13.44 -4.87
C PHE A 74 -19.29 -14.48 -5.92
N ASP A 75 -20.17 -14.61 -6.92
CA ASP A 75 -19.90 -15.50 -8.05
C ASP A 75 -19.12 -14.84 -9.18
N ALA A 76 -19.11 -13.50 -9.24
CA ALA A 76 -18.43 -12.83 -10.33
C ALA A 76 -18.24 -11.35 -9.99
N VAL A 77 -17.30 -10.72 -10.70
CA VAL A 77 -17.02 -9.30 -10.57
C VAL A 77 -17.11 -8.66 -11.96
N MET A 78 -17.83 -7.56 -12.06
CA MET A 78 -17.84 -6.70 -13.24
C MET A 78 -17.12 -5.41 -12.91
N HIS A 79 -16.21 -5.02 -13.77
CA HIS A 79 -15.24 -3.97 -13.45
C HIS A 79 -15.42 -2.82 -14.43
N PHE A 80 -16.26 -1.84 -14.06
CA PHE A 80 -16.37 -0.59 -14.80
C PHE A 80 -15.45 0.49 -14.27
N SER A 81 -14.88 0.27 -13.10
CA SER A 81 -14.16 1.31 -12.40
C SER A 81 -12.89 1.72 -13.16
N ALA A 82 -12.78 3.00 -13.53
CA ALA A 82 -11.57 3.51 -14.21
C ALA A 82 -11.65 5.02 -14.33
N TYR A 83 -10.51 5.64 -14.61
CA TYR A 83 -10.52 7.01 -15.16
C TYR A 83 -10.48 6.93 -16.69
N ALA A 84 -11.19 7.86 -17.35
CA ALA A 84 -11.37 7.73 -18.79
C ALA A 84 -11.28 9.04 -19.59
N TYR A 85 -10.75 10.11 -19.01
CA TYR A 85 -10.52 11.36 -19.74
C TYR A 85 -9.22 11.24 -20.54
N VAL A 86 -9.34 11.16 -21.88
CA VAL A 86 -8.15 10.89 -22.70
C VAL A 86 -7.14 12.03 -22.61
N GLY A 87 -7.59 13.27 -22.64
CA GLY A 87 -6.66 14.39 -22.54
C GLY A 87 -5.91 14.41 -21.21
N GLU A 88 -6.59 14.05 -20.11
CA GLU A 88 -5.91 14.03 -18.82
C GLU A 88 -4.96 12.83 -18.72
N SER A 89 -5.25 11.75 -19.44
CA SER A 89 -4.30 10.65 -19.46
C SER A 89 -2.99 11.02 -20.15
N VAL A 90 -3.02 11.93 -21.13
CA VAL A 90 -1.76 12.39 -21.72
C VAL A 90 -1.03 13.32 -20.75
N SER A 91 -1.78 14.19 -20.07
CA SER A 91 -1.23 15.19 -19.13
C SER A 91 -0.63 14.54 -17.91
N ASP A 92 -1.31 13.52 -17.40
CA ASP A 92 -1.03 12.98 -16.07
C ASP A 92 -1.16 11.46 -16.09
N PRO A 93 -0.34 10.77 -16.89
CA PRO A 93 -0.47 9.30 -17.00
C PRO A 93 -0.28 8.55 -15.69
N ALA A 94 0.54 9.06 -14.76
CA ALA A 94 0.81 8.32 -13.52
C ALA A 94 -0.50 7.87 -12.88
N LYS A 95 -1.41 8.82 -12.71
CA LYS A 95 -2.71 8.57 -12.09
C LYS A 95 -3.52 7.54 -12.88
N TYR A 96 -3.32 7.49 -14.20
CA TYR A 96 -4.07 6.55 -15.02
C TYR A 96 -3.51 5.14 -14.89
N TYR A 97 -2.18 5.00 -14.92
CA TYR A 97 -1.60 3.67 -14.68
C TYR A 97 -1.91 3.20 -13.27
N ARG A 98 -1.86 4.09 -12.27
CA ARG A 98 -2.21 3.73 -10.91
C ARG A 98 -3.65 3.21 -10.82
N ASN A 99 -4.61 4.01 -11.27
CA ASN A 99 -6.00 3.65 -11.11
C ASN A 99 -6.37 2.50 -12.04
N ASN A 100 -5.99 2.58 -13.32
CA ASN A 100 -6.55 1.63 -14.28
C ASN A 100 -5.79 0.31 -14.31
N VAL A 101 -4.48 0.30 -14.05
CA VAL A 101 -3.68 -0.92 -14.08
C VAL A 101 -3.48 -1.46 -12.67
N LEU A 102 -2.85 -0.67 -11.79
CA LEU A 102 -2.64 -1.13 -10.40
C LEU A 102 -3.95 -1.44 -9.71
N GLY A 103 -4.96 -0.59 -9.91
CA GLY A 103 -6.23 -0.84 -9.26
C GLY A 103 -6.91 -2.11 -9.73
N THR A 104 -6.71 -2.46 -11.00
CA THR A 104 -7.30 -3.70 -11.50
C THR A 104 -6.51 -4.91 -11.05
N LEU A 105 -5.18 -4.79 -11.01
CA LEU A 105 -4.36 -5.91 -10.55
C LEU A 105 -4.66 -6.26 -9.10
N THR A 106 -4.79 -5.25 -8.25
CA THR A 106 -5.14 -5.45 -6.85
C THR A 106 -6.49 -6.16 -6.73
N LEU A 107 -7.47 -5.72 -7.54
CA LEU A 107 -8.78 -6.36 -7.52
C LEU A 107 -8.70 -7.80 -7.97
N LEU A 108 -7.91 -8.08 -9.01
CA LEU A 108 -7.78 -9.44 -9.49
C LEU A 108 -7.11 -10.36 -8.45
N GLU A 109 -6.06 -9.87 -7.78
CA GLU A 109 -5.37 -10.70 -6.78
C GLU A 109 -6.29 -11.05 -5.62
N ALA A 110 -7.07 -10.07 -5.14
CA ALA A 110 -8.02 -10.35 -4.06
C ALA A 110 -9.08 -11.36 -4.49
N MET A 111 -9.56 -11.22 -5.74
CA MET A 111 -10.52 -12.18 -6.28
C MET A 111 -9.96 -13.58 -6.24
N LEU A 112 -8.73 -13.75 -6.73
CA LEU A 112 -8.16 -15.09 -6.75
C LEU A 112 -8.00 -15.65 -5.35
N ALA A 113 -7.62 -14.82 -4.38
CA ALA A 113 -7.49 -15.31 -3.01
C ALA A 113 -8.85 -15.69 -2.42
N ALA A 114 -9.94 -15.09 -2.89
CA ALA A 114 -11.26 -15.50 -2.49
C ALA A 114 -11.85 -16.57 -3.41
N SER A 115 -11.07 -17.07 -4.38
CA SER A 115 -11.53 -18.13 -5.29
C SER A 115 -12.70 -17.69 -6.16
N ILE A 116 -12.79 -16.40 -6.47
CA ILE A 116 -13.71 -15.89 -7.49
C ILE A 116 -12.95 -15.87 -8.82
N ASN A 117 -13.44 -16.62 -9.81
CA ASN A 117 -12.66 -16.77 -11.04
C ASN A 117 -13.43 -16.36 -12.29
N LYS A 118 -14.38 -15.43 -12.16
CA LYS A 118 -15.19 -14.96 -13.29
C LYS A 118 -15.19 -13.43 -13.30
N PHE A 119 -14.79 -12.84 -14.43
CA PHE A 119 -14.51 -11.40 -14.49
C PHE A 119 -15.02 -10.85 -15.81
N VAL A 120 -15.67 -9.68 -15.75
CA VAL A 120 -16.10 -8.97 -16.95
C VAL A 120 -15.41 -7.61 -16.93
N PHE A 121 -14.69 -7.28 -17.99
CA PHE A 121 -13.85 -6.09 -17.99
C PHE A 121 -14.34 -5.07 -19.02
N SER A 122 -14.47 -3.81 -18.59
CA SER A 122 -14.77 -2.68 -19.49
C SER A 122 -13.51 -2.26 -20.23
N SER A 123 -13.33 -2.73 -21.45
CA SER A 123 -12.22 -2.23 -22.26
C SER A 123 -12.76 -1.20 -23.28
N THR A 124 -12.03 -0.97 -24.36
CA THR A 124 -12.38 0.16 -25.21
C THR A 124 -11.81 -0.03 -26.61
N CYS A 125 -12.49 0.54 -27.60
CA CYS A 125 -11.88 0.58 -28.91
C CYS A 125 -10.70 1.56 -28.99
N ALA A 126 -10.46 2.40 -27.98
CA ALA A 126 -9.20 3.13 -27.95
C ALA A 126 -7.99 2.20 -27.92
N THR A 127 -8.16 0.91 -27.59
CA THR A 127 -7.02 0.00 -27.65
C THR A 127 -6.56 -0.29 -29.07
N TYR A 128 -7.43 -0.09 -30.07
CA TYR A 128 -6.99 -0.37 -31.44
C TYR A 128 -6.04 0.69 -31.94
N GLY A 129 -6.23 1.95 -31.52
CA GLY A 129 -5.51 3.04 -32.17
C GLY A 129 -6.13 3.38 -33.52
N VAL A 130 -5.28 3.80 -34.45
CA VAL A 130 -5.71 4.11 -35.81
C VAL A 130 -6.13 2.85 -36.54
N PRO A 131 -7.40 2.70 -36.90
CA PRO A 131 -7.83 1.47 -37.56
C PRO A 131 -7.41 1.44 -39.02
N LYS A 132 -7.28 0.23 -39.54
CA LYS A 132 -6.98 0.05 -40.94
C LYS A 132 -8.17 -0.42 -41.77
N THR A 133 -9.17 -1.06 -41.16
CA THR A 133 -10.41 -1.37 -41.84
C THR A 133 -11.54 -0.82 -40.98
N VAL A 134 -12.77 -0.91 -41.49
CA VAL A 134 -13.91 -0.57 -40.66
C VAL A 134 -15.05 -1.36 -41.31
N PRO A 135 -15.97 -1.97 -40.55
CA PRO A 135 -16.03 -2.11 -39.09
C PRO A 135 -14.84 -2.91 -38.54
N ILE A 136 -14.38 -2.56 -37.35
CA ILE A 136 -13.15 -3.16 -36.80
C ILE A 136 -13.48 -4.55 -36.25
N PRO A 137 -12.79 -5.60 -36.66
CA PRO A 137 -12.98 -6.92 -36.03
C PRO A 137 -12.13 -7.06 -34.76
N GLU A 138 -12.50 -8.03 -33.92
CA GLU A 138 -11.82 -8.18 -32.64
C GLU A 138 -10.33 -8.50 -32.78
N ASP A 139 -9.92 -9.09 -33.90
CA ASP A 139 -8.54 -9.49 -34.16
C ASP A 139 -7.72 -8.42 -34.87
N HIS A 140 -8.24 -7.20 -35.01
CA HIS A 140 -7.43 -6.07 -35.46
C HIS A 140 -6.29 -5.82 -34.48
N PRO A 141 -5.08 -5.46 -34.96
CA PRO A 141 -3.99 -5.16 -34.02
C PRO A 141 -4.36 -4.01 -33.08
N GLN A 142 -3.69 -3.96 -31.94
CA GLN A 142 -3.98 -2.97 -30.90
C GLN A 142 -2.74 -2.11 -30.69
N ASN A 143 -2.80 -0.87 -31.16
CA ASN A 143 -1.70 0.09 -31.03
C ASN A 143 -2.25 1.40 -30.47
N PRO A 144 -2.62 1.42 -29.18
CA PRO A 144 -3.22 2.63 -28.61
C PRO A 144 -2.26 3.79 -28.71
N ILE A 145 -2.82 4.99 -28.80
CA ILE A 145 -2.04 6.21 -29.06
C ILE A 145 -2.03 7.14 -27.87
N ASN A 146 -2.75 6.83 -26.81
CA ASN A 146 -2.73 7.64 -25.60
C ASN A 146 -2.63 6.71 -24.40
N PRO A 147 -2.22 7.23 -23.25
CA PRO A 147 -2.01 6.33 -22.10
C PRO A 147 -3.29 5.64 -21.63
N TYR A 148 -4.45 6.29 -21.76
CA TYR A 148 -5.72 5.64 -21.42
C TYR A 148 -5.90 4.33 -22.20
N GLY A 149 -5.81 4.38 -23.53
CA GLY A 149 -5.88 3.16 -24.30
C GLY A 149 -4.81 2.14 -23.91
N ALA A 150 -3.58 2.62 -23.62
CA ALA A 150 -2.52 1.71 -23.19
C ALA A 150 -2.87 1.01 -21.87
N THR A 151 -3.46 1.74 -20.90
CA THR A 151 -3.83 1.09 -19.65
C THR A 151 -4.82 -0.04 -19.88
N LYS A 152 -5.82 0.20 -20.75
CA LYS A 152 -6.81 -0.84 -21.03
C LYS A 152 -6.17 -2.03 -21.74
N LEU A 153 -5.19 -1.78 -22.63
CA LEU A 153 -4.52 -2.89 -23.29
C LEU A 153 -3.70 -3.71 -22.28
N MET A 154 -3.03 -3.01 -21.33
CA MET A 154 -2.23 -3.71 -20.33
C MET A 154 -3.09 -4.68 -19.52
N VAL A 155 -4.28 -4.25 -19.11
CA VAL A 155 -5.18 -5.12 -18.36
C VAL A 155 -5.61 -6.32 -19.20
N GLU A 156 -5.98 -6.07 -20.47
CA GLU A 156 -6.32 -7.20 -21.35
C GLU A 156 -5.20 -8.23 -21.37
N ARG A 157 -3.94 -7.80 -21.43
CA ARG A 157 -2.83 -8.75 -21.38
C ARG A 157 -2.74 -9.45 -20.01
N ILE A 158 -2.91 -8.70 -18.91
CA ILE A 158 -2.87 -9.33 -17.60
C ILE A 158 -3.94 -10.41 -17.48
N LEU A 159 -5.15 -10.12 -17.96
CA LEU A 159 -6.24 -11.10 -17.92
C LEU A 159 -5.87 -12.38 -18.68
N ALA A 160 -5.22 -12.24 -19.83
CA ALA A 160 -4.84 -13.43 -20.59
C ALA A 160 -3.84 -14.28 -19.78
N ASP A 161 -2.82 -13.64 -19.21
CA ASP A 161 -1.83 -14.40 -18.43
C ASP A 161 -2.43 -14.96 -17.14
N PHE A 162 -3.41 -14.27 -16.54
CA PHE A 162 -4.08 -14.80 -15.36
C PHE A 162 -4.98 -15.97 -15.69
N ASP A 163 -5.49 -16.04 -16.94
CA ASP A 163 -6.22 -17.23 -17.40
C ASP A 163 -5.28 -18.42 -17.48
N VAL A 164 -4.13 -18.22 -18.15
CA VAL A 164 -3.15 -19.28 -18.27
C VAL A 164 -2.71 -19.79 -16.90
N ALA A 165 -2.46 -18.89 -15.95
CA ALA A 165 -1.85 -19.30 -14.70
C ALA A 165 -2.85 -19.80 -13.68
N TYR A 166 -3.98 -19.11 -13.57
CA TYR A 166 -4.91 -19.33 -12.48
C TYR A 166 -6.29 -19.77 -12.94
N GLY A 167 -6.53 -19.94 -14.24
CA GLY A 167 -7.89 -20.23 -14.68
C GLY A 167 -8.90 -19.10 -14.50
N LEU A 168 -8.46 -17.84 -14.49
CA LEU A 168 -9.43 -16.75 -14.45
C LEU A 168 -10.16 -16.68 -15.79
N LYS A 169 -11.47 -16.81 -15.79
CA LYS A 169 -12.27 -16.70 -17.01
C LYS A 169 -12.82 -15.28 -17.10
N SER A 170 -12.48 -14.58 -18.17
CA SER A 170 -12.93 -13.21 -18.29
C SER A 170 -13.55 -12.95 -19.65
N VAL A 171 -14.58 -12.11 -19.64
CA VAL A 171 -15.14 -11.50 -20.83
C VAL A 171 -14.64 -10.08 -20.89
N ARG A 172 -13.88 -9.76 -21.94
CA ARG A 172 -13.45 -8.40 -22.24
C ARG A 172 -14.40 -7.80 -23.26
N PHE A 173 -15.00 -6.67 -22.92
CA PHE A 173 -15.86 -5.90 -23.81
C PHE A 173 -15.12 -4.65 -24.24
N ARG A 174 -15.00 -4.45 -25.55
CA ARG A 174 -14.44 -3.21 -26.07
C ARG A 174 -15.61 -2.32 -26.50
N TYR A 175 -16.01 -1.39 -25.63
CA TYR A 175 -17.11 -0.51 -26.01
C TYR A 175 -16.65 0.47 -27.09
N PHE A 176 -17.63 0.94 -27.86
CA PHE A 176 -17.44 2.09 -28.72
C PHE A 176 -17.99 3.31 -27.97
N ASN A 177 -18.79 4.19 -28.56
CA ASN A 177 -19.15 5.41 -27.83
C ASN A 177 -20.47 5.18 -27.09
N ALA A 178 -20.38 4.91 -25.78
CA ALA A 178 -21.59 4.73 -24.97
C ALA A 178 -22.46 5.98 -25.02
N ALA A 179 -23.76 5.79 -25.16
CA ALA A 179 -24.67 6.92 -25.32
C ALA A 179 -26.06 6.49 -24.89
N GLY A 180 -26.94 7.47 -24.71
CA GLY A 180 -28.31 7.22 -24.37
C GLY A 180 -28.56 7.36 -22.88
N ALA A 181 -29.66 6.74 -22.46
CA ALA A 181 -30.13 6.84 -21.09
C ALA A 181 -31.24 5.81 -20.94
N ASN A 182 -31.48 5.42 -19.70
CA ASN A 182 -32.63 4.59 -19.35
C ASN A 182 -33.88 5.17 -20.01
N PRO A 183 -34.62 4.38 -20.80
CA PRO A 183 -35.82 4.91 -21.49
C PRO A 183 -36.81 5.66 -20.61
N ASP A 184 -36.90 5.33 -19.32
CA ASP A 184 -37.86 5.97 -18.44
C ASP A 184 -37.28 7.16 -17.68
N GLY A 185 -36.08 7.61 -18.04
CA GLY A 185 -35.49 8.77 -17.38
C GLY A 185 -34.95 8.53 -15.99
N LEU A 186 -34.85 7.27 -15.55
CA LEU A 186 -34.38 6.99 -14.19
C LEU A 186 -32.88 7.20 -14.04
N LEU A 187 -32.12 7.05 -15.11
CA LEU A 187 -30.66 7.04 -15.07
C LEU A 187 -30.13 7.60 -16.37
N GLY A 188 -28.95 8.22 -16.30
CA GLY A 188 -28.32 8.69 -17.51
C GLY A 188 -26.94 9.25 -17.21
N GLU A 189 -26.33 9.82 -18.25
CA GLU A 189 -24.97 10.32 -18.13
C GLU A 189 -24.97 11.59 -17.29
N ASP A 190 -24.01 11.67 -16.36
CA ASP A 190 -23.86 12.80 -15.46
C ASP A 190 -22.37 12.92 -15.12
N HIS A 191 -21.59 13.39 -16.09
CA HIS A 191 -20.15 13.54 -15.95
C HIS A 191 -19.81 14.98 -15.64
N ASN A 192 -18.96 15.19 -14.63
CA ASN A 192 -18.58 16.53 -14.20
C ASN A 192 -17.07 16.58 -14.06
N PRO A 193 -16.37 17.21 -15.01
CA PRO A 193 -16.97 17.91 -16.15
C PRO A 193 -17.39 16.99 -17.32
N GLU A 194 -18.39 17.42 -18.10
CA GLU A 194 -18.82 16.66 -19.26
C GLU A 194 -17.97 17.03 -20.47
N THR A 195 -17.50 16.00 -21.18
CA THR A 195 -16.71 16.16 -22.38
C THR A 195 -17.27 15.46 -23.61
N HIS A 196 -18.28 14.61 -23.44
CA HIS A 196 -18.74 13.80 -24.56
C HIS A 196 -19.72 14.58 -25.44
N LEU A 197 -19.76 14.19 -26.71
CA LEU A 197 -20.41 15.00 -27.73
C LEU A 197 -21.90 15.13 -27.48
N ILE A 198 -22.58 13.99 -27.31
CA ILE A 198 -24.04 14.01 -27.22
C ILE A 198 -24.53 14.80 -26.01
N PRO A 199 -24.00 14.59 -24.79
CA PRO A 199 -24.43 15.48 -23.69
C PRO A 199 -24.14 16.93 -23.97
N LEU A 200 -22.97 17.25 -24.54
CA LEU A 200 -22.63 18.64 -24.80
C LEU A 200 -23.59 19.25 -25.83
N VAL A 201 -23.96 18.49 -26.87
CA VAL A 201 -24.97 18.96 -27.82
C VAL A 201 -26.26 19.31 -27.10
N LEU A 202 -26.73 18.41 -26.24
CA LEU A 202 -28.02 18.60 -25.57
C LEU A 202 -27.96 19.70 -24.51
N LEU A 203 -26.83 19.85 -23.81
CA LEU A 203 -26.72 20.96 -22.88
C LEU A 203 -26.63 22.30 -23.59
N THR A 204 -26.19 22.32 -24.85
CA THR A 204 -26.29 23.56 -25.62
C THR A 204 -27.74 23.92 -25.91
N ALA A 205 -28.53 22.93 -26.34
CA ALA A 205 -29.95 23.16 -26.58
C ALA A 205 -30.65 23.61 -25.30
N LEU A 206 -30.26 23.06 -24.16
CA LEU A 206 -30.86 23.41 -22.87
C LEU A 206 -30.42 24.79 -22.38
N GLY A 207 -29.58 25.51 -23.12
CA GLY A 207 -29.12 26.78 -22.62
C GLY A 207 -28.11 26.71 -21.49
N LYS A 208 -27.56 25.51 -21.21
CA LYS A 208 -26.51 25.34 -20.22
C LYS A 208 -25.10 25.50 -20.79
N ARG A 209 -24.94 25.39 -22.11
CA ARG A 209 -23.76 25.84 -22.82
C ARG A 209 -24.20 26.83 -23.88
N LYS A 210 -23.30 27.76 -24.25
CA LYS A 210 -23.69 28.78 -25.23
C LYS A 210 -23.53 28.28 -26.67
N PHE A 211 -22.62 27.33 -26.90
CA PHE A 211 -22.45 26.74 -28.23
C PHE A 211 -21.77 25.38 -28.13
N ILE A 212 -21.91 24.59 -29.19
CA ILE A 212 -21.20 23.33 -29.37
C ILE A 212 -20.03 23.57 -30.30
N SER A 213 -18.86 23.08 -29.93
CA SER A 213 -17.70 23.15 -30.78
C SER A 213 -17.56 21.85 -31.54
N ILE A 214 -17.24 21.95 -32.83
CA ILE A 214 -16.95 20.80 -33.66
C ILE A 214 -15.44 20.74 -33.78
N PHE A 215 -14.85 19.64 -33.29
CA PHE A 215 -13.39 19.52 -33.29
C PHE A 215 -12.95 18.97 -34.63
N GLY A 216 -12.71 19.87 -35.58
CA GLY A 216 -12.18 19.48 -36.87
C GLY A 216 -13.26 19.31 -37.93
N THR A 217 -13.09 20.03 -39.04
CA THR A 217 -14.01 19.94 -40.15
C THR A 217 -13.32 19.49 -41.44
N ASP A 218 -12.07 19.05 -41.37
CA ASP A 218 -11.26 18.73 -42.55
C ASP A 218 -10.72 17.30 -42.52
N TYR A 219 -11.46 16.39 -41.92
CA TYR A 219 -11.05 14.99 -41.88
C TYR A 219 -11.34 14.31 -43.21
N PRO A 220 -10.61 13.21 -43.54
CA PRO A 220 -10.92 12.46 -44.76
C PRO A 220 -12.21 11.68 -44.57
N THR A 221 -13.33 12.39 -44.43
CA THR A 221 -14.67 11.91 -44.16
C THR A 221 -15.64 12.52 -45.16
N PRO A 222 -16.71 11.79 -45.56
CA PRO A 222 -17.74 12.36 -46.43
C PRO A 222 -18.13 13.79 -46.10
N ASP A 223 -18.42 14.10 -44.83
CA ASP A 223 -18.81 15.47 -44.48
C ASP A 223 -17.73 16.22 -43.70
N GLY A 224 -16.51 15.67 -43.64
CA GLY A 224 -15.37 16.34 -43.06
C GLY A 224 -15.20 16.19 -41.56
N THR A 225 -16.17 15.64 -40.85
CA THR A 225 -16.08 15.50 -39.40
C THR A 225 -15.98 14.03 -39.01
N CYS A 226 -15.52 13.78 -37.77
CA CYS A 226 -15.28 12.43 -37.28
C CYS A 226 -16.55 11.58 -37.20
N ILE A 227 -16.38 10.29 -37.44
CA ILE A 227 -17.47 9.32 -37.38
C ILE A 227 -17.24 8.40 -36.19
N ARG A 228 -18.30 8.12 -35.44
CA ARG A 228 -18.23 7.27 -34.28
C ARG A 228 -19.43 6.33 -34.26
N ASP A 229 -19.21 5.14 -33.73
CA ASP A 229 -20.24 4.11 -33.53
C ASP A 229 -20.86 4.32 -32.15
N TYR A 230 -22.03 4.95 -32.09
CA TYR A 230 -22.68 5.22 -30.81
C TYR A 230 -23.55 4.03 -30.45
N ILE A 231 -23.47 3.60 -29.19
CA ILE A 231 -24.11 2.37 -28.72
C ILE A 231 -24.86 2.68 -27.43
N HIS A 232 -26.17 2.37 -27.44
CA HIS A 232 -27.06 2.72 -26.33
C HIS A 232 -26.68 1.95 -25.06
N VAL A 233 -26.71 2.66 -23.93
CA VAL A 233 -26.20 2.10 -22.69
C VAL A 233 -27.10 0.96 -22.15
N ASN A 234 -28.42 1.00 -22.42
CA ASN A 234 -29.27 -0.20 -22.24
C ASN A 234 -28.83 -1.38 -23.10
N ASP A 235 -28.36 -1.13 -24.33
CA ASP A 235 -27.84 -2.24 -25.12
C ASP A 235 -26.54 -2.79 -24.54
N LEU A 236 -25.64 -1.91 -24.07
CA LEU A 236 -24.43 -2.38 -23.40
C LEU A 236 -24.79 -3.19 -22.15
N ALA A 237 -25.77 -2.72 -21.37
CA ALA A 237 -26.17 -3.46 -20.18
C ALA A 237 -26.62 -4.88 -20.52
N ASP A 238 -27.42 -5.01 -21.58
CA ASP A 238 -27.88 -6.33 -22.01
C ASP A 238 -26.70 -7.25 -22.35
N ALA A 239 -25.67 -6.74 -23.05
CA ALA A 239 -24.53 -7.59 -23.35
C ALA A 239 -23.79 -8.04 -22.08
N HIS A 240 -23.82 -7.23 -21.03
CA HIS A 240 -23.15 -7.61 -19.80
C HIS A 240 -23.89 -8.76 -19.13
N VAL A 241 -25.23 -8.67 -19.09
CA VAL A 241 -26.02 -9.78 -18.53
C VAL A 241 -25.77 -11.06 -19.32
N LEU A 242 -25.78 -10.97 -20.64
CA LEU A 242 -25.46 -12.14 -21.46
C LEU A 242 -24.02 -12.63 -21.22
N GLY A 243 -23.05 -11.70 -21.17
CA GLY A 243 -21.68 -12.13 -20.87
C GLY A 243 -21.58 -12.84 -19.54
N LEU A 244 -22.20 -12.28 -18.50
CA LEU A 244 -22.22 -12.89 -17.18
C LEU A 244 -22.80 -14.30 -17.23
N LYS A 245 -24.00 -14.44 -17.80
CA LYS A 245 -24.62 -15.76 -17.89
C LYS A 245 -23.73 -16.70 -18.70
N TYR A 246 -23.11 -16.21 -19.77
CA TYR A 246 -22.19 -17.03 -20.54
C TYR A 246 -21.05 -17.60 -19.68
N LEU A 247 -20.56 -16.82 -18.70
CA LEU A 247 -19.42 -17.29 -17.91
C LEU A 247 -19.87 -18.22 -16.80
N LEU A 248 -21.01 -17.94 -16.18
CA LEU A 248 -21.53 -18.83 -15.15
C LEU A 248 -21.88 -20.22 -15.71
N LYS A 249 -22.31 -20.30 -16.97
CA LYS A 249 -22.46 -21.57 -17.67
C LYS A 249 -21.13 -22.15 -18.16
N GLY A 250 -19.98 -21.63 -17.70
CA GLY A 250 -18.68 -22.20 -18.06
C GLY A 250 -18.06 -21.74 -19.36
N GLY A 251 -18.38 -20.54 -19.85
CA GLY A 251 -17.73 -20.05 -21.05
C GLY A 251 -16.25 -19.82 -20.83
N ASP A 252 -15.48 -20.08 -21.89
CA ASP A 252 -14.07 -19.70 -21.94
C ASP A 252 -13.94 -18.18 -22.01
N SER A 253 -12.72 -17.70 -21.76
CA SER A 253 -12.46 -16.28 -21.88
C SER A 253 -12.71 -15.81 -23.32
N GLU A 254 -13.28 -14.62 -23.47
CA GLU A 254 -13.64 -14.10 -24.78
C GLU A 254 -13.48 -12.60 -24.78
N VAL A 255 -13.24 -12.03 -25.98
CA VAL A 255 -13.31 -10.60 -26.19
C VAL A 255 -14.37 -10.30 -27.27
N PHE A 256 -15.18 -9.27 -27.02
CA PHE A 256 -16.24 -8.82 -27.93
C PHE A 256 -16.18 -7.30 -28.10
N ASN A 257 -16.21 -6.83 -29.34
CA ASN A 257 -16.64 -5.46 -29.59
C ASN A 257 -18.12 -5.30 -29.24
N LEU A 258 -18.46 -4.19 -28.62
CA LEU A 258 -19.87 -3.83 -28.42
C LEU A 258 -20.11 -2.53 -29.21
N GLY A 259 -20.57 -2.68 -30.44
CA GLY A 259 -21.01 -1.56 -31.25
C GLY A 259 -22.14 -2.00 -32.14
N ASN A 260 -22.73 -1.01 -32.83
CA ASN A 260 -23.80 -1.28 -33.78
C ASN A 260 -23.30 -1.61 -35.19
N GLY A 261 -22.04 -1.34 -35.49
CA GLY A 261 -21.56 -1.49 -36.86
C GLY A 261 -22.00 -0.38 -37.79
N GLN A 262 -22.65 0.65 -37.26
CA GLN A 262 -23.04 1.85 -37.98
C GLN A 262 -22.37 3.06 -37.34
N GLY A 263 -21.96 4.01 -38.18
CA GLY A 263 -21.29 5.21 -37.71
C GLY A 263 -22.10 6.47 -38.02
N PHE A 264 -22.00 7.44 -37.12
CA PHE A 264 -22.59 8.76 -37.30
C PHE A 264 -21.48 9.82 -37.17
N SER A 265 -21.50 10.80 -38.07
CA SER A 265 -20.56 11.90 -38.01
C SER A 265 -20.99 12.91 -36.95
N VAL A 266 -20.05 13.78 -36.58
CA VAL A 266 -20.38 14.83 -35.62
C VAL A 266 -21.55 15.68 -36.12
N ARG A 267 -21.53 16.01 -37.43
CA ARG A 267 -22.61 16.82 -38.00
C ARG A 267 -23.95 16.10 -37.85
N GLU A 268 -23.99 14.80 -38.18
CA GLU A 268 -25.25 14.06 -38.07
C GLU A 268 -25.75 14.07 -36.64
N VAL A 269 -24.83 13.97 -35.67
CA VAL A 269 -25.27 13.99 -34.27
C VAL A 269 -25.86 15.34 -33.92
N ILE A 270 -25.23 16.44 -34.37
CA ILE A 270 -25.80 17.76 -34.09
C ILE A 270 -27.17 17.90 -34.76
N ALA A 271 -27.30 17.42 -35.99
CA ALA A 271 -28.60 17.42 -36.66
C ALA A 271 -29.62 16.61 -35.87
N ALA A 272 -29.23 15.41 -35.42
CA ALA A 272 -30.14 14.56 -34.64
C ALA A 272 -30.65 15.32 -33.42
N GLY A 273 -29.76 16.06 -32.75
CA GLY A 273 -30.17 16.86 -31.61
C GLY A 273 -31.10 17.99 -31.98
N GLU A 274 -30.93 18.57 -33.16
CA GLU A 274 -31.77 19.73 -33.54
C GLU A 274 -33.20 19.22 -33.78
N GLN A 275 -33.33 18.02 -34.33
CA GLN A 275 -34.66 17.44 -34.66
C GLN A 275 -35.36 16.96 -33.38
N VAL A 276 -34.63 16.26 -32.52
CA VAL A 276 -35.20 15.72 -31.26
C VAL A 276 -35.61 16.89 -30.37
N THR A 277 -34.75 17.90 -30.23
CA THR A 277 -35.11 18.97 -29.30
C THR A 277 -36.03 20.00 -29.92
N GLY A 278 -35.96 20.18 -31.25
CA GLY A 278 -36.66 21.27 -31.90
C GLY A 278 -36.16 22.63 -31.47
N LEU A 279 -35.00 22.70 -30.81
CA LEU A 279 -34.44 23.95 -30.34
C LEU A 279 -33.23 24.35 -31.19
N PRO A 280 -32.81 25.62 -31.14
CA PRO A 280 -31.63 26.01 -31.93
C PRO A 280 -30.35 25.69 -31.17
N ILE A 281 -29.33 25.26 -31.93
CA ILE A 281 -28.06 24.83 -31.36
C ILE A 281 -26.95 25.61 -32.07
N THR A 282 -26.43 26.63 -31.39
CA THR A 282 -25.30 27.41 -31.90
C THR A 282 -24.08 26.49 -32.08
N VAL A 283 -23.48 26.55 -33.27
CA VAL A 283 -22.36 25.69 -33.63
C VAL A 283 -21.17 26.56 -33.98
N GLU A 284 -19.98 26.11 -33.57
CA GLU A 284 -18.72 26.79 -33.81
C GLU A 284 -17.73 25.77 -34.33
N GLU A 285 -17.13 26.05 -35.48
CA GLU A 285 -16.24 25.08 -36.10
C GLU A 285 -14.82 25.38 -35.64
N CYS A 286 -14.20 24.41 -34.97
CA CYS A 286 -12.93 24.62 -34.31
C CYS A 286 -11.88 23.65 -34.85
N ASP A 287 -10.69 23.76 -34.29
CA ASP A 287 -9.60 22.93 -34.73
C ASP A 287 -9.77 21.49 -34.27
N ARG A 288 -9.08 20.60 -34.97
CA ARG A 288 -9.02 19.21 -34.58
C ARG A 288 -8.59 19.08 -33.13
N ARG A 289 -9.15 18.06 -32.46
CA ARG A 289 -8.59 17.60 -31.18
C ARG A 289 -7.48 16.59 -31.47
N PRO A 290 -6.29 16.76 -30.87
CA PRO A 290 -5.20 15.81 -31.14
C PRO A 290 -5.60 14.39 -30.80
N GLY A 291 -5.23 13.46 -31.69
CA GLY A 291 -5.43 12.03 -31.46
C GLY A 291 -6.79 11.46 -31.86
N ASP A 292 -7.66 12.24 -32.48
CA ASP A 292 -8.94 11.71 -32.94
C ASP A 292 -8.78 11.02 -34.28
N PRO A 293 -8.98 9.70 -34.37
CA PRO A 293 -9.00 9.08 -35.70
C PRO A 293 -10.27 9.45 -36.44
N PRO A 294 -10.23 9.47 -37.78
CA PRO A 294 -11.41 9.97 -38.52
C PRO A 294 -12.66 9.11 -38.36
N SER A 295 -12.54 7.78 -38.27
CA SER A 295 -13.73 6.93 -38.27
C SER A 295 -13.51 5.69 -37.41
N LEU A 296 -14.30 5.52 -36.37
CA LEU A 296 -14.20 4.34 -35.51
C LEU A 296 -15.56 3.64 -35.48
N ILE A 297 -15.64 2.47 -36.10
CA ILE A 297 -16.86 1.67 -36.16
C ILE A 297 -16.51 0.23 -35.83
N GLY A 298 -17.34 -0.41 -35.01
CA GLY A 298 -17.06 -1.74 -34.52
C GLY A 298 -18.02 -2.78 -35.08
N SER A 299 -17.45 -3.91 -35.50
CA SER A 299 -18.26 -5.07 -35.86
C SER A 299 -18.79 -5.75 -34.60
N GLY A 300 -20.11 -5.92 -34.54
CA GLY A 300 -20.70 -6.57 -33.37
C GLY A 300 -21.11 -8.00 -33.65
N GLU A 301 -20.57 -8.59 -34.72
CA GLU A 301 -21.02 -9.91 -35.16
C GLU A 301 -20.70 -11.00 -34.14
N LYS A 302 -19.48 -10.99 -33.60
CA LYS A 302 -19.08 -12.01 -32.64
C LYS A 302 -20.02 -12.02 -31.44
N ALA A 303 -20.30 -10.84 -30.89
CA ALA A 303 -21.23 -10.78 -29.76
C ALA A 303 -22.61 -11.25 -30.16
N ARG A 304 -23.05 -10.89 -31.37
CA ARG A 304 -24.36 -11.33 -31.82
C ARG A 304 -24.38 -12.86 -31.95
N LYS A 305 -23.38 -13.40 -32.60
CA LYS A 305 -23.26 -14.84 -32.80
C LYS A 305 -23.11 -15.60 -31.48
N ILE A 306 -22.15 -15.21 -30.64
CA ILE A 306 -21.79 -16.05 -29.49
C ILE A 306 -22.68 -15.80 -28.27
N LEU A 307 -23.10 -14.56 -28.01
CA LEU A 307 -23.92 -14.28 -26.84
C LEU A 307 -25.39 -14.06 -27.19
N GLY A 308 -25.75 -14.08 -28.47
CA GLY A 308 -27.12 -13.77 -28.84
C GLY A 308 -27.50 -12.33 -28.57
N TRP A 309 -26.52 -11.42 -28.65
CA TRP A 309 -26.75 -10.02 -28.35
C TRP A 309 -27.41 -9.35 -29.54
N GLN A 310 -28.58 -8.75 -29.33
CA GLN A 310 -29.23 -7.96 -30.37
C GLN A 310 -29.50 -6.56 -29.87
N PRO A 311 -28.68 -5.58 -30.25
CA PRO A 311 -28.95 -4.20 -29.83
C PRO A 311 -30.32 -3.73 -30.29
N GLN A 312 -31.08 -3.15 -29.35
CA GLN A 312 -32.46 -2.71 -29.49
C GLN A 312 -32.62 -1.23 -29.83
N TYR A 313 -31.61 -0.40 -29.58
CA TYR A 313 -31.76 1.06 -29.74
C TYR A 313 -30.64 1.61 -30.61
N SER A 314 -30.54 1.09 -31.84
CA SER A 314 -29.41 1.44 -32.70
C SER A 314 -29.57 2.79 -33.41
N SER A 315 -30.79 3.32 -33.51
CA SER A 315 -30.98 4.56 -34.25
C SER A 315 -30.50 5.76 -33.42
N ILE A 316 -29.89 6.73 -34.10
CA ILE A 316 -29.39 7.91 -33.41
C ILE A 316 -30.53 8.69 -32.77
N LYS A 317 -31.73 8.60 -33.34
CA LYS A 317 -32.86 9.35 -32.80
C LYS A 317 -33.33 8.75 -31.48
N ASP A 318 -33.42 7.41 -31.40
CA ASP A 318 -33.65 6.76 -30.11
C ASP A 318 -32.62 7.20 -29.07
N ILE A 319 -31.34 7.06 -29.42
CA ILE A 319 -30.25 7.39 -28.51
C ILE A 319 -30.37 8.82 -28.01
N VAL A 320 -30.56 9.76 -28.93
CA VAL A 320 -30.58 11.18 -28.57
C VAL A 320 -31.87 11.56 -27.84
N SER A 321 -33.01 10.94 -28.18
CA SER A 321 -34.27 11.16 -27.44
C SER A 321 -34.13 10.78 -25.96
N HIS A 322 -33.69 9.55 -25.69
CA HIS A 322 -33.50 9.12 -24.31
C HIS A 322 -32.53 10.04 -23.56
N ALA A 323 -31.42 10.41 -24.19
CA ALA A 323 -30.49 11.33 -23.53
C ALA A 323 -31.16 12.67 -23.26
N TRP A 324 -31.91 13.20 -24.25
CA TRP A 324 -32.62 14.46 -24.09
C TRP A 324 -33.61 14.40 -22.94
N GLN A 325 -34.35 13.29 -22.84
CA GLN A 325 -35.27 13.13 -21.71
C GLN A 325 -34.52 13.16 -20.38
N TRP A 326 -33.37 12.49 -20.29
CA TRP A 326 -32.64 12.49 -19.03
C TRP A 326 -32.08 13.87 -18.70
N HIS A 327 -31.46 14.55 -19.69
CA HIS A 327 -30.79 15.81 -19.37
C HIS A 327 -31.79 16.92 -18.97
N GLN A 328 -33.00 16.91 -19.52
CA GLN A 328 -34.00 17.90 -19.07
C GLN A 328 -34.37 17.72 -17.61
N LYS A 329 -34.43 16.47 -17.13
CA LYS A 329 -34.74 16.22 -15.72
C LYS A 329 -33.54 16.45 -14.82
N ARG A 330 -32.35 15.95 -15.22
CA ARG A 330 -31.24 15.88 -14.28
C ARG A 330 -30.49 17.21 -14.21
N HIS A 331 -30.33 17.89 -15.33
CA HIS A 331 -29.52 19.11 -15.42
C HIS A 331 -30.37 20.37 -15.55
N GLN A 332 -31.53 20.40 -14.86
CA GLN A 332 -32.50 21.51 -14.89
C GLN A 332 -31.85 22.87 -14.69
N LYS B 5 31.01 15.23 -7.48
CA LYS B 5 30.64 13.89 -7.96
C LYS B 5 29.13 13.69 -8.02
N PRO B 6 28.56 13.43 -9.19
CA PRO B 6 27.12 13.12 -9.26
C PRO B 6 26.80 11.86 -8.48
N SER B 7 25.59 11.84 -7.94
CA SER B 7 25.15 10.77 -7.06
C SER B 7 24.05 9.95 -7.74
N ILE B 8 24.21 8.63 -7.75
CA ILE B 8 23.41 7.71 -8.56
C ILE B 8 22.82 6.66 -7.64
N LEU B 9 21.50 6.49 -7.72
CA LEU B 9 20.82 5.35 -7.11
C LEU B 9 20.80 4.20 -8.12
N VAL B 10 21.29 3.03 -7.68
CA VAL B 10 21.29 1.82 -8.49
C VAL B 10 20.39 0.80 -7.79
N THR B 11 19.19 0.57 -8.32
CA THR B 11 18.36 -0.49 -7.75
C THR B 11 18.83 -1.82 -8.29
N GLY B 12 18.67 -2.89 -7.49
CA GLY B 12 19.22 -4.16 -7.91
C GLY B 12 20.74 -4.22 -7.95
N GLY B 13 21.42 -3.29 -7.27
CA GLY B 13 22.87 -3.24 -7.34
C GLY B 13 23.60 -4.41 -6.73
N ALA B 14 22.92 -5.22 -5.90
CA ALA B 14 23.57 -6.38 -5.30
C ALA B 14 23.53 -7.62 -6.20
N GLY B 15 22.90 -7.55 -7.36
CA GLY B 15 22.79 -8.69 -8.25
C GLY B 15 23.86 -8.69 -9.33
N TYR B 16 23.70 -9.60 -10.29
CA TYR B 16 24.69 -9.90 -11.30
C TYR B 16 25.10 -8.68 -12.14
N ILE B 17 24.19 -8.17 -12.96
CA ILE B 17 24.55 -7.06 -13.84
C ILE B 17 24.72 -5.75 -13.05
N GLY B 18 23.83 -5.50 -12.07
CA GLY B 18 23.95 -4.27 -11.30
C GLY B 18 25.30 -4.12 -10.58
N SER B 19 25.78 -5.20 -9.95
CA SER B 19 27.05 -5.10 -9.23
C SER B 19 28.18 -4.72 -10.16
N HIS B 20 28.20 -5.28 -11.38
CA HIS B 20 29.28 -4.93 -12.30
C HIS B 20 29.15 -3.49 -12.77
N THR B 21 27.92 -2.98 -12.89
CA THR B 21 27.74 -1.57 -13.23
C THR B 21 28.17 -0.65 -12.08
N VAL B 22 27.89 -1.03 -10.83
CA VAL B 22 28.32 -0.21 -9.70
C VAL B 22 29.84 -0.03 -9.72
N LEU B 23 30.57 -1.14 -9.89
CA LEU B 23 32.03 -1.07 -9.96
C LEU B 23 32.49 -0.13 -11.07
N ALA B 24 31.86 -0.21 -12.25
CA ALA B 24 32.26 0.69 -13.33
C ALA B 24 31.89 2.12 -13.03
N LEU B 25 30.78 2.33 -12.31
CA LEU B 25 30.36 3.69 -11.98
C LEU B 25 31.36 4.35 -11.03
N LYS B 26 31.80 3.62 -10.01
CA LYS B 26 32.82 4.15 -9.09
C LYS B 26 34.08 4.54 -9.85
N GLN B 27 34.61 3.62 -10.66
CA GLN B 27 35.78 3.89 -11.51
C GLN B 27 35.60 5.17 -12.32
N ALA B 28 34.38 5.45 -12.77
CA ALA B 28 34.14 6.62 -13.62
C ALA B 28 33.91 7.90 -12.83
N GLY B 29 33.98 7.88 -11.50
CA GLY B 29 33.82 9.09 -10.71
C GLY B 29 32.43 9.39 -10.22
N TYR B 30 31.53 8.40 -10.17
CA TYR B 30 30.21 8.62 -9.63
C TYR B 30 30.12 8.10 -8.20
N ASP B 31 29.27 8.75 -7.41
CA ASP B 31 28.90 8.25 -6.09
C ASP B 31 27.63 7.42 -6.21
N VAL B 32 27.65 6.23 -5.62
CA VAL B 32 26.61 5.25 -5.79
C VAL B 32 26.00 4.92 -4.44
N VAL B 33 24.67 4.83 -4.40
CA VAL B 33 23.94 4.18 -3.33
C VAL B 33 23.13 3.06 -3.97
N ILE B 34 23.16 1.87 -3.36
CA ILE B 34 22.44 0.71 -3.87
C ILE B 34 21.14 0.55 -3.09
N LEU B 35 20.04 0.30 -3.79
CA LEU B 35 18.78 -0.12 -3.19
C LEU B 35 18.50 -1.54 -3.65
N ASP B 36 18.44 -2.46 -2.70
CA ASP B 36 18.28 -3.87 -3.06
C ASP B 36 17.60 -4.55 -1.90
N ASN B 37 16.62 -5.40 -2.19
CA ASN B 37 15.88 -6.14 -1.16
C ASN B 37 16.52 -7.47 -0.82
N LEU B 38 17.61 -7.81 -1.48
CA LEU B 38 18.44 -8.98 -1.19
C LEU B 38 17.68 -10.28 -1.39
N VAL B 39 16.56 -10.26 -2.14
CA VAL B 39 15.91 -11.51 -2.49
C VAL B 39 16.85 -12.41 -3.27
N TYR B 40 17.59 -11.85 -4.24
CA TYR B 40 18.54 -12.61 -5.02
C TYR B 40 19.95 -12.03 -5.03
N GLY B 41 20.14 -10.79 -4.57
CA GLY B 41 21.48 -10.21 -4.51
C GLY B 41 22.27 -10.71 -3.31
N HIS B 42 23.45 -10.14 -3.11
CA HIS B 42 24.38 -10.70 -2.13
C HIS B 42 25.01 -9.56 -1.34
N ARG B 43 24.62 -9.40 -0.07
CA ARG B 43 25.18 -8.31 0.71
C ARG B 43 26.69 -8.43 0.87
N ASP B 44 27.23 -9.65 0.87
CA ASP B 44 28.66 -9.79 1.15
C ASP B 44 29.49 -9.21 0.00
N LEU B 45 29.03 -9.37 -1.24
CA LEU B 45 29.77 -8.75 -2.34
C LEU B 45 29.64 -7.24 -2.31
N VAL B 46 28.50 -6.73 -1.84
CA VAL B 46 28.35 -5.29 -1.74
C VAL B 46 29.32 -4.73 -0.71
N GLU B 47 29.42 -5.38 0.43
CA GLU B 47 30.21 -4.84 1.52
C GLU B 47 31.70 -5.01 1.24
N LYS B 48 32.10 -6.20 0.77
CA LYS B 48 33.50 -6.52 0.57
C LYS B 48 34.07 -5.99 -0.74
N VAL B 49 33.31 -5.93 -1.83
CA VAL B 49 33.86 -5.56 -3.13
C VAL B 49 33.39 -4.18 -3.57
N LEU B 50 32.07 -3.93 -3.56
CA LEU B 50 31.58 -2.67 -4.09
C LEU B 50 31.82 -1.53 -3.12
N GLN B 51 31.74 -1.81 -1.81
CA GLN B 51 32.10 -0.83 -0.78
C GLN B 51 31.37 0.50 -0.98
N VAL B 52 30.05 0.40 -1.18
CA VAL B 52 29.19 1.58 -1.26
C VAL B 52 28.04 1.35 -0.30
N GLU B 53 27.32 2.43 -0.01
CA GLU B 53 26.18 2.34 0.90
C GLU B 53 25.09 1.44 0.33
N LEU B 54 24.57 0.54 1.17
CA LEU B 54 23.51 -0.37 0.79
C LEU B 54 22.27 -0.05 1.61
N VAL B 55 21.18 0.23 0.93
CA VAL B 55 19.88 0.41 1.56
C VAL B 55 19.07 -0.84 1.25
N VAL B 56 18.76 -1.63 2.27
CA VAL B 56 18.04 -2.86 2.09
C VAL B 56 16.56 -2.51 2.08
N GLY B 57 15.92 -2.67 0.94
CA GLY B 57 14.51 -2.33 0.83
C GLY B 57 14.02 -2.58 -0.57
N ASP B 58 12.75 -2.23 -0.77
CA ASP B 58 12.03 -2.64 -1.96
C ASP B 58 11.72 -1.42 -2.80
N THR B 59 11.95 -1.52 -4.12
CA THR B 59 11.62 -0.39 -5.01
C THR B 59 10.14 -0.09 -5.05
N GLY B 60 9.30 -1.06 -4.69
CA GLY B 60 7.88 -0.77 -4.62
C GLY B 60 7.40 -0.17 -3.30
N ASP B 61 8.31 0.19 -2.39
CA ASP B 61 7.93 0.66 -1.05
C ASP B 61 7.97 2.19 -1.06
N ARG B 62 6.81 2.80 -1.34
CA ARG B 62 6.77 4.26 -1.51
C ARG B 62 7.23 5.02 -0.27
N PRO B 63 6.81 4.69 0.96
CA PRO B 63 7.32 5.46 2.12
C PRO B 63 8.84 5.44 2.23
N LEU B 64 9.47 4.27 2.02
CA LEU B 64 10.93 4.20 2.03
C LEU B 64 11.54 5.07 0.96
N LEU B 65 11.01 5.02 -0.27
CA LEU B 65 11.60 5.82 -1.33
C LEU B 65 11.46 7.31 -1.01
N ASP B 66 10.29 7.73 -0.53
CA ASP B 66 10.10 9.13 -0.17
C ASP B 66 11.14 9.60 0.84
N GLU B 67 11.37 8.81 1.90
CA GLU B 67 12.38 9.18 2.88
C GLU B 67 13.78 9.19 2.27
N LEU B 68 14.09 8.22 1.40
CA LEU B 68 15.45 8.13 0.87
C LEU B 68 15.78 9.32 -0.04
N PHE B 69 14.83 9.76 -0.86
CA PHE B 69 15.07 10.87 -1.78
C PHE B 69 15.11 12.22 -1.08
N LYS B 70 14.33 12.40 -0.01
CA LYS B 70 14.43 13.61 0.79
C LYS B 70 15.75 13.67 1.58
N SER B 71 16.34 12.52 1.88
CA SER B 71 17.52 12.45 2.77
C SER B 71 18.85 12.45 2.01
N ARG B 72 18.85 12.44 0.68
CA ARG B 72 20.08 12.42 -0.09
C ARG B 72 19.73 12.83 -1.50
N HIS B 73 20.65 13.57 -2.15
CA HIS B 73 20.37 14.14 -3.46
C HIS B 73 20.90 13.22 -4.56
N PHE B 74 20.03 12.84 -5.49
CA PHE B 74 20.42 12.01 -6.61
C PHE B 74 20.21 12.73 -7.92
N ASP B 75 21.13 12.52 -8.84
CA ASP B 75 21.04 13.08 -10.18
C ASP B 75 20.44 12.12 -11.21
N ALA B 76 20.37 10.83 -10.90
CA ALA B 76 19.80 9.84 -11.81
C ALA B 76 19.59 8.54 -11.06
N VAL B 77 18.70 7.72 -11.60
CA VAL B 77 18.40 6.39 -11.08
C VAL B 77 18.68 5.38 -12.18
N MET B 78 19.38 4.31 -11.83
CA MET B 78 19.61 3.15 -12.70
C MET B 78 18.83 1.96 -12.13
N HIS B 79 17.98 1.37 -12.93
CA HIS B 79 16.98 0.42 -12.44
C HIS B 79 17.26 -0.98 -12.99
N PHE B 80 18.00 -1.78 -12.22
CA PHE B 80 18.21 -3.20 -12.48
C PHE B 80 17.23 -4.13 -11.77
N SER B 81 16.56 -3.69 -10.71
CA SER B 81 15.82 -4.65 -9.91
C SER B 81 14.55 -5.11 -10.65
N ALA B 82 14.26 -6.40 -10.55
CA ALA B 82 13.19 -7.08 -11.27
C ALA B 82 13.27 -8.55 -10.90
N TYR B 83 12.19 -9.29 -11.15
CA TYR B 83 12.27 -10.74 -11.16
C TYR B 83 12.33 -11.22 -12.61
N ALA B 84 13.08 -12.31 -12.85
CA ALA B 84 13.41 -12.67 -14.23
C ALA B 84 13.34 -14.17 -14.56
N TYR B 85 12.78 -15.03 -13.70
CA TYR B 85 12.60 -16.42 -14.09
C TYR B 85 11.39 -16.52 -15.03
N VAL B 86 11.65 -16.74 -16.32
CA VAL B 86 10.57 -16.80 -17.31
C VAL B 86 9.52 -17.81 -16.91
N GLY B 87 9.95 -19.02 -16.51
CA GLY B 87 8.98 -20.06 -16.17
C GLY B 87 8.14 -19.68 -14.98
N GLU B 88 8.74 -19.05 -13.98
CA GLU B 88 7.93 -18.60 -12.88
C GLU B 88 6.99 -17.48 -13.30
N SER B 89 7.31 -16.71 -14.34
CA SER B 89 6.41 -15.64 -14.75
C SER B 89 5.16 -16.22 -15.39
N VAL B 90 5.27 -17.39 -16.02
CA VAL B 90 4.09 -18.06 -16.58
C VAL B 90 3.23 -18.64 -15.48
N SER B 91 3.84 -19.19 -14.44
CA SER B 91 3.06 -19.85 -13.40
C SER B 91 2.58 -18.87 -12.34
N ASP B 92 3.25 -17.74 -12.15
CA ASP B 92 2.86 -16.77 -11.13
C ASP B 92 2.98 -15.35 -11.66
N PRO B 93 2.25 -15.04 -12.73
CA PRO B 93 2.35 -13.70 -13.32
C PRO B 93 2.00 -12.59 -12.35
N ALA B 94 1.13 -12.84 -11.37
CA ALA B 94 0.77 -11.76 -10.44
C ALA B 94 2.00 -11.20 -9.73
N LYS B 95 2.94 -12.07 -9.34
CA LYS B 95 4.19 -11.59 -8.75
C LYS B 95 4.96 -10.71 -9.74
N TYR B 96 4.95 -11.06 -11.02
CA TYR B 96 5.80 -10.34 -11.98
C TYR B 96 5.23 -8.97 -12.33
N TYR B 97 3.93 -8.88 -12.61
CA TYR B 97 3.28 -7.59 -12.81
C TYR B 97 3.45 -6.69 -11.58
N ARG B 98 3.24 -7.22 -10.37
CA ARG B 98 3.35 -6.39 -9.18
C ARG B 98 4.78 -5.88 -8.97
N ASN B 99 5.79 -6.74 -9.13
CA ASN B 99 7.15 -6.30 -8.87
C ASN B 99 7.74 -5.55 -10.06
N ASN B 100 7.59 -6.07 -11.27
CA ASN B 100 8.33 -5.46 -12.37
C ASN B 100 7.62 -4.24 -12.92
N VAL B 101 6.29 -4.21 -12.90
CA VAL B 101 5.58 -3.07 -13.46
C VAL B 101 5.20 -2.09 -12.36
N LEU B 102 4.40 -2.54 -11.38
CA LEU B 102 3.87 -1.57 -10.45
C LEU B 102 4.95 -1.09 -9.47
N GLY B 103 5.93 -1.94 -9.15
CA GLY B 103 7.07 -1.46 -8.38
C GLY B 103 7.86 -0.39 -9.13
N THR B 104 8.06 -0.58 -10.44
CA THR B 104 8.73 0.45 -11.22
C THR B 104 7.91 1.74 -11.26
N LEU B 105 6.60 1.62 -11.47
CA LEU B 105 5.73 2.79 -11.42
C LEU B 105 5.92 3.54 -10.12
N THR B 106 5.98 2.82 -9.00
CA THR B 106 6.14 3.47 -7.69
C THR B 106 7.46 4.24 -7.64
N LEU B 107 8.55 3.62 -8.13
CA LEU B 107 9.84 4.28 -8.17
C LEU B 107 9.82 5.53 -9.05
N LEU B 108 9.21 5.46 -10.24
CA LEU B 108 9.17 6.64 -11.11
C LEU B 108 8.38 7.78 -10.48
N GLU B 109 7.26 7.46 -9.82
CA GLU B 109 6.46 8.51 -9.18
C GLU B 109 7.23 9.15 -8.03
N ALA B 110 7.94 8.35 -7.24
CA ALA B 110 8.76 8.92 -6.18
C ALA B 110 9.86 9.80 -6.76
N MET B 111 10.44 9.37 -7.89
CA MET B 111 11.54 10.13 -8.50
C MET B 111 11.06 11.50 -8.96
N LEU B 112 9.90 11.53 -9.61
CA LEU B 112 9.36 12.80 -10.13
C LEU B 112 8.89 13.70 -8.99
N ALA B 113 8.35 13.13 -7.91
CA ALA B 113 8.11 13.93 -6.72
C ALA B 113 9.40 14.56 -6.21
N ALA B 114 10.53 13.86 -6.33
CA ALA B 114 11.80 14.43 -5.89
C ALA B 114 12.55 15.16 -7.01
N SER B 115 11.91 15.39 -8.16
CA SER B 115 12.48 16.18 -9.24
C SER B 115 13.76 15.55 -9.81
N ILE B 116 13.84 14.21 -9.77
CA ILE B 116 14.83 13.44 -10.51
C ILE B 116 14.17 12.99 -11.81
N ASN B 117 14.78 13.32 -12.96
CA ASN B 117 14.16 12.96 -14.23
C ASN B 117 15.14 12.31 -15.19
N LYS B 118 16.11 11.56 -14.65
CA LYS B 118 17.01 10.79 -15.48
C LYS B 118 16.98 9.34 -15.01
N PHE B 119 16.71 8.44 -15.96
CA PHE B 119 16.41 7.06 -15.66
C PHE B 119 17.08 6.16 -16.70
N VAL B 120 17.78 5.13 -16.22
CA VAL B 120 18.31 4.08 -17.08
C VAL B 120 17.61 2.77 -16.69
N PHE B 121 17.12 2.04 -17.68
CA PHE B 121 16.21 0.91 -17.46
C PHE B 121 16.78 -0.35 -18.07
N SER B 122 16.79 -1.43 -17.28
CA SER B 122 17.20 -2.75 -17.77
C SER B 122 16.01 -3.42 -18.44
N SER B 123 15.96 -3.38 -19.75
CA SER B 123 14.94 -4.10 -20.48
C SER B 123 15.55 -5.36 -21.08
N THR B 124 14.95 -5.91 -22.13
CA THR B 124 15.37 -7.22 -22.57
C THR B 124 14.93 -7.45 -24.01
N CYS B 125 15.70 -8.26 -24.72
CA CYS B 125 15.24 -8.65 -26.05
C CYS B 125 14.09 -9.63 -25.98
N ALA B 126 13.70 -10.10 -24.79
CA ALA B 126 12.43 -10.80 -24.66
C ALA B 126 11.24 -9.91 -25.04
N THR B 127 11.39 -8.58 -25.04
CA THR B 127 10.24 -7.76 -25.43
C THR B 127 9.89 -7.96 -26.91
N TYR B 128 10.83 -8.45 -27.72
CA TYR B 128 10.57 -8.63 -29.16
C TYR B 128 9.67 -9.85 -29.40
N GLY B 129 9.77 -10.88 -28.57
CA GLY B 129 9.07 -12.11 -28.90
C GLY B 129 9.79 -12.84 -30.03
N VAL B 130 9.04 -13.61 -30.82
CA VAL B 130 9.67 -14.38 -31.90
C VAL B 130 10.21 -13.43 -32.95
N PRO B 131 11.52 -13.41 -33.21
CA PRO B 131 12.07 -12.42 -34.15
C PRO B 131 11.68 -12.74 -35.58
N LYS B 132 11.69 -11.70 -36.40
CA LYS B 132 11.37 -11.74 -37.83
C LYS B 132 12.58 -11.53 -38.71
N THR B 133 13.58 -10.79 -38.21
CA THR B 133 14.85 -10.58 -38.89
C THR B 133 15.93 -10.92 -37.88
N VAL B 134 17.11 -11.31 -38.35
CA VAL B 134 18.26 -11.41 -37.47
C VAL B 134 19.46 -10.82 -38.19
N PRO B 135 20.20 -9.87 -37.60
CA PRO B 135 20.04 -9.29 -36.26
C PRO B 135 18.78 -8.43 -36.07
N ILE B 136 18.33 -8.31 -34.83
CA ILE B 136 17.12 -7.58 -34.49
C ILE B 136 17.46 -6.10 -34.33
N PRO B 137 16.90 -5.21 -35.14
CA PRO B 137 17.07 -3.76 -34.90
C PRO B 137 16.08 -3.26 -33.85
N GLU B 138 16.36 -2.06 -33.32
CA GLU B 138 15.55 -1.52 -32.22
C GLU B 138 14.10 -1.27 -32.63
N ASP B 139 13.86 -0.99 -33.91
CA ASP B 139 12.52 -0.71 -34.43
C ASP B 139 11.72 -1.96 -34.74
N HIS B 140 12.29 -3.14 -34.52
CA HIS B 140 11.54 -4.38 -34.67
C HIS B 140 10.33 -4.36 -33.74
N PRO B 141 9.17 -4.87 -34.16
CA PRO B 141 7.99 -4.83 -33.28
C PRO B 141 8.17 -5.71 -32.05
N GLN B 142 7.37 -5.42 -31.04
CA GLN B 142 7.54 -6.02 -29.72
C GLN B 142 6.29 -6.85 -29.40
N ASN B 143 6.40 -8.18 -29.48
CA ASN B 143 5.29 -9.08 -29.20
C ASN B 143 5.73 -10.14 -28.20
N PRO B 144 6.00 -9.75 -26.94
CA PRO B 144 6.54 -10.73 -25.98
C PRO B 144 5.56 -11.89 -25.79
N ILE B 145 6.10 -13.06 -25.49
CA ILE B 145 5.31 -14.28 -25.45
C ILE B 145 5.20 -14.93 -24.07
N ASN B 146 5.78 -14.33 -23.03
CA ASN B 146 5.61 -14.79 -21.66
C ASN B 146 5.41 -13.54 -20.81
N PRO B 147 4.87 -13.69 -19.59
CA PRO B 147 4.59 -12.48 -18.78
C PRO B 147 5.84 -11.68 -18.47
N TYR B 148 7.02 -12.31 -18.35
CA TYR B 148 8.22 -11.54 -18.04
C TYR B 148 8.52 -10.53 -19.14
N GLY B 149 8.53 -10.98 -20.40
CA GLY B 149 8.71 -10.05 -21.50
C GLY B 149 7.66 -8.95 -21.50
N ALA B 150 6.40 -9.32 -21.16
CA ALA B 150 5.33 -8.33 -21.14
C ALA B 150 5.56 -7.25 -20.09
N THR B 151 6.07 -7.62 -18.91
CA THR B 151 6.33 -6.61 -17.88
C THR B 151 7.35 -5.58 -18.37
N LYS B 152 8.45 -6.03 -18.97
CA LYS B 152 9.45 -5.08 -19.47
C LYS B 152 8.88 -4.17 -20.53
N LEU B 153 8.06 -4.73 -21.44
CA LEU B 153 7.45 -3.90 -22.48
C LEU B 153 6.50 -2.87 -21.85
N MET B 154 5.76 -3.25 -20.82
CA MET B 154 4.88 -2.28 -20.19
C MET B 154 5.68 -1.15 -19.56
N VAL B 155 6.82 -1.45 -18.95
CA VAL B 155 7.59 -0.35 -18.39
C VAL B 155 8.12 0.57 -19.50
N GLU B 156 8.55 -0.01 -20.62
CA GLU B 156 8.97 0.82 -21.75
C GLU B 156 7.87 1.81 -22.16
N ARG B 157 6.63 1.34 -22.28
CA ARG B 157 5.51 2.21 -22.65
C ARG B 157 5.25 3.27 -21.58
N ILE B 158 5.36 2.90 -20.30
CA ILE B 158 5.15 3.90 -19.24
C ILE B 158 6.23 4.98 -19.32
N LEU B 159 7.48 4.60 -19.62
CA LEU B 159 8.57 5.57 -19.72
C LEU B 159 8.34 6.58 -20.83
N ALA B 160 7.83 6.11 -21.97
CA ALA B 160 7.51 6.99 -23.08
C ALA B 160 6.44 7.99 -22.67
N ASP B 161 5.38 7.52 -22.02
CA ASP B 161 4.31 8.41 -21.61
C ASP B 161 4.76 9.37 -20.50
N PHE B 162 5.69 8.94 -19.65
CA PHE B 162 6.22 9.85 -18.63
C PHE B 162 7.17 10.88 -19.22
N ASP B 163 7.79 10.56 -20.38
CA ASP B 163 8.56 11.58 -21.10
C ASP B 163 7.66 12.68 -21.63
N VAL B 164 6.61 12.31 -22.37
CA VAL B 164 5.65 13.28 -22.89
C VAL B 164 5.06 14.13 -21.76
N ALA B 165 4.69 13.52 -20.64
CA ALA B 165 3.96 14.31 -19.66
C ALA B 165 4.85 15.06 -18.69
N TYR B 166 5.94 14.46 -18.26
CA TYR B 166 6.73 14.97 -17.16
C TYR B 166 8.15 15.33 -17.53
N GLY B 167 8.58 15.12 -18.78
CA GLY B 167 9.98 15.32 -19.13
C GLY B 167 10.95 14.30 -18.57
N LEU B 168 10.47 13.10 -18.21
CA LEU B 168 11.37 12.04 -17.77
C LEU B 168 12.23 11.60 -18.94
N LYS B 169 13.54 11.72 -18.80
CA LYS B 169 14.48 11.33 -19.84
C LYS B 169 15.02 9.96 -19.44
N SER B 170 14.88 8.99 -20.33
CA SER B 170 15.28 7.64 -20.00
C SER B 170 16.08 6.99 -21.12
N VAL B 171 17.08 6.23 -20.73
CA VAL B 171 17.71 5.28 -21.64
C VAL B 171 17.17 3.89 -21.31
N ARG B 172 16.57 3.25 -22.31
CA ARG B 172 16.15 1.87 -22.22
C ARG B 172 17.23 1.03 -22.89
N PHE B 173 17.74 0.05 -22.17
CA PHE B 173 18.71 -0.90 -22.71
C PHE B 173 18.01 -2.24 -22.82
N ARG B 174 17.99 -2.82 -24.01
CA ARG B 174 17.52 -4.20 -24.20
C ARG B 174 18.76 -5.09 -24.25
N TYR B 175 19.04 -5.78 -23.15
CA TYR B 175 20.18 -6.69 -23.14
C TYR B 175 19.85 -7.94 -23.94
N PHE B 176 20.90 -8.54 -24.50
CA PHE B 176 20.75 -9.91 -24.93
C PHE B 176 21.25 -10.82 -23.81
N ASN B 177 22.13 -11.79 -24.02
CA ASN B 177 22.39 -12.76 -22.95
C ASN B 177 23.58 -12.29 -22.12
N ALA B 178 23.32 -11.71 -20.95
CA ALA B 178 24.40 -11.26 -20.10
C ALA B 178 25.27 -12.44 -19.68
N ALA B 179 26.59 -12.26 -19.77
CA ALA B 179 27.48 -13.39 -19.52
C ALA B 179 28.82 -12.85 -19.04
N GLY B 180 29.64 -13.76 -18.52
CA GLY B 180 30.98 -13.39 -18.09
C GLY B 180 31.05 -12.98 -16.62
N ALA B 181 32.14 -12.29 -16.31
CA ALA B 181 32.48 -11.93 -14.93
C ALA B 181 33.56 -10.87 -14.95
N ASN B 182 33.66 -10.13 -13.85
CA ASN B 182 34.75 -9.18 -13.68
C ASN B 182 36.08 -9.85 -14.02
N PRO B 183 36.88 -9.28 -14.93
CA PRO B 183 38.08 -9.98 -15.43
C PRO B 183 39.12 -10.35 -14.35
N ASP B 184 39.04 -9.77 -13.16
CA ASP B 184 39.99 -10.09 -12.09
C ASP B 184 39.36 -10.96 -11.00
N GLY B 185 38.19 -11.56 -11.26
CA GLY B 185 37.56 -12.45 -10.30
C GLY B 185 36.82 -11.78 -9.18
N LEU B 186 36.55 -10.46 -9.26
CA LEU B 186 35.97 -9.76 -8.12
C LEU B 186 34.47 -10.02 -7.96
N LEU B 187 33.74 -10.19 -9.06
CA LEU B 187 32.29 -10.36 -9.04
C LEU B 187 31.91 -11.36 -10.13
N GLY B 188 30.71 -11.90 -10.03
CA GLY B 188 30.22 -12.71 -11.13
C GLY B 188 28.81 -13.19 -10.87
N GLU B 189 28.34 -14.01 -11.78
CA GLU B 189 27.00 -14.58 -11.67
C GLU B 189 26.89 -15.48 -10.43
N ASP B 190 25.94 -15.15 -9.54
CA ASP B 190 25.67 -16.02 -8.37
C ASP B 190 24.14 -16.12 -8.19
N HIS B 191 23.49 -16.91 -9.04
CA HIS B 191 22.05 -17.09 -9.04
C HIS B 191 21.64 -18.39 -8.36
N ASN B 192 20.62 -18.32 -7.51
CA ASN B 192 20.16 -19.49 -6.75
C ASN B 192 18.65 -19.51 -6.74
N PRO B 193 18.01 -20.32 -7.59
CA PRO B 193 18.64 -21.32 -8.47
C PRO B 193 19.18 -20.75 -9.77
N GLU B 194 20.21 -21.39 -10.30
CA GLU B 194 20.84 -20.96 -11.53
C GLU B 194 20.17 -21.67 -12.70
N THR B 195 19.80 -20.88 -13.72
CA THR B 195 19.18 -21.41 -14.92
C THR B 195 19.93 -21.08 -16.20
N HIS B 196 20.96 -20.24 -16.15
CA HIS B 196 21.57 -19.79 -17.39
C HIS B 196 22.58 -20.81 -17.91
N LEU B 197 22.76 -20.80 -19.24
CA LEU B 197 23.55 -21.83 -19.90
C LEU B 197 25.01 -21.83 -19.43
N ILE B 198 25.68 -20.67 -19.50
CA ILE B 198 27.12 -20.62 -19.21
C ILE B 198 27.43 -21.04 -17.78
N PRO B 199 26.78 -20.48 -16.75
CA PRO B 199 27.02 -21.02 -15.39
C PRO B 199 26.82 -22.52 -15.29
N LEU B 200 25.69 -23.04 -15.78
CA LEU B 200 25.38 -24.46 -15.65
C LEU B 200 26.38 -25.33 -16.39
N VAL B 201 26.93 -24.84 -17.50
CA VAL B 201 27.99 -25.58 -18.18
C VAL B 201 29.24 -25.61 -17.29
N LEU B 202 29.55 -24.48 -16.65
CA LEU B 202 30.76 -24.42 -15.83
C LEU B 202 30.57 -25.13 -14.50
N LEU B 203 29.34 -25.15 -13.97
CA LEU B 203 29.09 -25.91 -12.75
C LEU B 203 29.08 -27.41 -13.02
N THR B 204 28.83 -27.82 -14.26
CA THR B 204 29.02 -29.22 -14.62
C THR B 204 30.51 -29.56 -14.64
N ALA B 205 31.30 -28.74 -15.35
CA ALA B 205 32.75 -28.95 -15.39
C ALA B 205 33.34 -29.01 -14.00
N LEU B 206 32.73 -28.32 -13.05
CA LEU B 206 33.19 -28.20 -11.68
C LEU B 206 32.71 -29.33 -10.78
N GLY B 207 31.89 -30.25 -11.29
CA GLY B 207 31.41 -31.35 -10.47
C GLY B 207 30.25 -31.04 -9.56
N LYS B 208 29.58 -29.92 -9.76
CA LYS B 208 28.43 -29.57 -8.95
C LYS B 208 27.10 -29.93 -9.60
N ARG B 209 27.11 -30.36 -10.86
CA ARG B 209 25.97 -30.99 -11.53
C ARG B 209 26.49 -32.18 -12.33
N LYS B 210 25.60 -33.15 -12.57
CA LYS B 210 26.05 -34.37 -13.24
C LYS B 210 26.28 -34.14 -14.73
N PHE B 211 25.43 -33.33 -15.37
CA PHE B 211 25.49 -33.14 -16.81
C PHE B 211 24.90 -31.77 -17.14
N ILE B 212 25.17 -31.31 -18.36
CA ILE B 212 24.43 -30.20 -18.95
C ILE B 212 23.44 -30.78 -19.95
N SER B 213 22.20 -30.35 -19.89
CA SER B 213 21.18 -30.74 -20.86
C SER B 213 21.12 -29.73 -21.98
N ILE B 214 21.21 -30.19 -23.22
CA ILE B 214 20.96 -29.32 -24.36
C ILE B 214 19.46 -29.34 -24.63
N PHE B 215 18.82 -28.16 -24.60
CA PHE B 215 17.38 -28.07 -24.84
C PHE B 215 17.14 -27.90 -26.33
N GLY B 216 17.01 -29.04 -27.03
CA GLY B 216 16.66 -29.02 -28.45
C GLY B 216 17.86 -29.13 -29.38
N THR B 217 17.80 -30.11 -30.30
CA THR B 217 18.90 -30.39 -31.23
C THR B 217 18.39 -30.47 -32.67
N ASP B 218 17.21 -29.90 -32.95
CA ASP B 218 16.59 -29.95 -34.26
C ASP B 218 16.09 -28.58 -34.72
N TYR B 219 16.76 -27.52 -34.29
CA TYR B 219 16.38 -26.16 -34.66
C TYR B 219 16.89 -25.80 -36.06
N PRO B 220 16.25 -24.81 -36.74
CA PRO B 220 16.70 -24.42 -38.09
C PRO B 220 18.00 -23.61 -38.05
N THR B 221 19.00 -24.17 -37.38
CA THR B 221 20.32 -23.70 -37.05
C THR B 221 21.37 -24.60 -37.70
N PRO B 222 22.53 -24.01 -38.11
CA PRO B 222 23.63 -24.83 -38.63
C PRO B 222 23.93 -26.10 -37.84
N ASP B 223 23.96 -26.05 -36.50
CA ASP B 223 24.26 -27.26 -35.75
C ASP B 223 23.05 -27.76 -34.96
N GLY B 224 21.88 -27.15 -35.15
CA GLY B 224 20.66 -27.65 -34.58
C GLY B 224 20.31 -27.14 -33.19
N THR B 225 21.21 -26.41 -32.53
CA THR B 225 20.97 -25.86 -31.21
C THR B 225 20.77 -24.33 -31.28
N CYS B 226 20.13 -23.78 -30.25
CA CYS B 226 19.80 -22.35 -30.25
C CYS B 226 21.04 -21.47 -30.33
N ILE B 227 20.88 -20.33 -30.99
CA ILE B 227 21.94 -19.33 -31.14
C ILE B 227 21.55 -18.09 -30.35
N ARG B 228 22.48 -17.62 -29.52
CA ARG B 228 22.27 -16.45 -28.67
C ARG B 228 23.46 -15.51 -28.76
N ASP B 229 23.21 -14.24 -28.51
CA ASP B 229 24.20 -13.16 -28.49
C ASP B 229 24.67 -12.96 -27.06
N TYR B 230 25.82 -13.55 -26.70
CA TYR B 230 26.34 -13.44 -25.34
C TYR B 230 27.14 -12.16 -25.23
N ILE B 231 26.84 -11.38 -24.20
CA ILE B 231 27.37 -10.03 -24.08
C ILE B 231 27.95 -9.90 -22.67
N HIS B 232 29.23 -9.56 -22.60
CA HIS B 232 29.96 -9.57 -21.34
C HIS B 232 29.46 -8.46 -20.40
N VAL B 233 29.33 -8.80 -19.10
CA VAL B 233 28.77 -7.84 -18.14
C VAL B 233 29.65 -6.59 -17.98
N ASN B 234 30.97 -6.72 -18.14
CA ASN B 234 31.83 -5.54 -18.23
C ASN B 234 31.45 -4.62 -19.37
N ASP B 235 31.10 -5.18 -20.52
CA ASP B 235 30.68 -4.34 -21.64
C ASP B 235 29.30 -3.73 -21.38
N LEU B 236 28.37 -4.50 -20.81
CA LEU B 236 27.10 -3.90 -20.38
C LEU B 236 27.32 -2.76 -19.41
N ALA B 237 28.17 -2.99 -18.39
CA ALA B 237 28.52 -1.94 -17.42
C ALA B 237 29.03 -0.68 -18.12
N ASP B 238 29.90 -0.86 -19.13
CA ASP B 238 30.43 0.31 -19.84
C ASP B 238 29.32 1.08 -20.54
N ALA B 239 28.38 0.36 -21.16
CA ALA B 239 27.30 1.05 -21.87
C ALA B 239 26.41 1.83 -20.90
N HIS B 240 26.26 1.33 -19.67
CA HIS B 240 25.51 2.07 -18.67
C HIS B 240 26.21 3.36 -18.30
N VAL B 241 27.55 3.33 -18.14
CA VAL B 241 28.27 4.57 -17.85
C VAL B 241 28.10 5.56 -18.99
N LEU B 242 28.25 5.08 -20.23
CA LEU B 242 28.05 5.95 -21.39
C LEU B 242 26.61 6.47 -21.47
N GLY B 243 25.63 5.61 -21.22
CA GLY B 243 24.26 6.08 -21.27
C GLY B 243 23.97 7.12 -20.20
N LEU B 244 24.51 6.90 -19.00
CA LEU B 244 24.37 7.88 -17.92
C LEU B 244 24.98 9.23 -18.30
N LYS B 245 26.24 9.22 -18.79
CA LYS B 245 26.88 10.44 -19.25
C LYS B 245 26.04 11.14 -20.30
N TYR B 246 25.59 10.38 -21.31
CA TYR B 246 24.74 10.97 -22.34
C TYR B 246 23.52 11.68 -21.74
N LEU B 247 22.85 11.05 -20.76
CA LEU B 247 21.69 11.69 -20.13
C LEU B 247 22.05 12.95 -19.34
N LEU B 248 23.15 12.89 -18.58
CA LEU B 248 23.59 14.02 -17.77
C LEU B 248 24.03 15.21 -18.62
N LYS B 249 24.42 14.98 -19.87
CA LYS B 249 24.71 16.08 -20.77
C LYS B 249 23.46 16.61 -21.47
N GLY B 250 22.29 16.02 -21.22
CA GLY B 250 21.04 16.52 -21.74
C GLY B 250 20.45 15.76 -22.91
N GLY B 251 20.87 14.51 -23.15
CA GLY B 251 20.36 13.77 -24.29
C GLY B 251 18.90 13.40 -24.15
N ASP B 252 18.23 13.24 -25.28
CA ASP B 252 16.84 12.83 -25.32
C ASP B 252 16.69 11.35 -24.99
N SER B 253 15.46 10.94 -24.68
CA SER B 253 15.18 9.53 -24.42
C SER B 253 15.60 8.70 -25.62
N GLU B 254 16.17 7.52 -25.35
CA GLU B 254 16.67 6.63 -26.40
C GLU B 254 16.48 5.18 -25.95
N VAL B 255 16.45 4.28 -26.93
CA VAL B 255 16.49 2.85 -26.65
C VAL B 255 17.65 2.24 -27.43
N PHE B 256 18.41 1.34 -26.79
CA PHE B 256 19.55 0.65 -27.40
C PHE B 256 19.46 -0.85 -27.16
N ASN B 257 19.67 -1.65 -28.21
CA ASN B 257 20.07 -3.04 -28.02
C ASN B 257 21.50 -3.08 -27.48
N LEU B 258 21.75 -3.98 -26.54
CA LEU B 258 23.12 -4.22 -26.08
C LEU B 258 23.45 -5.67 -26.40
N GLY B 259 24.07 -5.87 -27.56
CA GLY B 259 24.57 -7.18 -27.98
C GLY B 259 25.72 -6.99 -28.95
N ASN B 260 26.44 -8.09 -29.18
CA ASN B 260 27.64 -8.06 -30.02
C ASN B 260 27.34 -8.15 -31.51
N GLY B 261 26.10 -8.44 -31.90
CA GLY B 261 25.81 -8.68 -33.30
C GLY B 261 26.28 -10.02 -33.82
N GLN B 262 26.82 -10.85 -32.94
CA GLN B 262 27.32 -12.19 -33.25
C GLN B 262 26.64 -13.18 -32.32
N GLY B 263 26.45 -14.40 -32.80
CA GLY B 263 25.78 -15.43 -32.03
C GLY B 263 26.67 -16.63 -31.80
N PHE B 264 26.39 -17.35 -30.71
CA PHE B 264 27.05 -18.59 -30.37
C PHE B 264 25.98 -19.63 -30.06
N SER B 265 26.13 -20.82 -30.64
CA SER B 265 25.18 -21.88 -30.41
C SER B 265 25.45 -22.57 -29.08
N VAL B 266 24.47 -23.35 -28.60
CA VAL B 266 24.67 -24.10 -27.37
C VAL B 266 25.87 -25.05 -27.49
N ARG B 267 26.02 -25.71 -28.64
CA ARG B 267 27.19 -26.58 -28.83
C ARG B 267 28.48 -25.79 -28.73
N GLU B 268 28.57 -24.66 -29.44
CA GLU B 268 29.75 -23.82 -29.38
C GLU B 268 30.07 -23.43 -27.94
N VAL B 269 29.05 -23.06 -27.16
CA VAL B 269 29.26 -22.65 -25.78
C VAL B 269 29.80 -23.81 -24.96
N ILE B 270 29.25 -25.01 -25.15
CA ILE B 270 29.80 -26.17 -24.44
C ILE B 270 31.23 -26.46 -24.90
N ALA B 271 31.51 -26.32 -26.21
CA ALA B 271 32.86 -26.54 -26.72
C ALA B 271 33.85 -25.57 -26.06
N ALA B 272 33.52 -24.28 -26.03
CA ALA B 272 34.37 -23.32 -25.34
C ALA B 272 34.48 -23.64 -23.86
N GLY B 273 33.43 -24.22 -23.26
CA GLY B 273 33.53 -24.63 -21.87
C GLY B 273 34.59 -25.69 -21.63
N GLU B 274 34.65 -26.70 -22.50
CA GLU B 274 35.65 -27.75 -22.35
C GLU B 274 37.04 -27.21 -22.62
N GLN B 275 37.20 -26.57 -23.78
CA GLN B 275 38.39 -25.79 -24.14
C GLN B 275 38.93 -24.89 -23.04
N VAL B 276 38.10 -24.09 -22.35
CA VAL B 276 38.62 -23.21 -21.28
C VAL B 276 38.91 -23.97 -19.98
N THR B 277 38.15 -25.01 -19.68
CA THR B 277 38.34 -25.72 -18.43
C THR B 277 39.34 -26.87 -18.55
N GLY B 278 39.45 -27.49 -19.73
CA GLY B 278 40.21 -28.72 -19.88
C GLY B 278 39.62 -29.85 -19.06
N LEU B 279 38.37 -29.70 -18.61
CA LEU B 279 37.68 -30.71 -17.82
C LEU B 279 36.64 -31.42 -18.68
N PRO B 280 36.13 -32.58 -18.24
CA PRO B 280 35.10 -33.25 -19.05
C PRO B 280 33.70 -32.73 -18.74
N ILE B 281 32.91 -32.44 -19.76
CA ILE B 281 31.56 -31.90 -19.55
C ILE B 281 30.54 -32.89 -20.11
N THR B 282 29.79 -33.52 -19.22
CA THR B 282 28.82 -34.54 -19.58
C THR B 282 27.58 -33.88 -20.22
N VAL B 283 27.25 -34.29 -21.45
CA VAL B 283 26.16 -33.70 -22.22
C VAL B 283 25.04 -34.73 -22.37
N GLU B 284 23.80 -34.28 -22.23
CA GLU B 284 22.60 -35.06 -22.57
C GLU B 284 21.73 -34.23 -23.48
N GLU B 285 21.31 -34.81 -24.61
CA GLU B 285 20.44 -34.10 -25.55
C GLU B 285 18.99 -34.30 -25.13
N CYS B 286 18.29 -33.20 -24.85
CA CYS B 286 16.92 -33.26 -24.38
C CYS B 286 16.02 -32.51 -25.34
N ASP B 287 14.74 -32.41 -24.98
CA ASP B 287 13.76 -31.74 -25.82
C ASP B 287 13.94 -30.23 -25.79
N ARG B 288 13.35 -29.58 -26.78
CA ARG B 288 13.21 -28.13 -26.79
C ARG B 288 12.55 -27.64 -25.50
N ARG B 289 13.07 -26.57 -24.98
CA ARG B 289 12.38 -25.81 -23.95
C ARG B 289 11.35 -24.91 -24.63
N PRO B 290 10.09 -24.95 -24.21
CA PRO B 290 9.07 -24.19 -24.95
C PRO B 290 9.36 -22.69 -24.88
N GLY B 291 9.11 -21.99 -25.99
CA GLY B 291 9.28 -20.55 -26.07
C GLY B 291 10.64 -20.04 -26.54
N ASP B 292 11.60 -20.92 -26.80
CA ASP B 292 12.93 -20.50 -27.25
C ASP B 292 12.95 -20.26 -28.76
N PRO B 293 13.26 -19.05 -29.23
CA PRO B 293 13.46 -18.87 -30.66
C PRO B 293 14.79 -19.47 -31.10
N PRO B 294 14.90 -19.90 -32.36
CA PRO B 294 16.16 -20.51 -32.81
C PRO B 294 17.37 -19.60 -32.66
N SER B 295 17.21 -18.31 -32.87
CA SER B 295 18.37 -17.44 -32.92
C SER B 295 17.95 -16.04 -32.46
N LEU B 296 18.67 -15.50 -31.49
CA LEU B 296 18.36 -14.18 -30.95
C LEU B 296 19.67 -13.42 -30.94
N ILE B 297 19.82 -12.51 -31.89
CA ILE B 297 21.04 -11.71 -32.06
C ILE B 297 20.64 -10.27 -32.27
N GLY B 298 21.37 -9.36 -31.65
CA GLY B 298 21.01 -7.96 -31.59
C GLY B 298 21.94 -7.11 -32.44
N SER B 299 21.35 -6.18 -33.18
CA SER B 299 22.12 -5.13 -33.84
C SER B 299 22.54 -4.12 -32.77
N GLY B 300 23.84 -4.05 -32.49
CA GLY B 300 24.43 -3.10 -31.57
C GLY B 300 24.87 -1.79 -32.20
N GLU B 301 24.50 -1.53 -33.46
CA GLU B 301 25.00 -0.37 -34.21
C GLU B 301 24.62 0.95 -33.55
N LYS B 302 23.38 1.08 -33.13
CA LYS B 302 22.91 2.36 -32.60
C LYS B 302 23.69 2.75 -31.35
N ALA B 303 23.98 1.78 -30.48
CA ALA B 303 24.76 2.10 -29.29
C ALA B 303 26.19 2.47 -29.66
N ARG B 304 26.74 1.78 -30.66
CA ARG B 304 28.09 2.10 -31.12
C ARG B 304 28.16 3.51 -31.64
N LYS B 305 27.11 3.96 -32.32
CA LYS B 305 27.32 5.21 -33.03
C LYS B 305 26.85 6.39 -32.20
N ILE B 306 25.86 6.20 -31.34
CA ILE B 306 25.37 7.29 -30.51
C ILE B 306 26.11 7.39 -29.17
N LEU B 307 26.50 6.27 -28.57
CA LEU B 307 27.20 6.33 -27.29
C LEU B 307 28.69 6.17 -27.41
N GLY B 308 29.20 5.75 -28.57
CA GLY B 308 30.60 5.38 -28.63
C GLY B 308 30.90 4.04 -28.01
N TRP B 309 29.88 3.19 -27.86
CA TRP B 309 30.04 1.92 -27.16
C TRP B 309 30.98 1.01 -27.94
N GLN B 310 31.95 0.41 -27.24
CA GLN B 310 32.89 -0.51 -27.87
C GLN B 310 33.01 -1.73 -26.98
N PRO B 311 32.27 -2.79 -27.26
CA PRO B 311 32.45 -4.02 -26.49
C PRO B 311 33.87 -4.54 -26.61
N GLN B 312 34.43 -4.92 -25.48
CA GLN B 312 35.82 -5.27 -25.27
C GLN B 312 36.06 -6.78 -25.14
N TYR B 313 35.04 -7.56 -24.77
CA TYR B 313 35.17 -9.02 -24.64
C TYR B 313 34.07 -9.69 -25.46
N SER B 314 34.12 -9.55 -26.78
CA SER B 314 33.17 -10.18 -27.67
C SER B 314 33.45 -11.66 -27.92
N SER B 315 34.61 -12.16 -27.51
CA SER B 315 35.00 -13.54 -27.76
C SER B 315 34.35 -14.48 -26.76
N ILE B 316 33.89 -15.64 -27.25
CA ILE B 316 33.21 -16.56 -26.33
C ILE B 316 34.21 -17.09 -25.32
N LYS B 317 35.48 -17.23 -25.71
CA LYS B 317 36.46 -17.75 -24.78
C LYS B 317 36.82 -16.71 -23.72
N ASP B 318 36.87 -15.42 -24.07
CA ASP B 318 36.98 -14.38 -23.06
C ASP B 318 35.83 -14.47 -22.05
N ILE B 319 34.59 -14.47 -22.55
CA ILE B 319 33.43 -14.54 -21.67
C ILE B 319 33.50 -15.77 -20.79
N VAL B 320 33.81 -16.92 -21.39
CA VAL B 320 33.76 -18.16 -20.62
C VAL B 320 34.98 -18.28 -19.68
N SER B 321 36.16 -17.78 -20.07
CA SER B 321 37.30 -17.78 -19.15
C SER B 321 36.97 -16.99 -17.88
N HIS B 322 36.54 -15.74 -18.06
CA HIS B 322 36.23 -14.91 -16.91
C HIS B 322 35.19 -15.57 -16.03
N ALA B 323 34.16 -16.17 -16.63
CA ALA B 323 33.16 -16.85 -15.81
C ALA B 323 33.79 -18.01 -15.07
N TRP B 324 34.69 -18.76 -15.74
CA TRP B 324 35.34 -19.92 -15.13
C TRP B 324 36.17 -19.51 -13.91
N GLN B 325 37.01 -18.49 -14.06
CA GLN B 325 37.75 -17.94 -12.93
C GLN B 325 36.83 -17.63 -11.76
N TRP B 326 35.66 -17.06 -12.03
CA TRP B 326 34.77 -16.66 -10.95
C TRP B 326 34.11 -17.86 -10.29
N HIS B 327 33.66 -18.84 -11.09
CA HIS B 327 32.89 -19.94 -10.52
C HIS B 327 33.76 -20.85 -9.66
N GLN B 328 35.04 -21.03 -10.02
CA GLN B 328 35.94 -21.81 -9.18
C GLN B 328 36.06 -21.22 -7.78
N LYS B 329 36.23 -19.90 -7.69
CA LYS B 329 36.28 -19.26 -6.38
C LYS B 329 34.92 -19.29 -5.70
N ARG B 330 33.86 -18.87 -6.39
CA ARG B 330 32.61 -18.59 -5.68
C ARG B 330 31.83 -19.85 -5.33
N HIS B 331 31.88 -20.87 -6.18
CA HIS B 331 31.06 -22.07 -6.01
C HIS B 331 31.92 -23.31 -5.79
N GLN B 332 33.02 -23.18 -5.04
CA GLN B 332 33.82 -24.33 -4.59
C GLN B 332 32.95 -25.43 -4.00
N GLY C 4 -2.64 36.50 0.26
CA GLY C 4 -2.72 36.74 1.69
C GLY C 4 -3.43 35.69 2.53
N LYS C 5 -4.62 35.23 2.09
CA LYS C 5 -5.34 34.18 2.80
C LYS C 5 -4.51 32.94 3.06
N PRO C 6 -4.35 32.54 4.32
CA PRO C 6 -3.77 31.22 4.61
C PRO C 6 -4.63 30.10 4.03
N SER C 7 -3.95 29.12 3.45
CA SER C 7 -4.60 28.01 2.76
C SER C 7 -4.67 26.81 3.70
N ILE C 8 -5.86 26.24 3.84
CA ILE C 8 -6.12 25.18 4.80
C ILE C 8 -6.59 23.93 4.06
N LEU C 9 -6.01 22.79 4.41
CA LEU C 9 -6.53 21.49 4.01
C LEU C 9 -7.34 20.94 5.16
N VAL C 10 -8.61 20.62 4.89
CA VAL C 10 -9.51 20.05 5.88
C VAL C 10 -9.86 18.65 5.40
N THR C 11 -9.43 17.63 6.14
CA THR C 11 -9.82 16.29 5.77
C THR C 11 -11.10 15.98 6.52
N GLY C 12 -12.01 15.25 5.88
CA GLY C 12 -13.30 15.03 6.48
C GLY C 12 -14.23 16.22 6.42
N GLY C 13 -13.90 17.24 5.62
CA GLY C 13 -14.71 18.43 5.53
C GLY C 13 -16.12 18.19 5.04
N ALA C 14 -16.38 17.05 4.41
CA ALA C 14 -17.72 16.79 3.94
C ALA C 14 -18.62 16.22 5.03
N GLY C 15 -18.09 15.91 6.21
CA GLY C 15 -18.87 15.29 7.27
C GLY C 15 -19.51 16.33 8.17
N TYR C 16 -20.06 15.83 9.29
CA TYR C 16 -20.82 16.61 10.27
C TYR C 16 -20.00 17.77 10.84
N ILE C 17 -19.01 17.46 11.68
CA ILE C 17 -18.25 18.53 12.33
C ILE C 17 -17.40 19.29 11.32
N GLY C 18 -16.78 18.56 10.38
CA GLY C 18 -15.90 19.21 9.42
C GLY C 18 -16.59 20.27 8.57
N SER C 19 -17.80 19.97 8.07
CA SER C 19 -18.49 20.91 7.19
C SER C 19 -18.80 22.21 7.92
N HIS C 20 -19.16 22.11 9.21
CA HIS C 20 -19.43 23.34 9.95
C HIS C 20 -18.15 24.11 10.20
N THR C 21 -17.07 23.40 10.58
CA THR C 21 -15.78 24.07 10.68
C THR C 21 -15.39 24.71 9.36
N VAL C 22 -15.66 24.06 8.23
CA VAL C 22 -15.31 24.65 6.94
C VAL C 22 -15.99 26.00 6.78
N LEU C 23 -17.31 26.03 7.01
CA LEU C 23 -18.06 27.27 6.87
C LEU C 23 -17.52 28.36 7.80
N ALA C 24 -17.06 27.99 9.00
CA ALA C 24 -16.51 28.97 9.93
C ALA C 24 -15.17 29.53 9.44
N LEU C 25 -14.35 28.71 8.78
CA LEU C 25 -13.05 29.16 8.26
C LEU C 25 -13.19 30.02 7.00
N LYS C 26 -14.03 29.58 6.07
CA LYS C 26 -14.33 30.39 4.89
C LYS C 26 -14.84 31.76 5.29
N GLN C 27 -15.66 31.82 6.34
CA GLN C 27 -16.16 33.11 6.80
C GLN C 27 -15.08 33.90 7.53
N ALA C 28 -14.16 33.21 8.24
CA ALA C 28 -13.07 33.88 8.92
C ALA C 28 -11.95 34.32 7.97
N GLY C 29 -12.11 34.08 6.67
CA GLY C 29 -11.16 34.58 5.68
C GLY C 29 -10.02 33.63 5.40
N TYR C 30 -10.35 32.36 5.19
CA TYR C 30 -9.35 31.35 4.87
C TYR C 30 -9.72 30.68 3.56
N ASP C 31 -8.69 30.17 2.89
CA ASP C 31 -8.86 29.39 1.67
C ASP C 31 -8.86 27.92 2.07
N VAL C 32 -9.90 27.20 1.66
CA VAL C 32 -10.09 25.83 2.11
C VAL C 32 -10.13 24.88 0.93
N VAL C 33 -9.36 23.79 1.03
CA VAL C 33 -9.52 22.61 0.20
C VAL C 33 -9.98 21.48 1.11
N ILE C 34 -10.92 20.68 0.62
CA ILE C 34 -11.46 19.55 1.38
C ILE C 34 -10.93 18.27 0.78
N LEU C 35 -10.42 17.39 1.63
CA LEU C 35 -10.10 16.02 1.26
C LEU C 35 -11.03 15.09 2.02
N ASP C 36 -11.84 14.33 1.29
CA ASP C 36 -12.87 13.50 1.90
C ASP C 36 -13.12 12.36 0.93
N ASN C 37 -13.21 11.13 1.42
CA ASN C 37 -13.51 9.98 0.58
C ASN C 37 -15.01 9.69 0.48
N LEU C 38 -15.84 10.55 1.06
CA LEU C 38 -17.29 10.49 0.90
C LEU C 38 -17.87 9.17 1.40
N VAL C 39 -17.15 8.45 2.25
CA VAL C 39 -17.72 7.23 2.82
C VAL C 39 -18.91 7.56 3.71
N TYR C 40 -18.87 8.72 4.38
CA TYR C 40 -19.99 9.22 5.20
C TYR C 40 -20.38 10.66 4.92
N GLY C 41 -19.48 11.50 4.40
CA GLY C 41 -19.84 12.87 4.06
C GLY C 41 -20.62 12.97 2.75
N HIS C 42 -20.94 14.19 2.35
CA HIS C 42 -21.89 14.39 1.25
C HIS C 42 -21.38 15.45 0.30
N ARG C 43 -21.24 15.07 -0.97
CA ARG C 43 -20.71 16.02 -1.93
C ARG C 43 -21.66 17.21 -2.12
N ASP C 44 -22.97 16.97 -2.07
CA ASP C 44 -23.93 18.03 -2.37
C ASP C 44 -23.80 19.19 -1.41
N LEU C 45 -23.66 18.91 -0.12
CA LEU C 45 -23.49 19.98 0.85
C LEU C 45 -22.19 20.75 0.59
N VAL C 46 -21.12 20.04 0.22
CA VAL C 46 -19.86 20.71 -0.09
C VAL C 46 -20.00 21.61 -1.32
N GLU C 47 -20.55 21.07 -2.41
CA GLU C 47 -20.73 21.90 -3.60
C GLU C 47 -21.77 23.01 -3.40
N LYS C 48 -22.88 22.73 -2.71
CA LYS C 48 -23.91 23.77 -2.65
C LYS C 48 -23.74 24.80 -1.55
N VAL C 49 -23.37 24.37 -0.34
CA VAL C 49 -23.34 25.26 0.80
C VAL C 49 -21.92 25.76 1.03
N LEU C 50 -20.97 24.84 1.16
CA LEU C 50 -19.60 25.23 1.48
C LEU C 50 -18.96 25.95 0.31
N GLN C 51 -19.12 25.41 -0.90
CA GLN C 51 -18.56 26.01 -2.10
C GLN C 51 -17.05 26.22 -1.97
N VAL C 52 -16.37 25.15 -1.59
CA VAL C 52 -14.92 25.07 -1.71
C VAL C 52 -14.61 23.87 -2.57
N GLU C 53 -13.35 23.82 -3.03
CA GLU C 53 -12.89 22.70 -3.82
C GLU C 53 -12.91 21.42 -2.98
N LEU C 54 -13.38 20.33 -3.58
CA LEU C 54 -13.42 19.04 -2.92
C LEU C 54 -12.56 18.03 -3.68
N VAL C 55 -11.59 17.43 -3.00
CA VAL C 55 -10.80 16.33 -3.55
C VAL C 55 -11.31 15.03 -2.95
N VAL C 56 -11.77 14.12 -3.79
CA VAL C 56 -12.31 12.85 -3.34
C VAL C 56 -11.15 11.86 -3.25
N GLY C 57 -10.79 11.48 -2.04
CA GLY C 57 -9.62 10.65 -1.86
C GLY C 57 -9.46 10.31 -0.40
N ASP C 58 -8.58 9.36 -0.16
CA ASP C 58 -8.35 8.81 1.15
C ASP C 58 -7.11 9.42 1.77
N THR C 59 -7.17 9.75 3.06
CA THR C 59 -5.98 10.25 3.73
C THR C 59 -4.93 9.16 3.93
N GLY C 60 -5.28 7.89 3.73
CA GLY C 60 -4.27 6.85 3.69
C GLY C 60 -3.55 6.68 2.36
N ASP C 61 -3.86 7.49 1.35
CA ASP C 61 -3.38 7.30 -0.03
C ASP C 61 -2.12 8.16 -0.26
N ARG C 62 -0.95 7.58 0.06
CA ARG C 62 0.30 8.33 -0.07
C ARG C 62 0.55 8.87 -1.48
N PRO C 63 0.38 8.09 -2.57
CA PRO C 63 0.59 8.71 -3.90
C PRO C 63 -0.32 9.92 -4.14
N LEU C 64 -1.57 9.86 -3.68
CA LEU C 64 -2.48 10.99 -3.89
C LEU C 64 -2.07 12.19 -3.05
N LEU C 65 -1.61 11.97 -1.83
CA LEU C 65 -1.17 13.07 -0.98
C LEU C 65 0.07 13.74 -1.58
N ASP C 66 1.06 12.94 -2.01
CA ASP C 66 2.31 13.47 -2.58
C ASP C 66 2.06 14.41 -3.76
N GLU C 67 1.30 13.95 -4.78
CA GLU C 67 0.59 14.79 -5.76
C GLU C 67 -0.14 16.01 -5.22
N LEU C 68 -0.90 15.89 -4.13
CA LEU C 68 -1.68 17.05 -3.69
C LEU C 68 -0.80 18.11 -3.04
N PHE C 69 0.10 17.69 -2.16
CA PHE C 69 0.90 18.64 -1.40
C PHE C 69 1.94 19.36 -2.26
N LYS C 70 2.24 18.85 -3.46
CA LYS C 70 3.15 19.57 -4.36
C LYS C 70 2.41 20.46 -5.34
N SER C 71 1.12 20.23 -5.55
CA SER C 71 0.28 21.07 -6.39
C SER C 71 -0.08 22.40 -5.75
N ARG C 72 0.06 22.53 -4.43
CA ARG C 72 -0.60 23.60 -3.68
C ARG C 72 0.23 23.94 -2.46
N HIS C 73 0.20 25.21 -2.09
CA HIS C 73 0.74 25.60 -0.81
C HIS C 73 -0.36 25.49 0.25
N PHE C 74 -0.08 24.75 1.30
CA PHE C 74 -0.93 24.72 2.48
C PHE C 74 -0.13 25.25 3.66
N ASP C 75 -0.83 25.94 4.56
CA ASP C 75 -0.20 26.41 5.78
C ASP C 75 -0.59 25.58 7.01
N ALA C 76 -1.65 24.78 6.92
CA ALA C 76 -2.08 23.92 8.00
C ALA C 76 -3.03 22.86 7.46
N VAL C 77 -3.11 21.75 8.20
CA VAL C 77 -4.05 20.67 7.92
C VAL C 77 -4.93 20.47 9.15
N MET C 78 -6.24 20.35 8.93
CA MET C 78 -7.19 19.94 9.96
C MET C 78 -7.70 18.54 9.64
N HIS C 79 -7.63 17.65 10.62
CA HIS C 79 -7.89 16.23 10.41
C HIS C 79 -9.18 15.84 11.13
N PHE C 80 -10.30 15.87 10.41
CA PHE C 80 -11.58 15.33 10.88
C PHE C 80 -11.81 13.89 10.42
N SER C 81 -11.07 13.46 9.43
CA SER C 81 -11.29 12.15 8.83
C SER C 81 -10.98 11.02 9.81
N ALA C 82 -11.98 10.18 10.10
CA ALA C 82 -11.85 8.99 10.93
C ALA C 82 -13.20 8.25 10.91
N TYR C 83 -13.19 7.01 11.36
CA TYR C 83 -14.42 6.31 11.71
C TYR C 83 -14.67 6.50 13.20
N ALA C 84 -15.94 6.68 13.58
CA ALA C 84 -16.26 7.13 14.94
C ALA C 84 -17.41 6.37 15.60
N TYR C 85 -17.73 5.16 15.14
CA TYR C 85 -18.79 4.34 15.75
C TYR C 85 -18.16 3.46 16.83
N VAL C 86 -18.40 3.81 18.10
CA VAL C 86 -17.86 3.05 19.22
C VAL C 86 -18.21 1.57 19.11
N GLY C 87 -19.48 1.26 18.85
CA GLY C 87 -19.89 -0.13 18.81
C GLY C 87 -19.21 -0.95 17.72
N GLU C 88 -19.01 -0.35 16.54
CA GLU C 88 -18.37 -1.09 15.46
C GLU C 88 -16.88 -1.28 15.69
N SER C 89 -16.23 -0.35 16.40
CA SER C 89 -14.81 -0.55 16.73
C SER C 89 -14.59 -1.78 17.59
N VAL C 90 -15.56 -2.12 18.46
CA VAL C 90 -15.40 -3.30 19.30
C VAL C 90 -15.53 -4.57 18.47
N SER C 91 -16.43 -4.56 17.48
CA SER C 91 -16.64 -5.75 16.66
C SER C 91 -15.64 -5.86 15.50
N ASP C 92 -15.22 -4.73 14.91
CA ASP C 92 -14.28 -4.82 13.79
C ASP C 92 -13.21 -3.74 14.03
N PRO C 93 -12.24 -4.02 14.91
CA PRO C 93 -11.23 -2.99 15.20
C PRO C 93 -10.21 -2.81 14.09
N ALA C 94 -9.87 -3.89 13.36
CA ALA C 94 -8.86 -3.80 12.30
C ALA C 94 -9.07 -2.57 11.43
N LYS C 95 -10.30 -2.36 10.99
CA LYS C 95 -10.64 -1.24 10.14
C LYS C 95 -10.43 0.09 10.86
N TYR C 96 -10.62 0.08 12.17
CA TYR C 96 -10.48 1.33 12.92
C TYR C 96 -9.01 1.71 13.10
N TYR C 97 -8.15 0.73 13.38
CA TYR C 97 -6.72 1.00 13.42
C TYR C 97 -6.20 1.43 12.05
N ARG C 98 -6.71 0.83 10.96
CA ARG C 98 -6.29 1.22 9.61
C ARG C 98 -6.67 2.66 9.34
N ASN C 99 -7.95 2.98 9.46
CA ASN C 99 -8.41 4.32 9.09
C ASN C 99 -7.88 5.37 10.05
N ASN C 100 -7.92 5.09 11.34
CA ASN C 100 -7.68 6.18 12.30
C ASN C 100 -6.19 6.36 12.62
N VAL C 101 -5.42 5.25 12.70
CA VAL C 101 -4.00 5.36 13.03
C VAL C 101 -3.12 5.37 11.77
N LEU C 102 -3.23 4.35 10.91
CA LEU C 102 -2.45 4.37 9.66
C LEU C 102 -2.82 5.56 8.80
N GLY C 103 -4.11 5.78 8.56
CA GLY C 103 -4.51 6.90 7.72
C GLY C 103 -3.92 8.23 8.18
N THR C 104 -3.88 8.43 9.50
CA THR C 104 -3.30 9.66 10.05
C THR C 104 -1.77 9.67 9.95
N LEU C 105 -1.13 8.54 10.25
CA LEU C 105 0.32 8.47 10.08
C LEU C 105 0.73 8.82 8.66
N THR C 106 0.09 8.19 7.66
CA THR C 106 0.38 8.49 6.27
C THR C 106 0.24 9.97 5.98
N LEU C 107 -0.82 10.59 6.51
CA LEU C 107 -1.04 12.01 6.29
C LEU C 107 0.04 12.84 6.99
N LEU C 108 0.50 12.41 8.16
CA LEU C 108 1.52 13.16 8.87
C LEU C 108 2.85 13.12 8.12
N GLU C 109 3.30 11.91 7.76
CA GLU C 109 4.48 11.76 6.89
C GLU C 109 4.39 12.64 5.65
N ALA C 110 3.25 12.59 4.95
CA ALA C 110 3.13 13.38 3.73
C ALA C 110 3.26 14.87 4.01
N MET C 111 2.65 15.36 5.09
CA MET C 111 2.74 16.78 5.43
C MET C 111 4.18 17.21 5.69
N LEU C 112 4.93 16.39 6.44
CA LEU C 112 6.28 16.79 6.82
C LEU C 112 7.23 16.78 5.62
N ALA C 113 6.98 15.89 4.65
CA ALA C 113 7.74 15.93 3.40
C ALA C 113 7.49 17.25 2.68
N ALA C 114 6.27 17.77 2.77
CA ALA C 114 5.89 19.03 2.16
C ALA C 114 6.16 20.23 3.05
N SER C 115 6.84 20.03 4.19
CA SER C 115 7.22 21.10 5.10
C SER C 115 5.99 21.85 5.63
N ILE C 116 4.98 21.09 6.03
CA ILE C 116 3.82 21.64 6.76
C ILE C 116 3.92 21.11 8.19
N ASN C 117 3.93 22.01 9.15
CA ASN C 117 4.14 21.57 10.53
C ASN C 117 3.07 22.12 11.48
N LYS C 118 1.90 22.50 10.96
CA LYS C 118 0.77 22.97 11.75
C LYS C 118 -0.42 22.03 11.54
N PHE C 119 -0.87 21.40 12.61
CA PHE C 119 -1.85 20.32 12.57
C PHE C 119 -2.92 20.51 13.64
N VAL C 120 -4.18 20.23 13.29
CA VAL C 120 -5.31 20.27 14.23
C VAL C 120 -6.05 18.94 14.17
N PHE C 121 -6.11 18.24 15.31
CA PHE C 121 -6.58 16.87 15.36
C PHE C 121 -7.90 16.77 16.12
N SER C 122 -8.87 16.04 15.52
CA SER C 122 -10.15 15.69 16.15
C SER C 122 -9.94 14.50 17.08
N SER C 123 -9.85 14.76 18.39
CA SER C 123 -9.78 13.67 19.34
C SER C 123 -11.12 13.59 20.10
N THR C 124 -11.09 13.02 21.31
CA THR C 124 -12.35 12.61 21.93
C THR C 124 -12.17 12.30 23.41
N CYS C 125 -13.16 12.66 24.21
CA CYS C 125 -13.22 12.23 25.61
C CYS C 125 -13.38 10.72 25.76
N ALA C 126 -13.61 9.98 24.68
CA ALA C 126 -13.44 8.55 24.79
C ALA C 126 -11.98 8.16 25.06
N THR C 127 -11.02 9.10 24.94
CA THR C 127 -9.65 8.76 25.33
C THR C 127 -9.47 8.63 26.84
N TYR C 128 -10.40 9.19 27.64
CA TYR C 128 -10.25 9.12 29.09
C TYR C 128 -10.63 7.77 29.67
N GLY C 129 -11.59 7.08 29.08
CA GLY C 129 -12.13 5.90 29.74
C GLY C 129 -13.16 6.30 30.80
N VAL C 130 -13.30 5.46 31.82
CA VAL C 130 -14.19 5.79 32.94
C VAL C 130 -13.51 6.84 33.79
N PRO C 131 -14.11 8.02 33.95
CA PRO C 131 -13.49 9.06 34.77
C PRO C 131 -13.61 8.74 36.24
N LYS C 132 -12.63 9.20 37.00
CA LYS C 132 -12.72 9.14 38.46
C LYS C 132 -13.35 10.39 39.03
N THR C 133 -13.56 11.41 38.20
CA THR C 133 -13.84 12.77 38.65
C THR C 133 -14.52 13.50 37.50
N VAL C 134 -15.76 13.93 37.70
CA VAL C 134 -16.41 14.80 36.71
C VAL C 134 -16.63 16.18 37.34
N PRO C 135 -16.37 17.29 36.63
CA PRO C 135 -15.89 17.40 35.23
C PRO C 135 -14.46 16.86 35.04
N ILE C 136 -14.04 16.67 33.80
CA ILE C 136 -12.77 16.03 33.49
C ILE C 136 -11.81 17.09 33.01
N PRO C 137 -10.61 17.21 33.62
CA PRO C 137 -9.59 18.13 33.12
C PRO C 137 -8.68 17.45 32.11
N GLU C 138 -8.04 18.27 31.27
CA GLU C 138 -7.17 17.78 30.20
C GLU C 138 -6.04 16.88 30.69
N ASP C 139 -5.70 16.88 31.98
CA ASP C 139 -4.59 16.09 32.51
C ASP C 139 -5.04 14.80 33.21
N HIS C 140 -6.33 14.48 33.16
CA HIS C 140 -6.82 13.22 33.68
C HIS C 140 -6.16 12.07 32.91
N PRO C 141 -5.86 10.94 33.57
CA PRO C 141 -5.26 9.79 32.84
C PRO C 141 -6.12 9.38 31.66
N GLN C 142 -5.48 8.77 30.66
CA GLN C 142 -6.14 8.34 29.43
C GLN C 142 -6.12 6.81 29.35
N ASN C 143 -7.20 6.18 29.82
CA ASN C 143 -7.34 4.72 29.82
C ASN C 143 -8.58 4.31 29.02
N PRO C 144 -8.58 4.52 27.70
CA PRO C 144 -9.80 4.30 26.92
C PRO C 144 -10.29 2.85 27.01
N ILE C 145 -11.61 2.67 26.95
CA ILE C 145 -12.17 1.34 27.10
C ILE C 145 -12.61 0.71 25.78
N ASN C 146 -12.67 1.47 24.69
CA ASN C 146 -13.02 0.90 23.39
C ASN C 146 -11.92 1.14 22.36
N PRO C 147 -11.80 0.26 21.35
CA PRO C 147 -10.75 0.47 20.34
C PRO C 147 -10.80 1.84 19.68
N TYR C 148 -11.99 2.42 19.51
CA TYR C 148 -12.07 3.74 18.89
C TYR C 148 -11.31 4.77 19.71
N GLY C 149 -11.57 4.80 21.02
CA GLY C 149 -10.85 5.72 21.88
C GLY C 149 -9.35 5.46 21.91
N ALA C 150 -8.96 4.19 21.83
CA ALA C 150 -7.55 3.83 21.76
C ALA C 150 -6.89 4.39 20.50
N THR C 151 -7.54 4.23 19.32
CA THR C 151 -6.96 4.78 18.10
C THR C 151 -6.71 6.27 18.25
N LYS C 152 -7.64 6.98 18.90
CA LYS C 152 -7.42 8.41 19.09
C LYS C 152 -6.27 8.70 20.07
N LEU C 153 -6.13 7.89 21.12
CA LEU C 153 -5.00 8.10 22.05
C LEU C 153 -3.67 7.83 21.35
N MET C 154 -3.62 6.76 20.54
CA MET C 154 -2.42 6.45 19.76
C MET C 154 -2.01 7.63 18.89
N VAL C 155 -2.95 8.29 18.25
CA VAL C 155 -2.57 9.40 17.40
C VAL C 155 -2.03 10.56 18.24
N GLU C 156 -2.63 10.81 19.40
CA GLU C 156 -2.09 11.83 20.29
C GLU C 156 -0.64 11.53 20.66
N ARG C 157 -0.34 10.28 20.99
CA ARG C 157 1.03 9.92 21.31
C ARG C 157 1.96 10.13 20.12
N ILE C 158 1.61 9.56 18.96
CA ILE C 158 2.37 9.83 17.73
C ILE C 158 2.55 11.31 17.52
N LEU C 159 1.50 12.10 17.79
CA LEU C 159 1.59 13.56 17.59
C LEU C 159 2.62 14.17 18.53
N ALA C 160 2.73 13.63 19.74
CA ALA C 160 3.70 14.16 20.69
C ALA C 160 5.13 13.89 20.19
N ASP C 161 5.37 12.67 19.73
CA ASP C 161 6.68 12.28 19.25
C ASP C 161 7.07 13.00 17.97
N PHE C 162 6.11 13.28 17.08
CA PHE C 162 6.41 14.06 15.88
C PHE C 162 6.73 15.51 16.21
N ASP C 163 6.22 16.02 17.33
CA ASP C 163 6.68 17.31 17.85
C ASP C 163 8.18 17.24 18.16
N VAL C 164 8.56 16.31 19.04
CA VAL C 164 9.97 16.18 19.44
C VAL C 164 10.88 16.05 18.23
N ALA C 165 10.48 15.25 17.23
CA ALA C 165 11.42 14.84 16.20
C ALA C 165 11.42 15.72 14.96
N TYR C 166 10.29 16.32 14.59
CA TYR C 166 10.19 17.05 13.34
C TYR C 166 9.68 18.47 13.49
N GLY C 167 9.44 18.96 14.71
CA GLY C 167 8.89 20.29 14.86
C GLY C 167 7.42 20.42 14.52
N LEU C 168 6.65 19.34 14.69
CA LEU C 168 5.22 19.35 14.36
C LEU C 168 4.45 19.99 15.51
N LYS C 169 3.79 21.11 15.22
CA LYS C 169 2.99 21.84 16.20
C LYS C 169 1.52 21.48 15.98
N SER C 170 0.91 20.84 16.97
CA SER C 170 -0.45 20.36 16.79
C SER C 170 -1.34 20.70 17.97
N VAL C 171 -2.54 21.21 17.68
CA VAL C 171 -3.61 21.38 18.65
C VAL C 171 -4.49 20.15 18.63
N ARG C 172 -4.50 19.41 19.74
CA ARG C 172 -5.43 18.31 19.96
C ARG C 172 -6.70 18.86 20.63
N PHE C 173 -7.85 18.60 20.03
CA PHE C 173 -9.15 18.95 20.59
C PHE C 173 -9.85 17.67 21.03
N ARG C 174 -10.22 17.59 22.29
CA ARG C 174 -11.00 16.45 22.76
C ARG C 174 -12.47 16.87 22.82
N TYR C 175 -13.24 16.51 21.79
CA TYR C 175 -14.67 16.84 21.75
C TYR C 175 -15.44 16.00 22.75
N PHE C 176 -16.54 16.55 23.23
CA PHE C 176 -17.46 15.68 23.94
C PHE C 176 -18.53 15.24 22.93
N ASN C 177 -19.81 15.50 23.15
CA ASN C 177 -20.84 14.99 22.25
C ASN C 177 -21.29 16.10 21.29
N ALA C 178 -20.78 16.08 20.06
CA ALA C 178 -21.18 17.11 19.09
C ALA C 178 -22.67 16.96 18.80
N ALA C 179 -23.32 18.09 18.55
CA ALA C 179 -24.77 18.14 18.50
C ALA C 179 -25.18 19.45 17.86
N GLY C 180 -26.47 19.55 17.52
CA GLY C 180 -26.95 20.76 16.90
C GLY C 180 -26.72 20.77 15.40
N ALA C 181 -26.95 21.95 14.83
CA ALA C 181 -26.82 22.16 13.40
C ALA C 181 -26.64 23.65 13.17
N ASN C 182 -26.23 23.98 11.96
CA ASN C 182 -26.17 25.37 11.54
C ASN C 182 -27.52 26.06 11.79
N PRO C 183 -27.53 27.22 12.47
CA PRO C 183 -28.83 27.86 12.80
C PRO C 183 -29.72 28.19 11.61
N ASP C 184 -29.18 28.42 10.41
CA ASP C 184 -30.02 28.68 9.24
C ASP C 184 -30.48 27.42 8.53
N GLY C 185 -30.15 26.23 9.06
CA GLY C 185 -30.52 24.99 8.40
C GLY C 185 -29.66 24.64 7.20
N LEU C 186 -28.50 25.27 7.06
CA LEU C 186 -27.68 25.03 5.87
C LEU C 186 -26.98 23.67 5.94
N LEU C 187 -26.55 23.26 7.14
CA LEU C 187 -25.83 22.03 7.37
C LEU C 187 -26.35 21.37 8.63
N GLY C 188 -26.15 20.06 8.73
CA GLY C 188 -26.48 19.34 9.94
C GLY C 188 -25.92 17.93 9.87
N GLU C 189 -26.22 17.16 10.91
CA GLU C 189 -25.84 15.75 10.95
C GLU C 189 -26.56 14.97 9.85
N ASP C 190 -25.83 14.15 9.12
CA ASP C 190 -26.46 13.31 8.08
C ASP C 190 -25.64 12.01 7.96
N HIS C 191 -25.83 11.14 8.93
CA HIS C 191 -25.12 9.87 8.99
C HIS C 191 -26.04 8.76 8.54
N ASN C 192 -25.52 7.85 7.72
CA ASN C 192 -26.23 6.62 7.36
C ASN C 192 -25.34 5.40 7.54
N PRO C 193 -25.64 4.50 8.49
CA PRO C 193 -26.78 4.57 9.42
C PRO C 193 -26.53 5.60 10.52
N GLU C 194 -27.59 6.17 11.08
CA GLU C 194 -27.41 7.07 12.20
C GLU C 194 -27.43 6.28 13.49
N THR C 195 -26.51 6.61 14.40
CA THR C 195 -26.44 5.97 15.70
C THR C 195 -26.49 6.94 16.87
N HIS C 196 -26.37 8.24 16.64
CA HIS C 196 -26.25 9.13 17.79
C HIS C 196 -27.64 9.39 18.38
N LEU C 197 -27.65 9.79 19.66
CA LEU C 197 -28.90 9.91 20.42
C LEU C 197 -29.83 10.97 19.82
N ILE C 198 -29.35 12.20 19.67
CA ILE C 198 -30.24 13.29 19.25
C ILE C 198 -30.81 13.09 17.85
N PRO C 199 -30.03 12.80 16.82
CA PRO C 199 -30.65 12.47 15.52
C PRO C 199 -31.70 11.37 15.60
N LEU C 200 -31.45 10.32 16.37
CA LEU C 200 -32.39 9.21 16.46
C LEU C 200 -33.65 9.61 17.24
N VAL C 201 -33.49 10.44 18.27
CA VAL C 201 -34.66 10.95 18.99
C VAL C 201 -35.57 11.72 18.04
N LEU C 202 -34.97 12.61 17.23
CA LEU C 202 -35.74 13.44 16.31
C LEU C 202 -36.28 12.65 15.13
N LEU C 203 -35.53 11.63 14.68
CA LEU C 203 -36.08 10.75 13.65
C LEU C 203 -37.24 9.92 14.19
N THR C 204 -37.27 9.66 15.50
CA THR C 204 -38.46 9.04 16.09
C THR C 204 -39.66 10.00 16.02
N ALA C 205 -39.47 11.25 16.47
CA ALA C 205 -40.55 12.22 16.40
C ALA C 205 -41.07 12.38 14.97
N LEU C 206 -40.15 12.34 13.99
CA LEU C 206 -40.47 12.50 12.59
C LEU C 206 -41.24 11.32 12.01
N GLY C 207 -41.45 10.24 12.77
CA GLY C 207 -42.05 9.04 12.24
C GLY C 207 -41.10 8.10 11.51
N LYS C 208 -39.82 8.46 11.32
CA LYS C 208 -38.90 7.60 10.59
C LYS C 208 -38.38 6.41 11.38
N ARG C 209 -38.53 6.39 12.70
CA ARG C 209 -38.22 5.24 13.55
C ARG C 209 -39.39 5.04 14.50
N LYS C 210 -39.61 3.80 14.96
CA LYS C 210 -40.84 3.60 15.72
C LYS C 210 -40.65 3.96 17.18
N PHE C 211 -39.42 3.85 17.69
CA PHE C 211 -39.14 4.16 19.08
C PHE C 211 -37.65 4.42 19.25
N ILE C 212 -37.33 5.09 20.34
CA ILE C 212 -35.95 5.25 20.78
C ILE C 212 -35.69 4.24 21.90
N SER C 213 -34.50 3.67 21.88
CA SER C 213 -34.08 2.66 22.84
C SER C 213 -33.17 3.32 23.86
N ILE C 214 -33.59 3.37 25.13
CA ILE C 214 -32.72 3.87 26.19
C ILE C 214 -31.83 2.72 26.67
N PHE C 215 -30.51 2.88 26.52
CA PHE C 215 -29.57 1.83 26.91
C PHE C 215 -29.23 1.93 28.40
N GLY C 216 -29.97 1.19 29.22
CA GLY C 216 -29.75 1.12 30.65
C GLY C 216 -30.45 2.20 31.42
N THR C 217 -31.14 1.86 32.52
CA THR C 217 -31.81 2.85 33.35
C THR C 217 -31.47 2.72 34.83
N ASP C 218 -30.33 2.10 35.15
CA ASP C 218 -29.91 1.85 36.51
C ASP C 218 -28.56 2.48 36.85
N TYR C 219 -28.02 3.35 35.97
CA TYR C 219 -26.68 3.89 36.13
C TYR C 219 -26.58 4.73 37.40
N PRO C 220 -25.36 4.95 37.91
CA PRO C 220 -25.21 5.68 39.17
C PRO C 220 -25.46 7.18 39.03
N THR C 221 -26.55 7.55 38.35
CA THR C 221 -26.89 8.92 38.05
C THR C 221 -28.29 9.21 38.59
N PRO C 222 -28.65 10.49 38.76
CA PRO C 222 -29.93 10.81 39.39
C PRO C 222 -31.18 10.17 38.77
N ASP C 223 -31.19 9.84 37.47
CA ASP C 223 -32.36 9.20 36.86
C ASP C 223 -32.06 7.84 36.24
N GLY C 224 -30.84 7.33 36.37
CA GLY C 224 -30.52 6.01 35.88
C GLY C 224 -29.94 5.96 34.48
N THR C 225 -30.03 7.04 33.70
CA THR C 225 -29.49 7.05 32.34
C THR C 225 -28.16 7.80 32.30
N CYS C 226 -27.44 7.63 31.20
CA CYS C 226 -26.11 8.20 31.06
C CYS C 226 -26.16 9.72 30.85
N ILE C 227 -25.22 10.42 31.48
CA ILE C 227 -25.07 11.87 31.31
C ILE C 227 -23.97 12.16 30.28
N ARG C 228 -24.26 13.09 29.37
CA ARG C 228 -23.30 13.49 28.36
C ARG C 228 -23.28 15.01 28.24
N ASP C 229 -22.13 15.54 27.86
CA ASP C 229 -21.93 16.98 27.65
C ASP C 229 -22.09 17.25 26.16
N TYR C 230 -23.30 17.64 25.74
CA TYR C 230 -23.55 17.96 24.34
C TYR C 230 -23.06 19.36 24.03
N ILE C 231 -22.26 19.49 22.98
CA ILE C 231 -21.71 20.78 22.60
C ILE C 231 -22.05 21.06 21.15
N HIS C 232 -22.53 22.27 20.89
CA HIS C 232 -23.04 22.64 19.60
C HIS C 232 -21.92 22.75 18.57
N VAL C 233 -22.22 22.32 17.35
CA VAL C 233 -21.21 22.20 16.32
C VAL C 233 -20.73 23.57 15.82
N ASN C 234 -21.62 24.58 15.80
CA ASN C 234 -21.19 25.97 15.66
C ASN C 234 -20.18 26.40 16.72
N ASP C 235 -20.27 25.87 17.95
CA ASP C 235 -19.30 26.25 18.96
C ASP C 235 -17.98 25.50 18.78
N LEU C 236 -18.03 24.22 18.42
CA LEU C 236 -16.81 23.52 18.04
C LEU C 236 -16.11 24.23 16.90
N ALA C 237 -16.87 24.72 15.91
CA ALA C 237 -16.26 25.33 14.74
C ALA C 237 -15.49 26.60 15.13
N ASP C 238 -16.11 27.45 15.96
CA ASP C 238 -15.40 28.62 16.47
C ASP C 238 -14.12 28.22 17.20
N ALA C 239 -14.15 27.09 17.92
CA ALA C 239 -12.97 26.64 18.63
C ALA C 239 -11.85 26.27 17.67
N HIS C 240 -12.21 25.79 16.47
CA HIS C 240 -11.19 25.44 15.47
C HIS C 240 -10.62 26.68 14.81
N VAL C 241 -11.46 27.64 14.45
CA VAL C 241 -10.96 28.91 13.91
C VAL C 241 -9.98 29.54 14.89
N LEU C 242 -10.27 29.47 16.19
CA LEU C 242 -9.35 30.03 17.19
C LEU C 242 -8.08 29.21 17.31
N GLY C 243 -8.20 27.89 17.51
CA GLY C 243 -7.04 27.03 17.62
C GLY C 243 -6.14 27.06 16.40
N LEU C 244 -6.67 27.46 15.24
CA LEU C 244 -5.86 27.62 14.05
C LEU C 244 -5.05 28.91 14.10
N LYS C 245 -5.71 30.05 14.39
CA LYS C 245 -4.98 31.32 14.55
C LYS C 245 -3.89 31.20 15.60
N TYR C 246 -4.14 30.40 16.64
CA TYR C 246 -3.14 30.17 17.69
C TYR C 246 -1.85 29.60 17.10
N LEU C 247 -1.96 28.58 16.24
CA LEU C 247 -0.76 27.97 15.65
C LEU C 247 -0.11 28.90 14.63
N LEU C 248 -0.92 29.59 13.81
CA LEU C 248 -0.36 30.52 12.82
C LEU C 248 0.33 31.71 13.47
N LYS C 249 0.00 32.06 14.71
CA LYS C 249 0.77 33.03 15.47
C LYS C 249 1.98 32.40 16.17
N GLY C 250 2.21 31.09 15.98
CA GLY C 250 3.39 30.44 16.49
C GLY C 250 3.24 29.67 17.78
N GLY C 251 2.03 29.28 18.14
CA GLY C 251 1.83 28.64 19.43
C GLY C 251 2.42 27.25 19.50
N ASP C 252 2.66 26.81 20.72
CA ASP C 252 3.15 25.49 21.03
C ASP C 252 2.03 24.45 20.92
N SER C 253 2.43 23.18 20.90
CA SER C 253 1.48 22.09 20.95
C SER C 253 0.62 22.22 22.20
N GLU C 254 -0.67 21.91 22.05
CA GLU C 254 -1.64 22.08 23.11
C GLU C 254 -2.76 21.07 22.96
N VAL C 255 -3.36 20.71 24.09
CA VAL C 255 -4.58 19.91 24.13
C VAL C 255 -5.66 20.67 24.86
N PHE C 256 -6.89 20.60 24.34
CA PHE C 256 -8.06 21.29 24.89
C PHE C 256 -9.28 20.39 24.91
N ASN C 257 -10.01 20.40 26.02
CA ASN C 257 -11.36 19.87 26.04
C ASN C 257 -12.33 20.86 25.40
N LEU C 258 -13.25 20.35 24.59
CA LEU C 258 -14.35 21.13 24.04
C LEU C 258 -15.63 20.59 24.66
N GLY C 259 -16.12 21.30 25.68
CA GLY C 259 -17.29 20.88 26.44
C GLY C 259 -17.88 22.07 27.17
N ASN C 260 -19.22 22.06 27.32
CA ASN C 260 -19.96 23.18 27.90
C ASN C 260 -19.82 23.26 29.41
N GLY C 261 -19.50 22.15 30.06
CA GLY C 261 -19.45 22.10 31.50
C GLY C 261 -20.70 21.55 32.15
N GLN C 262 -21.83 21.54 31.46
CA GLN C 262 -23.00 20.86 31.97
C GLN C 262 -23.27 19.59 31.17
N GLY C 263 -23.96 18.65 31.82
CA GLY C 263 -24.42 17.44 31.19
C GLY C 263 -25.93 17.35 31.14
N PHE C 264 -26.41 16.43 30.31
CA PHE C 264 -27.82 16.13 30.17
C PHE C 264 -27.98 14.62 30.08
N SER C 265 -28.99 14.08 30.74
CA SER C 265 -29.16 12.64 30.72
C SER C 265 -29.93 12.22 29.48
N VAL C 266 -29.93 10.91 29.21
CA VAL C 266 -30.68 10.41 28.06
C VAL C 266 -32.15 10.77 28.20
N ARG C 267 -32.67 10.81 29.44
CA ARG C 267 -34.09 11.16 29.64
C ARG C 267 -34.34 12.63 29.32
N GLU C 268 -33.46 13.52 29.80
CA GLU C 268 -33.63 14.94 29.51
C GLU C 268 -33.50 15.25 28.04
N VAL C 269 -32.72 14.46 27.29
CA VAL C 269 -32.61 14.69 25.85
C VAL C 269 -33.92 14.35 25.18
N ILE C 270 -34.48 13.18 25.50
CA ILE C 270 -35.77 12.80 24.95
C ILE C 270 -36.84 13.82 25.32
N ALA C 271 -36.86 14.27 26.58
CA ALA C 271 -37.85 15.25 27.00
C ALA C 271 -37.69 16.54 26.20
N ALA C 272 -36.43 16.96 25.97
CA ALA C 272 -36.15 18.10 25.11
C ALA C 272 -36.65 17.87 23.70
N GLY C 273 -36.52 16.65 23.19
CA GLY C 273 -37.05 16.35 21.87
C GLY C 273 -38.56 16.53 21.81
N GLU C 274 -39.27 16.05 22.83
CA GLU C 274 -40.72 16.20 22.81
C GLU C 274 -41.11 17.68 22.92
N GLN C 275 -40.48 18.43 23.82
CA GLN C 275 -40.81 19.85 23.94
C GLN C 275 -40.58 20.58 22.61
N VAL C 276 -39.38 20.45 22.02
CA VAL C 276 -39.02 21.22 20.83
C VAL C 276 -39.90 20.83 19.65
N THR C 277 -40.10 19.52 19.44
CA THR C 277 -40.85 19.07 18.27
C THR C 277 -42.35 19.13 18.47
N GLY C 278 -42.84 18.93 19.69
CA GLY C 278 -44.27 18.85 19.91
C GLY C 278 -44.86 17.50 19.57
N LEU C 279 -44.01 16.47 19.43
CA LEU C 279 -44.46 15.17 18.97
C LEU C 279 -44.04 14.13 19.98
N PRO C 280 -44.78 13.04 20.08
CA PRO C 280 -44.42 12.01 21.05
C PRO C 280 -43.24 11.19 20.54
N ILE C 281 -42.46 10.68 21.50
CA ILE C 281 -41.28 9.89 21.23
C ILE C 281 -41.44 8.65 22.10
N THR C 282 -41.79 7.53 21.48
CA THR C 282 -42.01 6.28 22.20
C THR C 282 -40.69 5.76 22.78
N VAL C 283 -40.63 5.67 24.10
CA VAL C 283 -39.48 5.13 24.81
C VAL C 283 -39.64 3.63 25.05
N GLU C 284 -38.66 2.86 24.60
CA GLU C 284 -38.49 1.48 25.04
C GLU C 284 -37.21 1.40 25.86
N GLU C 285 -37.37 1.52 27.18
CA GLU C 285 -36.35 1.17 28.16
C GLU C 285 -35.68 -0.16 27.82
N CYS C 286 -34.33 -0.15 27.76
CA CYS C 286 -33.58 -1.34 27.34
C CYS C 286 -32.45 -1.70 28.30
N ASP C 287 -31.57 -2.60 27.86
CA ASP C 287 -30.40 -3.00 28.61
C ASP C 287 -29.25 -2.07 28.32
N ARG C 288 -28.32 -2.04 29.27
CA ARG C 288 -27.16 -1.18 29.11
C ARG C 288 -26.43 -1.51 27.83
N ARG C 289 -25.82 -0.51 27.24
CA ARG C 289 -24.96 -0.68 26.08
C ARG C 289 -23.55 -0.97 26.56
N PRO C 290 -22.92 -2.00 26.02
CA PRO C 290 -21.61 -2.43 26.53
C PRO C 290 -20.51 -1.38 26.34
N GLY C 291 -20.10 -0.73 27.43
CA GLY C 291 -18.98 0.16 27.43
C GLY C 291 -19.31 1.64 27.59
N ASP C 292 -20.47 1.98 28.14
CA ASP C 292 -20.88 3.38 28.33
C ASP C 292 -20.52 3.82 29.74
N PRO C 293 -19.63 4.79 29.91
CA PRO C 293 -19.42 5.35 31.25
C PRO C 293 -20.63 6.16 31.68
N PRO C 294 -20.95 6.17 32.98
CA PRO C 294 -22.20 6.80 33.41
C PRO C 294 -22.24 8.31 33.23
N SER C 295 -21.09 8.98 33.26
CA SER C 295 -21.11 10.43 33.12
C SER C 295 -19.81 10.91 32.49
N LEU C 296 -19.94 11.78 31.49
CA LEU C 296 -18.81 12.37 30.77
C LEU C 296 -19.12 13.86 30.59
N ILE C 297 -18.63 14.67 31.52
CA ILE C 297 -18.75 16.12 31.46
C ILE C 297 -17.36 16.71 31.37
N GLY C 298 -17.24 17.81 30.65
CA GLY C 298 -15.95 18.37 30.30
C GLY C 298 -15.73 19.78 30.80
N SER C 299 -14.57 19.99 31.41
CA SER C 299 -14.00 21.33 31.65
C SER C 299 -13.65 22.01 30.33
N GLY C 300 -14.45 22.98 29.91
CA GLY C 300 -14.01 23.88 28.85
C GLY C 300 -13.08 24.99 29.30
N GLU C 301 -12.66 24.93 30.56
CA GLU C 301 -11.90 26.01 31.22
C GLU C 301 -10.64 26.39 30.44
N LYS C 302 -9.83 25.40 30.09
CA LYS C 302 -8.55 25.67 29.45
C LYS C 302 -8.73 26.41 28.14
N ALA C 303 -9.72 26.00 27.33
CA ALA C 303 -9.90 26.62 26.02
C ALA C 303 -10.48 28.03 26.12
N ARG C 304 -11.26 28.33 27.17
CA ARG C 304 -11.72 29.70 27.37
C ARG C 304 -10.56 30.61 27.77
N LYS C 305 -9.69 30.10 28.65
CA LYS C 305 -8.55 30.86 29.15
C LYS C 305 -7.54 31.14 28.05
N ILE C 306 -6.97 30.09 27.45
CA ILE C 306 -5.90 30.30 26.47
C ILE C 306 -6.43 30.79 25.13
N LEU C 307 -7.59 30.29 24.69
CA LEU C 307 -8.06 30.56 23.34
C LEU C 307 -9.14 31.64 23.25
N GLY C 308 -9.77 31.99 24.37
CA GLY C 308 -10.82 32.99 24.32
C GLY C 308 -12.12 32.46 23.73
N TRP C 309 -12.42 31.20 23.98
CA TRP C 309 -13.56 30.52 23.38
C TRP C 309 -14.81 30.74 24.23
N GLN C 310 -15.88 31.23 23.60
CA GLN C 310 -17.16 31.50 24.25
C GLN C 310 -18.24 30.72 23.53
N PRO C 311 -18.59 29.52 23.98
CA PRO C 311 -19.71 28.79 23.34
C PRO C 311 -21.03 29.54 23.49
N GLN C 312 -21.72 29.71 22.36
CA GLN C 312 -22.91 30.54 22.21
C GLN C 312 -24.22 29.79 22.36
N TYR C 313 -24.20 28.46 22.40
CA TYR C 313 -25.40 27.65 22.34
C TYR C 313 -25.26 26.47 23.30
N SER C 314 -25.16 26.76 24.58
CA SER C 314 -25.07 25.69 25.56
C SER C 314 -26.44 25.11 25.92
N SER C 315 -27.52 25.70 25.42
CA SER C 315 -28.86 25.30 25.84
C SER C 315 -29.29 24.04 25.09
N ILE C 316 -29.68 22.99 25.84
CA ILE C 316 -30.16 21.77 25.19
C ILE C 316 -31.34 22.08 24.29
N LYS C 317 -32.09 23.13 24.63
CA LYS C 317 -33.20 23.57 23.79
C LYS C 317 -32.69 24.17 22.48
N ASP C 318 -31.66 25.03 22.55
CA ASP C 318 -31.05 25.59 21.33
C ASP C 318 -30.51 24.49 20.42
N ILE C 319 -29.79 23.54 21.02
CA ILE C 319 -29.12 22.46 20.29
C ILE C 319 -30.14 21.60 19.56
N VAL C 320 -31.13 21.08 20.30
CA VAL C 320 -32.14 20.21 19.71
C VAL C 320 -32.98 20.97 18.69
N SER C 321 -33.28 22.25 18.95
CA SER C 321 -34.12 23.01 18.02
C SER C 321 -33.42 23.20 16.68
N HIS C 322 -32.12 23.48 16.69
CA HIS C 322 -31.39 23.59 15.42
C HIS C 322 -31.35 22.24 14.71
N ALA C 323 -31.12 21.15 15.44
CA ALA C 323 -31.11 19.85 14.78
C ALA C 323 -32.47 19.53 14.17
N TRP C 324 -33.55 19.90 14.86
CA TRP C 324 -34.90 19.62 14.38
C TRP C 324 -35.20 20.32 13.06
N GLN C 325 -34.84 21.61 12.97
CA GLN C 325 -35.06 22.35 11.73
C GLN C 325 -34.26 21.73 10.58
N TRP C 326 -33.03 21.30 10.85
CA TRP C 326 -32.22 20.62 9.83
C TRP C 326 -32.85 19.29 9.42
N HIS C 327 -33.16 18.43 10.41
CA HIS C 327 -33.66 17.09 10.09
C HIS C 327 -35.01 17.11 9.36
N GLN C 328 -35.81 18.17 9.53
CA GLN C 328 -37.03 18.28 8.74
C GLN C 328 -36.72 18.57 7.27
N LYS C 329 -35.79 19.48 6.99
CA LYS C 329 -35.43 19.74 5.60
C LYS C 329 -34.72 18.56 4.96
N ARG C 330 -33.79 17.94 5.70
CA ARG C 330 -32.87 16.98 5.07
C ARG C 330 -33.43 15.58 5.00
N HIS C 331 -34.05 15.11 6.08
CA HIS C 331 -34.61 13.76 6.13
C HIS C 331 -36.13 13.79 5.98
N GLN C 332 -36.60 14.58 5.01
CA GLN C 332 -38.03 14.72 4.69
C GLN C 332 -38.68 13.35 4.52
N GLY D 4 2.67 -34.78 11.12
CA GLY D 4 2.51 -34.51 12.53
C GLY D 4 3.04 -33.14 12.92
N LYS D 5 4.19 -32.76 12.35
CA LYS D 5 4.91 -31.55 12.78
C LYS D 5 4.11 -30.30 12.49
N PRO D 6 3.69 -29.54 13.50
CA PRO D 6 2.99 -28.27 13.23
C PRO D 6 3.91 -27.28 12.51
N SER D 7 3.29 -26.25 11.95
CA SER D 7 3.94 -25.35 11.02
C SER D 7 3.98 -23.95 11.61
N ILE D 8 5.17 -23.39 11.77
CA ILE D 8 5.35 -22.09 12.43
C ILE D 8 5.99 -21.11 11.46
N LEU D 9 5.40 -19.92 11.36
CA LEU D 9 6.03 -18.80 10.69
C LEU D 9 6.71 -17.93 11.75
N VAL D 10 8.02 -17.75 11.60
CA VAL D 10 8.81 -16.93 12.52
C VAL D 10 9.29 -15.69 11.77
N THR D 11 8.65 -14.56 12.01
CA THR D 11 9.17 -13.34 11.42
C THR D 11 10.40 -12.85 12.18
N GLY D 12 11.32 -12.23 11.45
CA GLY D 12 12.56 -11.81 12.07
C GLY D 12 13.45 -12.93 12.55
N GLY D 13 13.27 -14.14 12.01
CA GLY D 13 14.02 -15.30 12.44
C GLY D 13 15.48 -15.27 12.05
N ALA D 14 15.89 -14.37 11.17
CA ALA D 14 17.32 -14.27 10.87
C ALA D 14 18.05 -13.38 11.87
N GLY D 15 17.35 -12.83 12.86
CA GLY D 15 17.94 -11.93 13.82
C GLY D 15 18.47 -12.65 15.04
N TYR D 16 18.84 -11.85 16.05
CA TYR D 16 19.47 -12.33 17.27
C TYR D 16 18.58 -13.29 18.05
N ILE D 17 17.53 -12.77 18.68
CA ILE D 17 16.67 -13.61 19.51
C ILE D 17 15.93 -14.64 18.66
N GLY D 18 15.45 -14.24 17.48
CA GLY D 18 14.65 -15.12 16.67
C GLY D 18 15.40 -16.34 16.15
N SER D 19 16.68 -16.17 15.82
CA SER D 19 17.44 -17.31 15.32
C SER D 19 17.57 -18.38 16.40
N HIS D 20 17.79 -17.97 17.65
CA HIS D 20 17.90 -18.95 18.73
C HIS D 20 16.57 -19.65 18.98
N THR D 21 15.46 -18.92 18.89
CA THR D 21 14.15 -19.54 19.02
C THR D 21 13.89 -20.56 17.91
N VAL D 22 14.21 -20.20 16.66
CA VAL D 22 14.07 -21.13 15.54
C VAL D 22 14.85 -22.41 15.81
N LEU D 23 16.06 -22.30 16.35
CA LEU D 23 16.84 -23.50 16.69
C LEU D 23 16.10 -24.36 17.71
N ALA D 24 15.59 -23.75 18.78
CA ALA D 24 14.83 -24.50 19.78
C ALA D 24 13.56 -25.10 19.19
N LEU D 25 12.88 -24.35 18.31
CA LEU D 25 11.64 -24.84 17.70
C LEU D 25 11.88 -26.05 16.80
N LYS D 26 13.03 -26.10 16.15
CA LYS D 26 13.37 -27.26 15.30
C LYS D 26 13.59 -28.49 16.19
N GLN D 27 14.23 -28.32 17.34
CA GLN D 27 14.54 -29.47 18.21
C GLN D 27 13.25 -29.96 18.85
N ALA D 28 12.37 -29.05 19.23
CA ALA D 28 11.10 -29.41 19.88
C ALA D 28 10.14 -30.05 18.88
N GLY D 29 10.61 -30.37 17.67
CA GLY D 29 9.74 -31.09 16.76
C GLY D 29 8.89 -30.24 15.85
N TYR D 30 9.12 -28.93 15.80
CA TYR D 30 8.30 -28.06 14.96
C TYR D 30 8.94 -27.92 13.58
N ASP D 31 8.29 -27.11 12.74
CA ASP D 31 8.61 -27.13 11.32
C ASP D 31 8.36 -25.69 10.86
N VAL D 32 9.45 -24.96 10.54
CA VAL D 32 9.51 -23.50 10.65
C VAL D 32 9.78 -22.86 9.30
N VAL D 33 9.08 -21.76 9.01
CA VAL D 33 9.40 -20.86 7.89
C VAL D 33 9.76 -19.49 8.46
N ILE D 34 10.87 -18.92 7.98
CA ILE D 34 11.32 -17.61 8.42
C ILE D 34 10.93 -16.56 7.39
N LEU D 35 10.28 -15.49 7.84
CA LEU D 35 10.06 -14.27 7.06
C LEU D 35 10.95 -13.17 7.64
N ASP D 36 11.94 -12.74 6.87
CA ASP D 36 12.86 -11.72 7.32
C ASP D 36 13.31 -10.91 6.12
N ASN D 37 13.31 -9.59 6.26
CA ASN D 37 13.71 -8.72 5.16
C ASN D 37 15.22 -8.48 5.12
N LEU D 38 15.98 -9.12 6.01
CA LEU D 38 17.44 -9.06 6.05
C LEU D 38 18.00 -7.66 6.28
N VAL D 39 17.22 -6.71 6.80
CA VAL D 39 17.82 -5.40 7.10
C VAL D 39 18.89 -5.53 8.18
N TYR D 40 18.65 -6.36 9.20
CA TYR D 40 19.63 -6.62 10.26
C TYR D 40 19.99 -8.08 10.43
N GLY D 41 19.18 -8.99 9.88
CA GLY D 41 19.47 -10.41 9.98
C GLY D 41 20.53 -10.82 8.99
N HIS D 42 20.86 -12.12 9.03
CA HIS D 42 21.99 -12.68 8.31
C HIS D 42 21.56 -13.94 7.59
N ARG D 43 21.54 -13.89 6.26
CA ARG D 43 21.08 -15.04 5.50
C ARG D 43 21.98 -16.25 5.74
N ASP D 44 23.28 -16.02 5.91
CA ASP D 44 24.22 -17.14 5.98
C ASP D 44 23.93 -18.02 7.20
N LEU D 45 23.59 -17.41 8.34
CA LEU D 45 23.27 -18.19 9.52
C LEU D 45 21.99 -18.97 9.34
N VAL D 46 21.01 -18.42 8.62
CA VAL D 46 19.77 -19.15 8.39
C VAL D 46 20.02 -20.36 7.50
N GLU D 47 20.78 -20.17 6.42
CA GLU D 47 21.03 -21.24 5.46
C GLU D 47 21.98 -22.30 6.02
N LYS D 48 23.03 -21.89 6.74
CA LYS D 48 24.05 -22.84 7.16
C LYS D 48 23.77 -23.45 8.53
N VAL D 49 23.13 -22.71 9.44
CA VAL D 49 22.89 -23.17 10.81
C VAL D 49 21.42 -23.57 11.03
N LEU D 50 20.50 -22.61 10.91
CA LEU D 50 19.09 -22.93 11.16
C LEU D 50 18.56 -23.92 10.14
N GLN D 51 18.90 -23.75 8.86
CA GLN D 51 18.59 -24.72 7.82
C GLN D 51 17.09 -24.93 7.70
N VAL D 52 16.38 -23.82 7.49
CA VAL D 52 14.94 -23.83 7.25
C VAL D 52 14.67 -22.89 6.08
N GLU D 53 13.44 -22.93 5.60
CA GLU D 53 13.06 -22.07 4.50
C GLU D 53 13.13 -20.61 4.93
N LEU D 54 13.89 -19.82 4.18
CA LEU D 54 13.87 -18.37 4.32
C LEU D 54 13.02 -17.76 3.21
N VAL D 55 12.04 -16.94 3.59
CA VAL D 55 11.32 -16.07 2.67
C VAL D 55 11.75 -14.64 2.95
N VAL D 56 12.44 -14.03 1.98
CA VAL D 56 12.93 -12.67 2.13
C VAL D 56 11.81 -11.71 1.76
N GLY D 57 11.30 -10.99 2.75
CA GLY D 57 10.33 -9.96 2.50
C GLY D 57 9.99 -9.26 3.80
N ASP D 58 9.07 -8.32 3.68
CA ASP D 58 8.71 -7.43 4.76
C ASP D 58 7.36 -7.84 5.35
N THR D 59 7.26 -7.78 6.68
CA THR D 59 6.01 -8.12 7.36
C THR D 59 4.92 -7.09 7.08
N GLY D 60 5.27 -5.89 6.64
CA GLY D 60 4.26 -4.95 6.23
C GLY D 60 3.82 -5.05 4.77
N ASP D 61 4.22 -6.11 4.07
CA ASP D 61 3.95 -6.32 2.63
C ASP D 61 2.68 -7.16 2.50
N ARG D 62 1.53 -6.49 2.47
CA ARG D 62 0.25 -7.20 2.47
C ARG D 62 0.13 -8.18 1.32
N PRO D 63 0.48 -7.83 0.06
CA PRO D 63 0.34 -8.83 -1.02
C PRO D 63 1.28 -10.00 -0.86
N LEU D 64 2.47 -9.81 -0.29
CA LEU D 64 3.37 -10.95 -0.05
C LEU D 64 2.81 -11.86 1.02
N LEU D 65 2.26 -11.29 2.10
CA LEU D 65 1.71 -12.13 3.16
C LEU D 65 0.51 -12.92 2.65
N ASP D 66 -0.44 -12.23 1.98
CA ASP D 66 -1.63 -12.90 1.47
C ASP D 66 -1.24 -14.04 0.53
N GLU D 67 -0.24 -13.82 -0.32
CA GLU D 67 0.28 -14.92 -1.13
C GLU D 67 0.86 -16.02 -0.25
N LEU D 68 1.72 -15.66 0.71
CA LEU D 68 2.38 -16.67 1.55
C LEU D 68 1.36 -17.47 2.36
N PHE D 69 0.30 -16.82 2.85
CA PHE D 69 -0.68 -17.49 3.70
C PHE D 69 -1.67 -18.35 2.91
N LYS D 70 -1.69 -18.26 1.58
CA LYS D 70 -2.50 -19.12 0.74
C LYS D 70 -1.77 -20.39 0.31
N SER D 71 -0.43 -20.40 0.37
CA SER D 71 0.39 -21.43 -0.24
C SER D 71 0.83 -22.53 0.72
N ARG D 72 0.99 -22.23 2.01
CA ARG D 72 1.33 -23.21 3.03
C ARG D 72 0.38 -23.02 4.21
N HIS D 73 0.20 -24.08 4.99
CA HIS D 73 -0.66 -23.99 6.17
C HIS D 73 0.19 -23.67 7.39
N PHE D 74 -0.22 -22.63 8.13
CA PHE D 74 0.47 -22.21 9.35
C PHE D 74 -0.45 -22.34 10.56
N ASP D 75 0.08 -22.94 11.63
CA ASP D 75 -0.63 -23.06 12.89
C ASP D 75 -0.48 -21.84 13.79
N ALA D 76 0.70 -21.20 13.78
CA ALA D 76 0.86 -19.98 14.56
C ALA D 76 1.96 -19.13 13.94
N VAL D 77 2.02 -17.86 14.36
CA VAL D 77 3.06 -16.95 13.93
C VAL D 77 3.79 -16.41 15.15
N MET D 78 5.11 -16.47 15.13
CA MET D 78 5.96 -15.78 16.09
C MET D 78 6.56 -14.54 15.45
N HIS D 79 6.42 -13.42 16.14
CA HIS D 79 6.76 -12.11 15.59
C HIS D 79 7.89 -11.49 16.39
N PHE D 80 9.14 -11.68 15.92
CA PHE D 80 10.34 -10.98 16.39
C PHE D 80 10.68 -9.74 15.58
N SER D 81 10.28 -9.72 14.31
CA SER D 81 10.51 -8.60 13.41
C SER D 81 10.07 -7.26 14.01
N ALA D 82 11.01 -6.32 14.08
CA ALA D 82 10.82 -4.96 14.60
C ALA D 82 12.16 -4.24 14.48
N TYR D 83 12.12 -2.90 14.43
CA TYR D 83 13.29 -2.11 14.72
C TYR D 83 13.33 -1.79 16.20
N ALA D 84 14.57 -1.65 16.75
CA ALA D 84 14.76 -1.52 18.19
C ALA D 84 15.93 -0.63 18.63
N TYR D 85 16.41 0.30 17.80
CA TYR D 85 17.37 1.31 18.24
C TYR D 85 16.59 2.44 18.89
N VAL D 86 16.59 2.49 20.23
CA VAL D 86 15.75 3.45 20.95
C VAL D 86 16.06 4.87 20.50
N GLY D 87 17.34 5.20 20.26
CA GLY D 87 17.70 6.57 19.96
C GLY D 87 17.23 7.00 18.58
N GLU D 88 17.31 6.10 17.61
CA GLU D 88 16.74 6.40 16.31
C GLU D 88 15.21 6.54 16.38
N SER D 89 14.56 5.85 17.32
CA SER D 89 13.10 5.99 17.44
C SER D 89 12.72 7.39 17.88
N VAL D 90 13.52 7.99 18.78
CA VAL D 90 13.30 9.39 19.19
C VAL D 90 13.51 10.31 18.01
N SER D 91 14.56 10.03 17.23
CA SER D 91 14.97 10.81 16.07
C SER D 91 14.03 10.66 14.88
N ASP D 92 13.61 9.43 14.60
CA ASP D 92 12.81 9.12 13.42
C ASP D 92 11.63 8.24 13.85
N PRO D 93 10.67 8.81 14.58
CA PRO D 93 9.51 8.01 14.99
C PRO D 93 8.66 7.51 13.82
N ALA D 94 8.51 8.30 12.74
CA ALA D 94 7.69 7.86 11.60
C ALA D 94 8.08 6.45 11.15
N LYS D 95 9.37 6.17 11.05
CA LYS D 95 9.85 4.85 10.65
C LYS D 95 9.52 3.79 11.69
N TYR D 96 9.56 4.12 12.97
CA TYR D 96 9.25 3.10 13.97
C TYR D 96 7.75 2.80 14.05
N TYR D 97 6.89 3.82 13.96
CA TYR D 97 5.47 3.55 13.97
C TYR D 97 5.04 2.75 12.73
N ARG D 98 5.69 3.01 11.59
CA ARG D 98 5.37 2.32 10.35
C ARG D 98 5.75 0.85 10.42
N ASN D 99 6.94 0.56 10.86
CA ASN D 99 7.43 -0.81 10.83
C ASN D 99 6.88 -1.64 11.98
N ASN D 100 6.89 -1.03 13.15
CA ASN D 100 6.53 -1.77 14.36
C ASN D 100 5.02 -1.87 14.55
N VAL D 101 4.29 -0.76 14.37
CA VAL D 101 2.85 -0.83 14.60
C VAL D 101 2.13 -1.20 13.31
N LEU D 102 2.19 -0.33 12.30
CA LEU D 102 1.36 -0.57 11.12
C LEU D 102 1.87 -1.79 10.36
N GLY D 103 3.15 -2.09 10.45
CA GLY D 103 3.65 -3.34 9.91
C GLY D 103 3.02 -4.55 10.58
N THR D 104 2.90 -4.50 11.92
CA THR D 104 2.36 -5.65 12.65
C THR D 104 0.85 -5.78 12.42
N LEU D 105 0.13 -4.66 12.37
CA LEU D 105 -1.30 -4.70 12.04
C LEU D 105 -1.54 -5.40 10.70
N THR D 106 -0.78 -5.02 9.68
CA THR D 106 -0.84 -5.71 8.39
C THR D 106 -0.64 -7.21 8.55
N LEU D 107 0.35 -7.62 9.36
CA LEU D 107 0.62 -9.04 9.54
C LEU D 107 -0.57 -9.74 10.21
N LEU D 108 -1.21 -9.05 11.16
CA LEU D 108 -2.34 -9.66 11.87
C LEU D 108 -3.57 -9.73 10.95
N GLU D 109 -3.88 -8.63 10.26
CA GLU D 109 -4.99 -8.61 9.32
C GLU D 109 -4.85 -9.73 8.29
N ALA D 110 -3.64 -9.97 7.81
CA ALA D 110 -3.43 -11.09 6.91
C ALA D 110 -3.61 -12.42 7.64
N MET D 111 -3.25 -12.50 8.92
CA MET D 111 -3.42 -13.74 9.66
C MET D 111 -4.90 -14.13 9.76
N LEU D 112 -5.76 -13.17 10.09
CA LEU D 112 -7.18 -13.46 10.21
C LEU D 112 -7.77 -13.90 8.89
N ALA D 113 -7.54 -13.11 7.83
CA ALA D 113 -7.94 -13.48 6.47
C ALA D 113 -7.58 -14.92 6.12
N ALA D 114 -6.46 -15.44 6.62
CA ALA D 114 -6.03 -16.82 6.41
C ALA D 114 -6.45 -17.76 7.54
N SER D 115 -7.24 -17.28 8.50
CA SER D 115 -7.70 -18.08 9.66
C SER D 115 -6.55 -18.74 10.43
N ILE D 116 -5.54 -17.93 10.77
CA ILE D 116 -4.54 -18.26 11.78
C ILE D 116 -4.85 -17.40 12.99
N ASN D 117 -4.95 -18.01 14.17
CA ASN D 117 -5.39 -17.23 15.33
C ASN D 117 -4.51 -17.45 16.55
N LYS D 118 -3.26 -17.87 16.36
CA LYS D 118 -2.32 -18.05 17.47
C LYS D 118 -1.00 -17.32 17.16
N PHE D 119 -0.62 -16.44 18.08
CA PHE D 119 0.36 -15.39 17.84
C PHE D 119 1.26 -15.24 19.07
N VAL D 120 2.56 -15.16 18.87
CA VAL D 120 3.51 -14.90 19.96
C VAL D 120 4.28 -13.63 19.63
N PHE D 121 4.15 -12.61 20.48
CA PHE D 121 4.66 -11.28 20.19
C PHE D 121 5.84 -10.92 21.08
N SER D 122 6.88 -10.36 20.46
CA SER D 122 8.06 -9.87 21.16
C SER D 122 7.77 -8.50 21.72
N SER D 123 7.44 -8.41 22.99
CA SER D 123 7.30 -7.12 23.63
C SER D 123 8.53 -6.85 24.47
N THR D 124 8.48 -5.78 25.28
CA THR D 124 9.66 -5.33 26.00
C THR D 124 9.25 -4.64 27.29
N CYS D 125 10.16 -4.67 28.28
CA CYS D 125 9.97 -3.92 29.50
C CYS D 125 10.18 -2.42 29.31
N ALA D 126 10.56 -1.98 28.11
CA ALA D 126 10.55 -0.55 27.83
C ALA D 126 9.13 0.02 27.81
N THR D 127 8.10 -0.86 27.73
CA THR D 127 6.71 -0.41 27.81
C THR D 127 6.33 0.08 29.22
N TYR D 128 6.96 -0.44 30.27
CA TYR D 128 6.69 0.09 31.61
C TYR D 128 7.16 1.53 31.76
N GLY D 129 8.31 1.86 31.16
CA GLY D 129 8.97 3.13 31.41
C GLY D 129 9.71 3.08 32.74
N VAL D 130 9.63 4.15 33.53
CA VAL D 130 10.21 4.20 34.86
C VAL D 130 9.22 3.56 35.86
N PRO D 131 9.61 2.53 36.58
CA PRO D 131 8.71 1.88 37.53
C PRO D 131 8.88 2.43 38.93
N LYS D 132 8.01 1.93 39.83
CA LYS D 132 8.32 1.98 41.25
C LYS D 132 9.02 0.72 41.69
N THR D 133 8.29 -0.39 41.60
CA THR D 133 8.60 -1.63 42.29
C THR D 133 9.51 -2.48 41.40
N VAL D 134 10.76 -2.60 41.81
CA VAL D 134 11.65 -3.64 41.29
C VAL D 134 11.64 -4.79 42.29
N PRO D 135 11.34 -6.03 41.87
CA PRO D 135 11.08 -6.42 40.48
C PRO D 135 9.71 -5.92 39.98
N ILE D 136 9.56 -5.83 38.66
CA ILE D 136 8.34 -5.34 38.03
C ILE D 136 7.39 -6.51 37.81
N PRO D 137 6.13 -6.42 38.25
CA PRO D 137 5.14 -7.44 37.90
C PRO D 137 4.35 -7.07 36.65
N GLU D 138 3.68 -8.09 36.10
CA GLU D 138 2.98 -7.96 34.82
C GLU D 138 1.92 -6.86 34.86
N ASP D 139 1.08 -6.88 35.90
CA ASP D 139 0.20 -5.74 36.21
C ASP D 139 0.79 -4.32 36.32
N HIS D 140 2.10 -4.13 36.32
CA HIS D 140 2.60 -2.76 36.53
C HIS D 140 2.07 -1.81 35.45
N PRO D 141 1.71 -0.57 35.81
CA PRO D 141 1.34 0.43 34.78
C PRO D 141 2.39 0.56 33.68
N GLN D 142 1.94 0.95 32.50
CA GLN D 142 2.78 1.02 31.31
C GLN D 142 2.79 2.45 30.79
N ASN D 143 3.91 3.14 31.01
CA ASN D 143 4.08 4.53 30.58
C ASN D 143 5.41 4.66 29.85
N PRO D 144 5.49 4.17 28.61
CA PRO D 144 6.76 4.19 27.88
C PRO D 144 7.25 5.60 27.62
N ILE D 145 8.56 5.75 27.58
CA ILE D 145 9.18 7.08 27.57
C ILE D 145 9.82 7.44 26.23
N ASN D 146 9.90 6.50 25.28
CA ASN D 146 10.43 6.76 23.96
C ASN D 146 9.51 6.14 22.93
N PRO D 147 9.55 6.61 21.67
CA PRO D 147 8.63 6.04 20.66
C PRO D 147 8.76 4.53 20.52
N TYR D 148 9.96 3.97 20.65
CA TYR D 148 10.08 2.52 20.52
C TYR D 148 9.22 1.78 21.54
N GLY D 149 9.27 2.20 22.80
CA GLY D 149 8.45 1.52 23.80
C GLY D 149 6.97 1.72 23.53
N ALA D 150 6.60 2.92 23.08
CA ALA D 150 5.21 3.21 22.71
C ALA D 150 4.72 2.24 21.64
N THR D 151 5.52 1.98 20.60
CA THR D 151 5.07 1.06 19.54
C THR D 151 4.82 -0.34 20.09
N LYS D 152 5.67 -0.82 20.98
CA LYS D 152 5.39 -2.15 21.50
C LYS D 152 4.11 -2.14 22.35
N LEU D 153 3.82 -1.02 23.00
CA LEU D 153 2.59 -0.91 23.79
C LEU D 153 1.38 -0.89 22.87
N MET D 154 1.46 -0.12 21.79
CA MET D 154 0.35 -0.04 20.86
C MET D 154 -0.01 -1.40 20.30
N VAL D 155 1.00 -2.24 20.05
CA VAL D 155 0.71 -3.57 19.51
C VAL D 155 0.07 -4.46 20.57
N GLU D 156 0.55 -4.36 21.80
CA GLU D 156 -0.09 -5.09 22.88
C GLU D 156 -1.57 -4.74 22.96
N ARG D 157 -1.90 -3.46 22.79
CA ARG D 157 -3.29 -3.05 22.80
C ARG D 157 -4.05 -3.65 21.62
N ILE D 158 -3.52 -3.49 20.40
CA ILE D 158 -4.14 -4.06 19.21
C ILE D 158 -4.38 -5.55 19.39
N LEU D 159 -3.40 -6.26 19.97
CA LEU D 159 -3.58 -7.70 20.20
C LEU D 159 -4.72 -7.99 21.17
N ALA D 160 -4.96 -7.10 22.14
CA ALA D 160 -6.05 -7.32 23.09
C ALA D 160 -7.38 -7.14 22.40
N ASP D 161 -7.50 -6.07 21.60
CA ASP D 161 -8.74 -5.80 20.89
C ASP D 161 -9.02 -6.85 19.82
N PHE D 162 -7.98 -7.46 19.26
CA PHE D 162 -8.17 -8.50 18.27
C PHE D 162 -8.62 -9.81 18.89
N ASP D 163 -8.33 -10.01 20.19
CA ASP D 163 -8.90 -11.13 20.92
C ASP D 163 -10.42 -10.96 21.07
N VAL D 164 -10.85 -9.80 21.57
CA VAL D 164 -12.26 -9.56 21.81
C VAL D 164 -13.07 -9.73 20.53
N ALA D 165 -12.51 -9.32 19.38
CA ALA D 165 -13.29 -9.27 18.15
C ALA D 165 -13.14 -10.52 17.31
N TYR D 166 -11.95 -11.09 17.22
CA TYR D 166 -11.69 -12.15 16.26
C TYR D 166 -11.26 -13.44 16.89
N GLY D 167 -11.22 -13.51 18.22
CA GLY D 167 -10.68 -14.68 18.90
C GLY D 167 -9.22 -14.95 18.63
N LEU D 168 -8.43 -13.91 18.34
CA LEU D 168 -6.99 -14.10 18.16
C LEU D 168 -6.33 -14.33 19.52
N LYS D 169 -5.68 -15.48 19.68
CA LYS D 169 -5.01 -15.85 20.92
C LYS D 169 -3.52 -15.55 20.81
N SER D 170 -3.03 -14.67 21.67
CA SER D 170 -1.63 -14.25 21.65
C SER D 170 -0.98 -14.31 23.02
N VAL D 171 0.26 -14.81 23.03
CA VAL D 171 1.17 -14.73 24.15
C VAL D 171 2.11 -13.56 23.92
N ARG D 172 1.99 -12.52 24.74
CA ARG D 172 2.91 -11.39 24.73
C ARG D 172 4.01 -11.64 25.75
N PHE D 173 5.26 -11.64 25.30
CA PHE D 173 6.43 -11.78 26.16
C PHE D 173 7.12 -10.43 26.27
N ARG D 174 7.23 -9.90 27.49
CA ARG D 174 7.98 -8.66 27.71
C ARG D 174 9.42 -9.02 28.11
N TYR D 175 10.32 -9.06 27.12
CA TYR D 175 11.73 -9.38 27.41
C TYR D 175 12.37 -8.28 28.24
N PHE D 176 13.39 -8.65 29.02
CA PHE D 176 14.19 -7.63 29.65
C PHE D 176 15.46 -7.35 28.84
N ASN D 177 16.62 -7.92 29.16
CA ASN D 177 17.83 -7.65 28.38
C ASN D 177 18.39 -8.96 27.85
N ALA D 178 18.17 -9.21 26.56
CA ALA D 178 18.64 -10.44 25.93
C ALA D 178 20.16 -10.45 25.87
N ALA D 179 20.76 -11.59 26.21
CA ALA D 179 22.21 -11.68 26.16
C ALA D 179 22.62 -13.13 26.04
N GLY D 180 23.91 -13.35 25.82
CA GLY D 180 24.43 -14.69 25.65
C GLY D 180 24.41 -15.13 24.21
N ALA D 181 24.61 -16.44 24.05
CA ALA D 181 24.70 -17.04 22.73
C ALA D 181 24.52 -18.53 22.89
N ASN D 182 24.24 -19.19 21.77
CA ASN D 182 24.13 -20.64 21.76
C ASN D 182 25.37 -21.24 22.40
N PRO D 183 25.23 -22.20 23.33
CA PRO D 183 26.40 -22.65 24.11
C PRO D 183 27.51 -23.27 23.28
N ASP D 184 27.20 -23.79 22.09
CA ASP D 184 28.19 -24.39 21.22
C ASP D 184 28.78 -23.40 20.20
N GLY D 185 28.34 -22.14 20.20
CA GLY D 185 28.93 -21.14 19.34
C GLY D 185 28.35 -21.07 17.94
N LEU D 186 27.12 -21.54 17.75
CA LEU D 186 26.54 -21.66 16.42
C LEU D 186 25.89 -20.34 16.00
N LEU D 187 25.24 -19.67 16.95
CA LEU D 187 24.56 -18.40 16.76
C LEU D 187 25.01 -17.45 17.86
N GLY D 188 24.61 -16.19 17.74
CA GLY D 188 24.90 -15.20 18.75
C GLY D 188 24.62 -13.81 18.21
N GLU D 189 24.81 -12.82 19.07
CA GLU D 189 24.54 -11.44 18.69
C GLU D 189 25.47 -10.99 17.55
N ASP D 190 24.88 -10.32 16.54
CA ASP D 190 25.63 -9.82 15.39
C ASP D 190 24.87 -8.59 14.85
N HIS D 191 25.01 -7.47 15.55
CA HIS D 191 24.34 -6.25 15.15
C HIS D 191 25.31 -5.26 14.50
N ASN D 192 24.74 -4.42 13.66
CA ASN D 192 25.47 -3.51 12.78
C ASN D 192 24.62 -2.27 12.52
N PRO D 193 24.83 -1.19 13.30
CA PRO D 193 25.84 -1.13 14.38
C PRO D 193 25.44 -1.83 15.67
N GLU D 194 26.44 -2.33 16.38
CA GLU D 194 26.24 -2.87 17.72
C GLU D 194 26.13 -1.74 18.72
N THR D 195 25.15 -1.82 19.62
CA THR D 195 24.97 -0.80 20.64
C THR D 195 24.75 -1.37 22.03
N HIS D 196 24.69 -2.69 22.16
CA HIS D 196 24.38 -3.33 23.43
C HIS D 196 25.63 -3.49 24.30
N LEU D 197 25.42 -3.51 25.61
CA LEU D 197 26.51 -3.39 26.57
C LEU D 197 27.45 -4.59 26.50
N ILE D 198 26.95 -5.79 26.80
CA ILE D 198 27.75 -7.02 26.79
C ILE D 198 28.53 -7.18 25.49
N PRO D 199 27.93 -6.98 24.29
CA PRO D 199 28.77 -7.09 23.09
C PRO D 199 29.83 -6.00 23.01
N LEU D 200 29.52 -4.77 23.42
CA LEU D 200 30.52 -3.72 23.32
C LEU D 200 31.68 -3.97 24.31
N VAL D 201 31.40 -4.56 25.47
CA VAL D 201 32.46 -4.99 26.37
C VAL D 201 33.35 -6.04 25.72
N LEU D 202 32.76 -7.15 25.29
CA LEU D 202 33.56 -8.23 24.73
C LEU D 202 34.32 -7.79 23.50
N LEU D 203 33.73 -6.88 22.71
CA LEU D 203 34.41 -6.34 21.55
C LEU D 203 35.53 -5.37 21.93
N THR D 204 35.49 -4.80 23.15
CA THR D 204 36.62 -4.01 23.63
C THR D 204 37.78 -4.90 24.02
N ALA D 205 37.51 -5.98 24.78
CA ALA D 205 38.55 -6.92 25.13
C ALA D 205 39.13 -7.61 23.91
N LEU D 206 38.33 -7.75 22.85
CA LEU D 206 38.84 -8.31 21.60
C LEU D 206 39.74 -7.34 20.84
N GLY D 207 39.83 -6.09 21.29
CA GLY D 207 40.56 -5.08 20.56
C GLY D 207 39.87 -4.55 19.31
N LYS D 208 38.67 -5.02 19.01
CA LYS D 208 37.91 -4.53 17.87
C LYS D 208 37.32 -3.15 18.13
N ARG D 209 37.42 -2.67 19.36
CA ARG D 209 36.85 -1.40 19.77
C ARG D 209 37.76 -0.83 20.85
N LYS D 210 37.90 0.48 20.87
CA LYS D 210 38.98 1.09 21.64
C LYS D 210 38.73 1.00 23.15
N PHE D 211 37.48 1.19 23.58
CA PHE D 211 37.14 1.27 24.99
C PHE D 211 35.62 1.21 25.12
N ILE D 212 35.16 0.90 26.32
CA ILE D 212 33.72 0.86 26.62
C ILE D 212 33.35 2.08 27.45
N SER D 213 32.33 2.80 27.01
CA SER D 213 31.84 3.99 27.70
C SER D 213 30.70 3.61 28.64
N ILE D 214 30.75 4.11 29.87
CA ILE D 214 29.69 3.91 30.84
C ILE D 214 28.83 5.16 30.85
N PHE D 215 27.53 5.01 30.53
CA PHE D 215 26.63 6.14 30.38
C PHE D 215 25.99 6.43 31.74
N GLY D 216 26.74 7.14 32.58
CA GLY D 216 26.23 7.55 33.88
C GLY D 216 26.79 6.79 35.07
N THR D 217 27.46 7.52 35.96
CA THR D 217 28.00 6.97 37.20
C THR D 217 27.36 7.65 38.41
N ASP D 218 26.11 8.09 38.28
CA ASP D 218 25.45 8.95 39.26
C ASP D 218 23.96 8.65 39.39
N TYR D 219 23.59 7.32 39.35
CA TYR D 219 22.22 6.83 39.49
C TYR D 219 21.95 6.35 40.92
N PRO D 220 20.70 6.41 41.39
CA PRO D 220 20.36 5.82 42.69
C PRO D 220 20.57 4.31 42.75
N THR D 221 21.81 3.87 42.58
CA THR D 221 22.22 2.48 42.56
C THR D 221 23.30 2.25 43.60
N PRO D 222 23.40 1.04 44.19
CA PRO D 222 24.60 0.67 44.94
C PRO D 222 25.89 1.26 44.40
N ASP D 223 26.22 1.04 43.12
CA ASP D 223 27.45 1.58 42.55
C ASP D 223 27.22 2.73 41.57
N GLY D 224 25.99 3.25 41.48
CA GLY D 224 25.72 4.42 40.67
C GLY D 224 25.60 4.19 39.17
N THR D 225 25.51 2.93 38.72
CA THR D 225 25.32 2.59 37.32
C THR D 225 24.03 1.79 37.17
N CYS D 226 23.50 1.74 35.95
CA CYS D 226 22.18 1.15 35.74
C CYS D 226 22.19 -0.35 36.03
N ILE D 227 21.11 -0.84 36.62
CA ILE D 227 20.95 -2.28 36.84
C ILE D 227 19.92 -2.83 35.86
N ARG D 228 20.29 -3.92 35.18
CA ARG D 228 19.46 -4.59 34.20
C ARG D 228 19.40 -6.08 34.49
N ASP D 229 18.27 -6.67 34.12
CA ASP D 229 18.01 -8.10 34.23
C ASP D 229 18.40 -8.76 32.91
N TYR D 230 19.48 -9.52 32.92
CA TYR D 230 19.95 -10.18 31.71
C TYR D 230 19.42 -11.62 31.68
N ILE D 231 18.71 -11.96 30.60
CA ILE D 231 18.27 -13.33 30.26
C ILE D 231 19.05 -13.86 29.08
N HIS D 232 19.50 -15.10 29.22
CA HIS D 232 20.12 -15.85 28.14
C HIS D 232 19.11 -16.16 27.03
N VAL D 233 19.55 -16.01 25.77
CA VAL D 233 18.68 -16.28 24.63
C VAL D 233 18.25 -17.73 24.55
N ASN D 234 19.04 -18.65 25.12
CA ASN D 234 18.62 -20.05 25.23
C ASN D 234 17.43 -20.16 26.19
N ASP D 235 17.42 -19.33 27.23
CA ASP D 235 16.30 -19.30 28.16
C ASP D 235 15.06 -18.66 27.53
N LEU D 236 15.24 -17.60 26.73
CA LEU D 236 14.12 -17.03 25.98
C LEU D 236 13.60 -18.01 24.93
N ALA D 237 14.51 -18.69 24.22
CA ALA D 237 14.06 -19.67 23.23
C ALA D 237 13.18 -20.74 23.87
N ASP D 238 13.57 -21.24 25.04
CA ASP D 238 12.77 -22.26 25.71
C ASP D 238 11.40 -21.73 26.10
N ALA D 239 11.33 -20.49 26.58
CA ALA D 239 10.04 -19.91 26.92
C ALA D 239 9.15 -19.78 25.70
N HIS D 240 9.74 -19.59 24.52
CA HIS D 240 8.91 -19.46 23.32
C HIS D 240 8.33 -20.81 22.92
N VAL D 241 9.11 -21.88 23.09
CA VAL D 241 8.60 -23.21 22.76
C VAL D 241 7.44 -23.58 23.69
N LEU D 242 7.53 -23.19 24.96
CA LEU D 242 6.45 -23.43 25.90
C LEU D 242 5.26 -22.52 25.60
N GLY D 243 5.54 -21.23 25.38
CA GLY D 243 4.48 -20.29 25.08
C GLY D 243 3.66 -20.75 23.90
N LEU D 244 4.32 -21.41 22.94
CA LEU D 244 3.68 -21.98 21.76
C LEU D 244 2.78 -23.15 22.15
N LYS D 245 3.39 -24.25 22.64
CA LYS D 245 2.66 -25.41 23.15
C LYS D 245 1.43 -25.01 23.96
N TYR D 246 1.61 -24.04 24.86
CA TYR D 246 0.49 -23.51 25.62
C TYR D 246 -0.64 -23.04 24.70
N LEU D 247 -0.30 -22.33 23.63
CA LEU D 247 -1.31 -21.76 22.75
C LEU D 247 -2.00 -22.85 21.91
N LEU D 248 -1.23 -23.85 21.45
CA LEU D 248 -1.82 -24.94 20.68
C LEU D 248 -2.79 -25.77 21.52
N LYS D 249 -2.49 -25.98 22.80
CA LYS D 249 -3.37 -26.70 23.71
C LYS D 249 -4.68 -25.97 23.97
N GLY D 250 -4.81 -24.74 23.49
CA GLY D 250 -6.03 -23.99 23.67
C GLY D 250 -5.93 -22.88 24.69
N GLY D 251 -4.73 -22.53 25.14
CA GLY D 251 -4.60 -21.53 26.18
C GLY D 251 -5.17 -20.20 25.75
N ASP D 252 -5.57 -19.40 26.74
CA ASP D 252 -6.07 -18.07 26.46
C ASP D 252 -4.92 -17.07 26.44
N SER D 253 -5.20 -15.88 25.91
CA SER D 253 -4.17 -14.86 25.72
C SER D 253 -3.51 -14.54 27.05
N GLU D 254 -2.18 -14.45 27.03
CA GLU D 254 -1.49 -14.23 28.28
C GLU D 254 -0.24 -13.38 28.03
N VAL D 255 0.18 -12.64 29.07
CA VAL D 255 1.40 -11.85 29.05
C VAL D 255 2.36 -12.37 30.11
N PHE D 256 3.66 -12.40 29.79
CA PHE D 256 4.70 -12.84 30.72
C PHE D 256 5.92 -11.92 30.65
N ASN D 257 6.40 -11.47 31.82
CA ASN D 257 7.77 -10.98 31.89
C ASN D 257 8.72 -12.14 31.66
N LEU D 258 9.81 -11.89 30.95
CA LEU D 258 10.85 -12.88 30.78
C LEU D 258 12.14 -12.32 31.39
N GLY D 259 12.42 -12.72 32.62
CA GLY D 259 13.56 -12.22 33.35
C GLY D 259 13.95 -13.18 34.45
N ASN D 260 15.21 -13.08 34.87
CA ASN D 260 15.73 -13.93 35.93
C ASN D 260 15.33 -13.48 37.32
N GLY D 261 14.84 -12.24 37.45
CA GLY D 261 14.63 -11.64 38.75
C GLY D 261 15.88 -11.06 39.38
N GLN D 262 17.06 -11.40 38.87
CA GLN D 262 18.33 -10.79 39.29
C GLN D 262 18.64 -9.62 38.37
N GLY D 263 19.26 -8.58 38.93
CA GLY D 263 19.82 -7.51 38.15
C GLY D 263 21.34 -7.54 38.26
N PHE D 264 21.98 -6.81 37.35
CA PHE D 264 23.42 -6.65 37.39
C PHE D 264 23.73 -5.25 36.93
N SER D 265 24.57 -4.55 37.68
CA SER D 265 24.93 -3.19 37.30
C SER D 265 25.87 -3.21 36.10
N VAL D 266 26.01 -2.06 35.46
CA VAL D 266 26.97 -1.91 34.37
C VAL D 266 28.37 -2.28 34.84
N ARG D 267 28.75 -1.87 36.06
CA ARG D 267 30.08 -2.20 36.55
C ARG D 267 30.21 -3.69 36.84
N GLU D 268 29.16 -4.33 37.36
CA GLU D 268 29.19 -5.78 37.54
C GLU D 268 29.31 -6.50 36.21
N VAL D 269 28.78 -5.91 35.13
CA VAL D 269 28.89 -6.52 33.80
C VAL D 269 30.30 -6.40 33.27
N ILE D 270 30.90 -5.21 33.37
CA ILE D 270 32.28 -5.04 32.94
C ILE D 270 33.21 -5.95 33.73
N ALA D 271 32.94 -6.10 35.04
CA ALA D 271 33.77 -6.96 35.89
C ALA D 271 33.69 -8.41 35.43
N ALA D 272 32.48 -8.91 35.17
CA ALA D 272 32.33 -10.25 34.61
C ALA D 272 33.06 -10.39 33.28
N GLY D 273 33.16 -9.30 32.52
CA GLY D 273 33.80 -9.34 31.22
C GLY D 273 35.31 -9.59 31.27
N GLU D 274 36.05 -8.66 31.88
CA GLU D 274 37.49 -8.86 32.05
C GLU D 274 37.80 -10.12 32.84
N GLN D 275 36.85 -10.60 33.64
CA GLN D 275 37.05 -11.84 34.40
C GLN D 275 36.96 -13.08 33.49
N VAL D 276 36.02 -13.11 32.54
CA VAL D 276 35.88 -14.33 31.74
C VAL D 276 36.89 -14.32 30.60
N THR D 277 37.32 -13.14 30.16
CA THR D 277 38.26 -13.05 29.05
C THR D 277 39.70 -13.29 29.51
N GLY D 278 40.05 -12.76 30.69
CA GLY D 278 41.43 -12.60 31.09
C GLY D 278 42.08 -11.33 30.58
N LEU D 279 41.45 -10.65 29.61
CA LEU D 279 42.02 -9.51 28.92
C LEU D 279 41.72 -8.21 29.66
N PRO D 280 42.42 -7.13 29.33
CA PRO D 280 42.12 -5.83 29.96
C PRO D 280 41.06 -5.06 29.18
N ILE D 281 40.23 -4.34 29.92
CA ILE D 281 39.12 -3.60 29.34
C ILE D 281 39.26 -2.14 29.75
N THR D 282 39.68 -1.30 28.80
CA THR D 282 39.71 0.15 29.03
C THR D 282 38.30 0.70 29.17
N VAL D 283 38.03 1.29 30.33
CA VAL D 283 36.73 1.83 30.71
C VAL D 283 36.83 3.36 30.72
N GLU D 284 35.88 4.01 30.06
CA GLU D 284 35.67 5.44 30.17
C GLU D 284 34.33 5.69 30.85
N GLU D 285 34.22 6.82 31.53
CA GLU D 285 32.99 7.20 32.21
C GLU D 285 32.46 8.45 31.52
N CYS D 286 31.47 8.27 30.63
CA CYS D 286 30.79 9.34 29.91
C CYS D 286 29.52 9.70 30.67
N ASP D 287 28.67 10.54 30.08
CA ASP D 287 27.50 10.87 30.90
C ASP D 287 26.32 10.01 30.46
N ARG D 288 25.20 10.17 31.15
CA ARG D 288 24.03 9.31 30.94
C ARG D 288 23.52 9.35 29.51
N ARG D 289 22.92 8.20 29.01
CA ARG D 289 22.07 8.43 27.85
C ARG D 289 20.70 8.88 28.32
N PRO D 290 20.07 9.78 27.59
CA PRO D 290 18.67 10.14 27.88
C PRO D 290 17.74 8.94 27.79
N GLY D 291 16.85 8.83 28.76
CA GLY D 291 15.77 7.85 28.73
C GLY D 291 16.04 6.54 29.43
N ASP D 292 17.10 6.44 30.23
CA ASP D 292 17.47 5.18 30.87
C ASP D 292 16.93 5.12 32.28
N PRO D 293 16.03 4.20 32.60
CA PRO D 293 15.64 4.00 33.99
C PRO D 293 16.83 3.54 34.81
N PRO D 294 16.84 3.86 36.11
CA PRO D 294 17.99 3.43 36.94
C PRO D 294 18.05 1.93 37.15
N SER D 295 16.90 1.29 37.43
CA SER D 295 16.85 -0.14 37.63
C SER D 295 15.63 -0.69 36.89
N LEU D 296 15.84 -1.81 36.19
CA LEU D 296 14.81 -2.51 35.44
C LEU D 296 15.03 -3.99 35.71
N ILE D 297 14.27 -4.55 36.65
CA ILE D 297 14.38 -5.98 36.91
C ILE D 297 12.96 -6.53 36.92
N GLY D 298 12.84 -7.80 36.52
CA GLY D 298 11.53 -8.36 36.30
C GLY D 298 11.22 -9.64 37.02
N SER D 299 10.04 -9.66 37.65
CA SER D 299 9.50 -10.87 38.25
C SER D 299 9.16 -11.87 37.14
N GLY D 300 9.92 -12.96 37.05
CA GLY D 300 9.61 -14.00 36.10
C GLY D 300 8.68 -15.04 36.68
N GLU D 301 8.00 -14.67 37.75
CA GLU D 301 7.20 -15.61 38.53
C GLU D 301 6.07 -16.21 37.71
N LYS D 302 5.28 -15.35 37.06
CA LYS D 302 4.12 -15.81 36.30
C LYS D 302 4.51 -16.86 35.27
N ALA D 303 5.70 -16.75 34.70
CA ALA D 303 6.13 -17.74 33.72
C ALA D 303 6.55 -19.06 34.36
N ARG D 304 7.01 -19.09 35.63
CA ARG D 304 7.36 -20.41 36.15
C ARG D 304 6.10 -21.15 36.53
N LYS D 305 5.14 -20.47 37.14
CA LYS D 305 3.86 -21.12 37.40
C LYS D 305 3.20 -21.61 36.11
N ILE D 306 2.91 -20.72 35.16
CA ILE D 306 1.92 -21.14 34.15
C ILE D 306 2.56 -21.93 33.00
N LEU D 307 3.80 -21.62 32.59
CA LEU D 307 4.47 -22.35 31.53
C LEU D 307 5.49 -23.34 32.05
N GLY D 308 5.79 -23.33 33.35
CA GLY D 308 6.86 -24.16 33.88
C GLY D 308 8.20 -23.76 33.31
N TRP D 309 8.40 -22.46 33.10
CA TRP D 309 9.64 -21.95 32.53
C TRP D 309 10.75 -22.01 33.57
N GLN D 310 11.86 -22.67 33.23
CA GLN D 310 13.00 -22.77 34.13
C GLN D 310 14.26 -22.25 33.45
N PRO D 311 14.63 -20.98 33.67
CA PRO D 311 15.88 -20.48 33.10
C PRO D 311 17.06 -21.34 33.56
N GLN D 312 17.93 -21.67 32.61
CA GLN D 312 19.02 -22.58 32.88
C GLN D 312 20.39 -21.91 32.88
N TYR D 313 20.48 -20.66 32.42
CA TYR D 313 21.74 -19.93 32.40
C TYR D 313 21.53 -18.55 33.02
N SER D 314 21.11 -18.56 34.28
CA SER D 314 20.76 -17.33 34.99
C SER D 314 21.98 -16.54 35.46
N SER D 315 23.13 -17.18 35.62
CA SER D 315 24.27 -16.49 36.21
C SER D 315 25.00 -15.64 35.18
N ILE D 316 25.53 -14.52 35.65
CA ILE D 316 26.19 -13.55 34.78
C ILE D 316 27.45 -14.11 34.12
N LYS D 317 28.07 -15.14 34.69
CA LYS D 317 29.29 -15.67 34.09
C LYS D 317 28.97 -16.60 32.92
N ASP D 318 27.94 -17.45 33.06
CA ASP D 318 27.49 -18.28 31.96
C ASP D 318 27.16 -17.43 30.73
N ILE D 319 26.42 -16.34 30.94
CA ILE D 319 25.96 -15.49 29.84
C ILE D 319 27.14 -14.89 29.10
N VAL D 320 28.03 -14.20 29.83
CA VAL D 320 29.17 -13.56 29.19
C VAL D 320 30.14 -14.60 28.65
N SER D 321 30.16 -15.80 29.24
CA SER D 321 31.05 -16.85 28.72
C SER D 321 30.62 -17.27 27.31
N HIS D 322 29.34 -17.64 27.15
CA HIS D 322 28.84 -18.05 25.84
C HIS D 322 28.96 -16.93 24.83
N ALA D 323 28.66 -15.70 25.24
CA ALA D 323 28.80 -14.58 24.32
C ALA D 323 30.26 -14.38 23.92
N TRP D 324 31.18 -14.59 24.87
CA TRP D 324 32.61 -14.51 24.58
C TRP D 324 33.01 -15.52 23.50
N GLN D 325 32.65 -16.79 23.71
CA GLN D 325 32.98 -17.82 22.73
C GLN D 325 32.49 -17.44 21.33
N TRP D 326 31.26 -16.91 21.23
CA TRP D 326 30.71 -16.54 19.93
C TRP D 326 31.47 -15.37 19.31
N HIS D 327 31.62 -14.27 20.05
CA HIS D 327 32.21 -13.06 19.48
C HIS D 327 33.65 -13.28 19.02
N GLN D 328 34.36 -14.25 19.59
CA GLN D 328 35.70 -14.54 19.10
C GLN D 328 35.68 -14.95 17.64
N LYS D 329 34.63 -15.66 17.23
CA LYS D 329 34.62 -16.29 15.92
C LYS D 329 33.86 -15.50 14.86
N ARG D 330 32.69 -14.97 15.18
CA ARG D 330 31.97 -14.15 14.20
C ARG D 330 32.74 -12.88 13.87
N HIS D 331 33.31 -12.25 14.89
CA HIS D 331 34.04 -11.00 14.72
C HIS D 331 35.53 -11.21 14.94
N GLN D 332 36.08 -12.25 14.30
CA GLN D 332 37.52 -12.54 14.30
C GLN D 332 38.29 -11.28 13.90
PA NAD E . -17.87 6.74 -15.13
O1A NAD E . -16.86 7.72 -14.57
O2A NAD E . -19.24 7.42 -15.28
O5B NAD E . -18.02 5.39 -14.17
C5B NAD E . -16.83 4.96 -13.53
C4B NAD E . -17.19 4.82 -12.03
O4B NAD E . -15.94 4.16 -11.38
C3B NAD E . -17.34 5.96 -11.46
O3B NAD E . -18.55 5.94 -10.63
C2B NAD E . -16.04 6.21 -10.49
O2B NAD E . -16.60 6.98 -9.38
C1B NAD E . -15.70 5.03 -10.13
N9A NAD E . -14.25 4.80 -9.91
C8A NAD E . -13.24 5.31 -10.62
N7A NAD E . -12.11 4.84 -10.11
C5A NAD E . -12.37 4.04 -9.08
C6A NAD E . -11.63 3.26 -8.18
N6A NAD E . -10.14 3.24 -8.25
N1A NAD E . -12.26 2.55 -7.27
C2A NAD E . -13.59 2.54 -7.18
N3A NAD E . -14.32 3.26 -8.01
C4A NAD E . -13.76 4.00 -8.96
O3 NAD E . -17.26 6.16 -16.55
PN NAD E . -18.17 5.37 -17.64
O1N NAD E . -18.48 6.39 -18.70
O2N NAD E . -19.44 4.82 -16.99
O5D NAD E . -17.29 4.06 -18.26
C5D NAD E . -17.18 2.91 -17.33
C4D NAD E . -16.06 2.06 -17.85
O4D NAD E . -16.30 1.88 -19.41
C3D NAD E . -14.88 2.68 -17.75
O3D NAD E . -13.88 1.72 -17.43
C2D NAD E . -14.52 3.32 -19.18
O2D NAD E . -13.12 3.39 -19.28
C1D NAD E . -15.03 2.39 -20.07
N1N NAD E . -15.51 2.91 -21.32
C2N NAD E . -16.15 4.26 -21.30
C3N NAD E . -17.08 4.37 -22.55
C7N NAD E . -17.81 5.70 -22.64
O7N NAD E . -18.02 6.14 -23.71
N7N NAD E . -18.29 6.41 -21.42
C4N NAD E . -16.26 4.16 -23.80
C5N NAD E . -15.35 2.92 -23.78
C6N NAD E . -14.74 2.54 -22.48
N1 UPG F . -16.50 15.96 -30.44
C2 UPG F . -16.70 17.24 -30.81
N3 UPG F . -17.02 18.18 -29.92
C4 UPG F . -17.15 17.90 -28.63
C5 UPG F . -16.97 16.59 -28.20
C6 UPG F . -16.63 15.62 -29.16
O2 UPG F . -16.61 17.58 -31.94
O4 UPG F . -17.48 18.93 -27.72
C1C UPG F . -16.21 15.02 -31.36
C2C UPG F . -14.85 14.25 -31.09
O2C UPG F . -13.67 14.98 -31.72
C3C UPG F . -15.05 13.08 -31.50
C4C UPG F . -16.67 12.77 -31.37
O4C UPG F . -17.25 13.91 -31.30
O3C UPG F . -14.79 12.93 -32.94
C5C UPG F . -16.96 11.96 -30.11
O5C UPG F . -16.13 12.53 -29.11
PA UPG F . -16.31 12.11 -27.50
O1A UPG F . -15.43 13.00 -26.66
O2A UPG F . -17.78 12.20 -27.10
O3A UPG F . -15.91 10.52 -27.38
PB UPG F . -14.58 9.79 -28.05
O1B UPG F . -14.88 9.25 -29.41
O2B UPG F . -13.40 10.72 -28.19
O3B UPG F . -14.23 8.54 -27.00
C1' UPG F . -15.23 7.94 -26.19
C2' UPG F . -14.79 7.85 -24.76
C3' UPG F . -13.55 7.07 -24.50
C4' UPG F . -13.15 6.01 -25.49
C5' UPG F . -14.03 5.88 -26.77
C6' UPG F . -14.22 4.51 -27.04
O2' UPG F . -14.66 9.24 -24.25
O3' UPG F . -13.68 6.38 -23.16
O4' UPG F . -11.79 6.23 -25.95
O5' UPG F . -15.42 6.56 -26.65
O6' UPG F . -14.39 4.42 -28.43
PA NAD G . 19.67 -10.47 -10.43
O1A NAD G . 18.53 -11.20 -9.76
O2A NAD G . 21.08 -11.06 -10.23
O5B NAD G . 19.71 -8.92 -9.84
C5B NAD G . 18.46 -8.30 -9.70
C4B NAD G . 18.64 -7.71 -8.26
O4B NAD G . 17.37 -6.89 -7.95
C3B NAD G . 18.68 -8.68 -7.43
O3B NAD G . 19.80 -8.53 -6.50
C2B NAD G . 17.32 -8.59 -6.52
O2B NAD G . 17.72 -9.00 -5.19
C1B NAD G . 17.00 -7.33 -6.55
N9A NAD G . 15.56 -7.10 -6.56
C8A NAD G . 14.65 -7.79 -7.26
N7A NAD G . 13.49 -7.22 -7.04
C5A NAD G . 13.65 -6.17 -6.22
C6A NAD G . 12.81 -5.23 -5.65
N6A NAD G . 11.36 -5.26 -5.88
N1A NAD G . 13.34 -4.32 -4.86
C2A NAD G . 14.63 -4.27 -4.62
N3A NAD G . 15.45 -5.14 -5.15
C4A NAD G . 14.99 -6.09 -5.93
O3 NAD G . 19.26 -10.28 -12.02
PN NAD G . 20.28 -9.75 -13.19
O1N NAD G . 20.68 -10.97 -13.99
O2N NAD G . 21.55 -9.07 -12.67
O5D NAD G . 19.42 -8.69 -14.21
C5D NAD G . 19.23 -7.31 -13.73
C4D NAD G . 18.14 -6.77 -14.60
O4D NAD G . 18.59 -7.03 -16.10
C3D NAD G . 16.95 -7.36 -14.44
O3D NAD G . 16.00 -6.33 -14.60
C2D NAD G . 16.82 -8.39 -15.68
O2D NAD G . 15.44 -8.58 -15.94
C1D NAD G . 17.42 -7.74 -16.73
N1N NAD G . 17.98 -8.60 -17.75
C2N NAD G . 18.57 -9.92 -17.32
C3N NAD G . 19.65 -10.29 -18.37
C7N NAD G . 20.37 -11.59 -18.02
O7N NAD G . 20.67 -12.35 -18.87
N7N NAD G . 20.75 -11.83 -16.60
C4N NAD G . 19.00 -10.40 -19.73
C5N NAD G . 18.08 -9.23 -20.13
C6N NAD G . 17.35 -8.56 -19.04
N1 UPG H . 20.01 -23.79 -22.69
C2 UPG H . 20.24 -25.11 -22.63
N3 UPG H . 20.40 -25.76 -21.48
C4 UPG H . 20.35 -25.10 -20.33
C5 UPG H . 20.11 -23.72 -20.32
C6 UPG H . 19.95 -23.08 -21.54
O2 UPG H . 20.30 -25.78 -23.60
O4 UPG H . 20.52 -25.83 -19.12
C1C UPG H . 19.87 -23.12 -23.87
C2C UPG H . 18.51 -22.33 -24.00
O2C UPG H . 17.47 -23.19 -24.66
C3C UPG H . 18.79 -21.33 -24.69
C4C UPG H . 20.37 -20.96 -24.39
O4C UPG H . 20.91 -22.03 -23.91
O3C UPG H . 18.81 -21.70 -26.11
C5C UPG H . 20.48 -19.79 -23.43
O5C UPG H . 19.50 -20.05 -22.46
PA UPG H . 19.42 -19.20 -21.04
O1A UPG H . 18.38 -19.83 -20.15
O2A UPG H . 20.80 -19.18 -20.42
O3A UPG H . 19.05 -17.64 -21.41
PB UPG H . 17.84 -17.21 -22.44
O1B UPG H . 18.46 -17.18 -23.80
O2B UPG H . 16.70 -18.20 -22.45
O3B UPG H . 17.36 -15.72 -21.85
C1' UPG H . 18.31 -14.87 -21.19
C2' UPG H . 17.88 -14.22 -19.89
C3' UPG H . 16.64 -13.40 -20.01
C4' UPG H . 16.68 -12.48 -21.19
C5' UPG H . 17.35 -13.02 -22.48
C6' UPG H . 17.75 -11.91 -23.25
O2' UPG H . 17.72 -15.27 -18.86
O3' UPG H . 16.33 -12.52 -18.81
O4' UPG H . 15.36 -12.06 -21.51
O5' UPG H . 18.63 -13.80 -22.15
O6' UPG H . 17.98 -12.41 -24.54
PA NAD I . -18.33 12.19 9.98
O1A NAD I . -18.34 10.76 9.56
O2A NAD I . -19.64 12.96 9.73
O5B NAD I . -17.07 13.05 9.30
C5B NAD I . -15.92 12.27 8.97
C4B NAD I . -15.71 12.57 7.45
O4B NAD I . -14.31 12.05 7.04
C3B NAD I . -16.58 11.98 6.72
O3B NAD I . -17.06 12.93 5.71
C2B NAD I . -15.83 10.72 5.96
O2B NAD I . -16.43 10.64 4.63
C1B NAD I . -14.60 11.10 5.87
N9A NAD I . -13.60 10.01 6.01
C8A NAD I . -13.61 8.95 6.81
N7A NAD I . -12.48 8.27 6.59
C5A NAD I . -11.75 8.91 5.66
C6A NAD I . -10.51 8.72 5.01
N6A NAD I . -9.67 7.55 5.34
N1A NAD I . -10.11 9.60 4.11
C2A NAD I . -10.82 10.68 3.78
N3A NAD I . -11.98 10.89 4.38
C4A NAD I . -12.47 10.04 5.30
O3 NAD I . -18.00 12.13 11.62
PN NAD I . -18.01 13.47 12.60
O1N NAD I . -19.18 13.25 13.56
O2N NAD I . -18.11 14.80 11.86
O5D NAD I . -16.57 13.40 13.52
C5D NAD I . -15.37 14.00 12.88
C4D NAD I . -14.18 13.69 13.75
O4D NAD I . -14.50 14.12 15.25
C3D NAD I . -13.94 12.39 13.80
O3D NAD I . -12.54 12.21 13.87
C2D NAD I . -14.59 11.85 15.16
O2D NAD I . -13.92 10.63 15.48
C1D NAD I . -14.39 12.87 16.07
N1N NAD I . -15.37 13.01 17.14
C2N NAD I . -16.82 12.79 16.80
C3N NAD I . -17.66 13.61 17.82
C7N NAD I . -19.15 13.37 17.62
O7N NAD I . -19.80 13.25 18.58
N7N NAD I . -19.77 13.31 16.27
C4N NAD I . -17.30 13.12 19.19
C5N NAD I . -15.82 13.18 19.52
C6N NAD I . -14.95 12.64 18.46
N1 UPG J . -27.95 6.38 23.75
C2 UPG J . -29.08 5.67 23.90
N3 UPG J . -29.75 5.21 22.85
C4 UPG J . -29.33 5.45 21.61
C5 UPG J . -28.17 6.18 21.41
C6 UPG J . -27.49 6.65 22.53
O2 UPG J . -29.50 5.44 24.98
O4 UPG J . -30.05 4.96 20.49
C1C UPG J . -27.28 6.87 24.82
C2C UPG J . -25.81 6.25 24.93
O2C UPG J . -25.84 5.09 25.89
C3C UPG J . -25.09 7.18 25.36
C4C UPG J . -25.81 8.61 24.97
O4C UPG J . -27.02 8.35 24.62
O3C UPG J . -25.04 7.13 26.83
C5C UPG J . -25.06 9.28 23.82
O5C UPG J . -24.76 8.22 22.96
PA UPG J . -24.25 8.53 21.41
O1A UPG J . -24.26 7.21 20.67
O2A UPG J . -25.02 9.63 20.73
O3A UPG J . -22.70 9.08 21.53
PB UPG J . -21.57 8.44 22.58
O1B UPG J . -21.69 9.16 23.89
O2B UPG J . -21.73 6.97 22.83
O3B UPG J . -20.22 8.80 21.69
C1' UPG J . -20.31 9.97 20.90
C2' UPG J . -19.54 9.89 19.64
C3' UPG J . -18.14 9.53 19.86
C4' UPG J . -17.49 10.18 21.06
C5' UPG J . -18.44 10.41 22.26
C6' UPG J . -17.92 11.25 23.28
O2' UPG J . -20.14 8.91 18.70
O3' UPG J . -17.42 9.88 18.61
O4' UPG J . -16.48 9.31 21.56
O5' UPG J . -19.69 11.04 21.68
O6' UPG J . -18.63 10.90 24.44
PA NAD K . 17.25 -8.18 15.54
O1A NAD K . 17.40 -6.88 14.83
O2A NAD K . 18.57 -8.94 15.72
O5B NAD K . 16.13 -9.22 14.84
C5B NAD K . 15.04 -8.59 14.17
C4B NAD K . 15.08 -9.27 12.75
O4B NAD K . 13.76 -8.85 12.07
C3B NAD K . 16.05 -8.84 12.03
O3B NAD K . 16.71 -9.94 11.35
C2B NAD K . 15.38 -7.87 10.86
O2B NAD K . 16.18 -8.13 9.67
C1B NAD K . 14.15 -8.29 10.69
N9A NAD K . 13.17 -7.21 10.44
C8A NAD K . 13.21 -6.02 11.00
N7A NAD K . 12.19 -5.29 10.57
C5A NAD K . 11.44 -6.02 9.73
C6A NAD K . 10.26 -5.76 8.98
N6A NAD K . 9.56 -4.42 9.03
N1A NAD K . 9.81 -6.74 8.23
C2A NAD K . 10.43 -7.94 8.17
N3A NAD K . 11.55 -8.21 8.85
C4A NAD K . 12.07 -7.27 9.64
O3 NAD K . 16.59 -7.78 17.00
PN NAD K . 16.56 -8.78 18.31
O1N NAD K . 17.76 -8.33 19.14
O2N NAD K . 16.58 -10.25 17.95
O5D NAD K . 15.08 -8.46 19.03
C5D NAD K . 13.95 -9.20 18.38
C4D NAD K . 12.66 -8.66 18.93
O4D NAD K . 12.68 -8.69 20.53
C3D NAD K . 12.50 -7.38 18.59
O3D NAD K . 11.12 -7.19 18.33
C2D NAD K . 12.95 -6.50 19.88
O2D NAD K . 12.31 -5.24 19.77
C1D NAD K . 12.53 -7.25 20.98
N1N NAD K . 13.32 -7.15 22.20
C2N NAD K . 14.80 -7.00 22.04
C3N NAD K . 15.48 -7.40 23.40
C7N NAD K . 17.01 -7.36 23.29
O7N NAD K . 17.67 -7.18 24.25
N7N NAD K . 17.69 -7.59 21.99
C4N NAD K . 14.94 -6.49 24.48
C5N NAD K . 13.42 -6.50 24.56
C6N NAD K . 12.73 -6.36 23.26
N1 UPG L . 25.29 0.95 28.56
C2 UPG L . 26.50 1.51 28.74
N3 UPG L . 27.40 1.56 27.77
C4 UPG L . 27.13 1.04 26.58
C5 UPG L . 25.90 0.44 26.34
C6 UPG L . 24.96 0.41 27.39
O2 UPG L . 26.78 1.98 29.79
O4 UPG L . 28.10 1.11 25.55
C1C UPG L . 24.42 0.91 29.59
C2C UPG L . 23.01 1.53 29.22
O2C UPG L . 22.94 3.01 29.55
C3C UPG L . 22.18 0.87 29.88
C4C UPG L . 22.86 -0.62 30.20
O4C UPG L . 24.12 -0.53 30.00
O3C UPG L . 21.89 1.53 31.16
C5C UPG L . 22.26 -1.67 29.26
O5C UPG L . 22.00 -0.96 28.06
PA UPG L . 21.83 -1.67 26.56
O1A UPG L . 22.16 -0.69 25.47
O2A UPG L . 22.63 -2.94 26.42
O3A UPG L . 20.23 -2.08 26.47
PB UPG L . 18.97 -1.30 27.23
O1B UPG L . 18.76 -1.82 28.63
O2B UPG L . 19.09 0.20 27.14
O3B UPG L . 17.68 -1.79 26.32
C1' UPG L . 17.68 -3.16 25.95
C2' UPG L . 17.29 -3.31 24.52
C3' UPG L . 15.99 -2.69 24.22
C4' UPG L . 14.93 -2.88 25.27
C5' UPG L . 15.47 -2.81 26.73
C6' UPG L . 14.51 -3.19 27.69
O2' UPG L . 18.37 -2.76 23.65
O3' UPG L . 15.50 -3.18 22.89
O4' UPG L . 14.00 -1.79 25.19
O5' UPG L . 16.67 -3.75 26.82
O6' UPG L . 15.15 -3.10 28.94
#